data_3B9T
#
_entry.id   3B9T
#
_cell.length_a   62.165
_cell.length_b   82.723
_cell.length_c   83.576
_cell.angle_alpha   107.820
_cell.angle_beta   105.810
_cell.angle_gamma   95.180
#
_symmetry.space_group_name_H-M   'P 1'
#
loop_
_entity.id
_entity.type
_entity.pdbx_description
1 polymer 'Twin-arginine translocation pathway signal protein'
2 non-polymer 'MAGNESIUM ION'
3 non-polymer 'CHLORIDE ION'
4 non-polymer 1,2-ETHANEDIOL
5 water water
#
_entity_poly.entity_id   1
_entity_poly.type   'polypeptide(L)'
_entity_poly.pdbx_seq_one_letter_code
;G(MSE)SDHVCQEGCRHHSHGEDSPEIQQEFQEGRRDF(MSE)RDFAVGGVLASAASLGISSSAFGQT(MSE)PKTGLTS
GHATHYYIPASDKTVSWGFFSKSLKPVVELESGDFATIETLTHHSNDDASL(MSE)VKGDPGAESVFYWDSKRKNVDRRG
(MSE)GP(MSE)DHKLGAGGG(MSE)GVHILTGPVAIKGAEPGDVLEVRIVDVALRPSANPEFKGKTFGSNVAANWGFHY
NELIEEPKKREVVTIYELDATGERNWARAFYNYRWTPQKDPFGVVHPIVDYPGVPVDHSTISKNYNVLKNIRVPVRPHFG
T(MSE)GLAPKEADLVNSVPPSHFGGNIDNWRIGKGAT(MSE)YYPVSVAGGLFSVGDPHASQGDSE(MSE)CGTAIECS
LTGTFQFILHKKADLPGTPLADLQYPLLETQDEWVLHGFSYANYLAELGPDAQNSIFSKSSLDLALKDAFRK(MSE)RHF
L(MSE)QTQNLTEDEAVSL(MSE)SIGVDFGITQVVDGNWGVHAVVKKGIFPGRDV
;
_entity_poly.pdbx_strand_id   A,B,C,D
#
loop_
_chem_comp.id
_chem_comp.type
_chem_comp.name
_chem_comp.formula
CL non-polymer 'CHLORIDE ION' 'Cl -1'
EDO non-polymer 1,2-ETHANEDIOL 'C2 H6 O2'
MG non-polymer 'MAGNESIUM ION' 'Mg 2'
#
# COMPACT_ATOMS: atom_id res chain seq x y z
N GLY A 65 -25.73 26.36 17.44
CA GLY A 65 -27.20 26.46 17.10
C GLY A 65 -27.62 25.42 16.07
N LEU A 66 -28.93 25.32 15.83
CA LEU A 66 -29.45 24.36 14.84
C LEU A 66 -29.87 25.02 13.51
N THR A 67 -29.84 26.36 13.44
CA THR A 67 -30.20 27.06 12.20
C THR A 67 -29.08 27.01 11.15
N SER A 68 -29.41 26.76 9.90
CA SER A 68 -28.45 26.78 8.83
C SER A 68 -28.00 28.20 8.52
N GLY A 69 -26.81 28.32 7.96
CA GLY A 69 -26.31 29.63 7.58
C GLY A 69 -24.93 29.50 6.96
N HIS A 70 -24.28 30.63 6.77
CA HIS A 70 -22.98 30.64 6.08
C HIS A 70 -21.84 30.47 7.05
N ALA A 71 -20.84 29.69 6.65
CA ALA A 71 -19.58 29.56 7.37
C ALA A 71 -18.63 30.58 6.75
N THR A 72 -17.52 30.88 7.42
CA THR A 72 -16.53 31.79 6.86
C THR A 72 -15.48 31.04 6.09
N HIS A 73 -15.37 31.40 4.82
CA HIS A 73 -14.41 30.76 3.93
C HIS A 73 -13.81 31.85 3.07
N TYR A 74 -12.57 32.24 3.35
CA TYR A 74 -11.89 33.25 2.56
C TYR A 74 -11.31 32.69 1.25
N TYR A 75 -11.23 33.55 0.24
CA TYR A 75 -10.53 33.21 -0.99
C TYR A 75 -9.42 34.21 -1.18
N ILE A 76 -8.17 33.72 -1.21
CA ILE A 76 -7.01 34.58 -1.38
C ILE A 76 -6.37 34.23 -2.71
N PRO A 77 -6.59 35.07 -3.71
CA PRO A 77 -5.95 34.87 -5.00
C PRO A 77 -4.48 35.26 -4.88
N ALA A 78 -3.66 34.72 -5.77
CA ALA A 78 -2.24 35.05 -5.82
C ALA A 78 -2.07 36.32 -6.68
N SER A 79 -1.43 37.35 -6.11
CA SER A 79 -1.19 38.61 -6.80
C SER A 79 -0.09 39.38 -6.06
N ASP A 80 0.36 40.51 -6.63
CA ASP A 80 1.34 41.36 -5.95
C ASP A 80 0.79 41.94 -4.63
N LYS A 81 -0.53 41.87 -4.46
CA LYS A 81 -1.17 42.38 -3.25
C LYS A 81 -1.27 41.36 -2.12
N THR A 82 -1.08 40.08 -2.42
CA THR A 82 -1.35 39.03 -1.45
C THR A 82 -0.17 38.10 -1.14
N VAL A 83 1.00 38.41 -1.73
CA VAL A 83 2.22 37.64 -1.50
C VAL A 83 3.38 38.43 -0.95
N SER A 84 4.28 37.70 -0.29
CA SER A 84 5.60 38.24 0.04
C SER A 84 6.60 37.25 -0.53
N TRP A 85 7.72 37.76 -1.02
CA TRP A 85 8.62 36.91 -1.79
C TRP A 85 9.91 36.74 -1.01
N GLY A 86 10.11 35.51 -0.52
CA GLY A 86 11.39 35.09 0.03
C GLY A 86 11.60 35.30 1.53
N PHE A 87 10.55 35.59 2.28
CA PHE A 87 10.72 35.84 3.71
C PHE A 87 9.44 35.67 4.51
N PHE A 88 9.61 35.25 5.76
CA PHE A 88 8.59 35.37 6.77
C PHE A 88 8.87 36.66 7.58
N SER A 89 7.82 37.29 8.11
CA SER A 89 7.97 38.46 8.97
C SER A 89 6.77 38.63 9.87
N LYS A 90 7.01 38.57 11.16
CA LYS A 90 6.00 38.86 12.16
C LYS A 90 5.42 40.29 12.07
N SER A 91 6.12 41.21 11.40
CA SER A 91 5.64 42.61 11.29
CA SER A 91 5.62 42.60 11.30
C SER A 91 4.73 42.86 10.07
N LEU A 92 4.58 41.86 9.20
CA LEU A 92 3.76 41.99 7.99
C LEU A 92 2.30 42.00 8.38
N LYS A 93 1.56 42.92 7.78
CA LYS A 93 0.14 43.03 8.02
C LYS A 93 -0.56 41.82 7.43
N PRO A 94 -1.46 41.18 8.18
CA PRO A 94 -2.20 40.09 7.57
C PRO A 94 -3.09 40.51 6.41
N VAL A 95 -3.21 39.62 5.44
CA VAL A 95 -4.09 39.78 4.29
C VAL A 95 -5.51 39.48 4.73
N VAL A 96 -5.68 38.50 5.60
CA VAL A 96 -7.00 38.20 6.17
C VAL A 96 -6.83 37.85 7.64
N GLU A 97 -7.87 38.12 8.43
CA GLU A 97 -7.96 37.61 9.80
C GLU A 97 -9.17 36.72 9.87
N LEU A 98 -8.98 35.51 10.35
CA LEU A 98 -10.08 34.56 10.47
C LEU A 98 -10.08 33.95 11.87
N GLU A 99 -11.11 33.15 12.12
CA GLU A 99 -11.34 32.55 13.40
C GLU A 99 -11.15 31.04 13.32
N SER A 100 -10.90 30.44 14.47
CA SER A 100 -10.74 29.00 14.55
C SER A 100 -11.98 28.33 14.01
N GLY A 101 -11.74 27.31 13.19
CA GLY A 101 -12.77 26.60 12.45
C GLY A 101 -13.03 27.13 11.05
N ASP A 102 -12.53 28.32 10.74
CA ASP A 102 -12.78 28.90 9.42
C ASP A 102 -11.90 28.27 8.32
N PHE A 103 -12.34 28.44 7.07
CA PHE A 103 -11.62 27.96 5.88
C PHE A 103 -10.99 29.10 5.08
N ALA A 104 -9.98 28.74 4.29
CA ALA A 104 -9.52 29.63 3.23
C ALA A 104 -9.09 28.79 2.04
N THR A 105 -9.50 29.19 0.85
CA THR A 105 -8.89 28.70 -0.37
C THR A 105 -7.79 29.70 -0.71
N ILE A 106 -6.57 29.22 -0.87
CA ILE A 106 -5.41 30.06 -1.07
C ILE A 106 -4.63 29.62 -2.31
N GLU A 107 -4.53 30.52 -3.28
CA GLU A 107 -3.70 30.32 -4.46
C GLU A 107 -2.24 30.52 -4.11
N THR A 108 -1.39 29.64 -4.65
CA THR A 108 0.05 29.79 -4.53
C THR A 108 0.70 29.71 -5.90
N LEU A 109 1.84 30.36 -6.04
CA LEU A 109 2.57 30.43 -7.29
C LEU A 109 3.97 29.89 -7.12
N THR A 110 4.45 29.14 -8.11
CA THR A 110 5.85 28.76 -8.09
C THR A 110 6.72 29.95 -8.51
N HIS A 111 7.79 30.16 -7.75
CA HIS A 111 8.83 31.13 -8.04
C HIS A 111 9.69 30.77 -9.27
N HIS A 112 9.47 29.59 -9.86
CA HIS A 112 10.15 29.19 -11.07
C HIS A 112 9.32 29.43 -12.34
N SER A 113 8.21 30.15 -12.24
CA SER A 113 7.33 30.35 -13.40
C SER A 113 8.01 31.04 -14.57
N ASN A 114 9.00 31.89 -14.29
CA ASN A 114 9.73 32.59 -15.34
C ASN A 114 10.84 31.73 -15.96
N ASP A 115 10.91 30.45 -15.61
CA ASP A 115 11.77 29.53 -16.35
C ASP A 115 11.18 29.23 -17.72
N ASP A 116 9.85 29.34 -17.83
CA ASP A 116 9.17 29.40 -19.13
C ASP A 116 7.88 30.20 -18.95
N ALA A 117 8.00 31.50 -19.15
CA ALA A 117 6.88 32.44 -18.99
C ALA A 117 5.72 32.08 -19.94
N SER A 118 6.02 31.49 -21.09
CA SER A 118 4.98 31.18 -22.08
C SER A 118 4.03 30.13 -21.54
N LEU A 119 4.54 29.27 -20.68
CA LEU A 119 3.77 28.18 -20.10
C LEU A 119 3.19 28.44 -18.71
N MSE A 120 3.86 29.27 -17.93
CA MSE A 120 3.55 29.42 -16.50
C MSE A 120 3.25 30.88 -16.08
O MSE A 120 2.93 31.13 -14.91
CB MSE A 120 4.71 28.85 -15.66
CG MSE A 120 4.86 27.32 -15.74
SE MSE A 120 6.42 26.69 -14.76
CE MSE A 120 7.80 27.20 -16.00
N VAL A 121 3.33 31.85 -17.01
CA VAL A 121 3.02 33.23 -16.65
C VAL A 121 2.05 33.91 -17.64
N LYS A 122 2.40 33.89 -18.91
CA LYS A 122 1.69 34.71 -19.90
C LYS A 122 0.21 34.32 -19.98
N GLY A 123 -0.67 35.32 -19.83
CA GLY A 123 -2.11 35.11 -19.90
C GLY A 123 -2.73 34.77 -18.54
N ASP A 124 -1.88 34.63 -17.52
CA ASP A 124 -2.34 34.31 -16.17
C ASP A 124 -2.24 35.60 -15.38
N PRO A 125 -3.39 36.27 -15.11
CA PRO A 125 -3.30 37.60 -14.50
C PRO A 125 -2.59 37.64 -13.15
N GLY A 126 -2.79 36.61 -12.33
CA GLY A 126 -2.15 36.58 -11.03
C GLY A 126 -0.63 36.46 -11.15
N ALA A 127 -0.21 35.55 -12.02
CA ALA A 127 1.19 35.29 -12.24
C ALA A 127 1.85 36.52 -12.85
N GLU A 128 1.17 37.11 -13.81
CA GLU A 128 1.65 38.34 -14.44
C GLU A 128 1.82 39.46 -13.41
N SER A 129 0.92 39.54 -12.44
CA SER A 129 0.98 40.56 -11.39
CA SER A 129 1.03 40.63 -11.46
C SER A 129 2.23 40.41 -10.54
N VAL A 130 2.57 39.17 -10.25
CA VAL A 130 3.69 38.90 -9.34
C VAL A 130 5.02 39.00 -10.09
N PHE A 131 5.04 38.58 -11.34
CA PHE A 131 6.32 38.46 -12.05
C PHE A 131 6.71 39.70 -12.83
N TYR A 132 5.82 40.67 -12.90
CA TYR A 132 6.09 41.85 -13.73
C TYR A 132 7.44 42.48 -13.39
N TRP A 133 8.27 42.68 -14.43
CA TRP A 133 9.58 43.26 -14.28
C TRP A 133 9.94 43.90 -15.60
N ASP A 134 9.99 45.23 -15.65
CA ASP A 134 10.48 45.93 -16.84
C ASP A 134 11.66 46.81 -16.44
N SER A 135 12.15 47.63 -17.36
CA SER A 135 13.38 48.38 -17.14
C SER A 135 13.24 49.36 -15.98
N LYS A 136 12.01 49.71 -15.64
CA LYS A 136 11.74 50.75 -14.66
C LYS A 136 11.22 50.22 -13.34
N ARG A 137 10.35 49.20 -13.33
CA ARG A 137 9.91 48.66 -12.05
CA ARG A 137 9.91 48.66 -12.04
C ARG A 137 9.53 47.19 -12.07
N LYS A 138 9.50 46.62 -10.87
CA LYS A 138 9.08 45.25 -10.58
C LYS A 138 7.89 45.40 -9.69
N ASN A 139 6.83 44.61 -9.92
CA ASN A 139 5.68 44.66 -9.03
C ASN A 139 6.00 44.15 -7.63
N VAL A 140 6.86 43.13 -7.56
CA VAL A 140 7.29 42.59 -6.27
C VAL A 140 8.82 42.71 -6.28
N ASP A 141 9.32 43.74 -5.62
CA ASP A 141 10.74 44.08 -5.67
C ASP A 141 11.57 43.25 -4.68
N ARG A 142 11.20 43.28 -3.41
CA ARG A 142 11.93 42.48 -2.42
C ARG A 142 11.72 41.02 -2.73
N ARG A 143 12.82 40.29 -2.81
CA ARG A 143 12.82 38.86 -2.91
C ARG A 143 13.92 38.32 -2.02
N GLY A 144 13.52 37.88 -0.82
CA GLY A 144 14.48 37.52 0.22
C GLY A 144 14.51 38.53 1.36
N MSE A 145 15.25 38.18 2.41
CA MSE A 145 15.27 38.94 3.63
C MSE A 145 16.37 39.99 3.63
O MSE A 145 16.49 40.75 4.58
CB MSE A 145 15.42 37.99 4.85
CG MSE A 145 16.63 37.07 4.88
SE MSE A 145 18.34 37.89 5.08
CE MSE A 145 18.03 38.67 6.81
N GLY A 146 17.16 40.05 2.55
CA GLY A 146 18.35 40.87 2.50
C GLY A 146 18.13 42.34 2.21
N PRO A 147 19.22 43.08 2.07
CA PRO A 147 19.10 44.51 1.78
C PRO A 147 18.33 44.82 0.49
N MSE A 148 17.55 45.91 0.52
CA MSE A 148 16.88 46.40 -0.68
C MSE A 148 17.88 46.84 -1.76
O MSE A 148 17.51 46.90 -2.94
CB MSE A 148 15.97 47.60 -0.36
CG MSE A 148 14.80 47.27 0.55
SE MSE A 148 13.61 45.88 -0.16
CE MSE A 148 12.92 46.77 -1.76
N ASP A 149 19.12 47.13 -1.36
CA ASP A 149 20.17 47.58 -2.27
C ASP A 149 21.23 46.51 -2.49
N HIS A 150 20.90 45.24 -2.22
CA HIS A 150 21.81 44.15 -2.53
C HIS A 150 22.15 44.16 -4.04
N LYS A 151 23.40 43.83 -4.35
CA LYS A 151 23.86 43.84 -5.75
C LYS A 151 23.05 42.95 -6.71
N LEU A 152 22.50 41.84 -6.20
CA LEU A 152 21.72 40.94 -7.04
C LEU A 152 20.30 41.45 -7.37
N GLY A 153 19.80 42.35 -6.53
CA GLY A 153 18.43 42.82 -6.57
C GLY A 153 17.91 42.83 -5.15
N ALA A 154 16.85 43.61 -4.92
CA ALA A 154 16.28 43.79 -3.57
C ALA A 154 16.03 42.46 -2.88
N GLY A 155 16.49 42.35 -1.63
CA GLY A 155 16.28 41.13 -0.85
C GLY A 155 17.42 40.14 -0.98
N GLY A 156 18.23 40.32 -2.02
CA GLY A 156 19.43 39.52 -2.25
C GLY A 156 19.16 38.08 -2.67
N GLY A 157 17.90 37.73 -2.87
CA GLY A 157 17.56 36.34 -3.09
C GLY A 157 17.83 35.51 -1.87
N MSE A 158 17.89 36.15 -0.70
CA MSE A 158 18.16 35.45 0.54
C MSE A 158 16.81 34.94 1.03
O MSE A 158 16.22 35.49 1.94
CB MSE A 158 18.86 36.38 1.54
CG MSE A 158 20.29 36.63 1.14
SE MSE A 158 21.04 38.21 1.99
CE MSE A 158 22.68 38.37 0.92
N GLY A 159 16.33 33.88 0.37
CA GLY A 159 14.94 33.45 0.41
C GLY A 159 14.34 33.63 -0.97
N VAL A 160 13.59 32.63 -1.45
CA VAL A 160 13.20 32.60 -2.87
C VAL A 160 11.74 32.30 -3.17
N HIS A 161 10.97 31.97 -2.14
CA HIS A 161 9.65 31.43 -2.30
C HIS A 161 8.58 32.49 -2.25
N ILE A 162 7.58 32.36 -3.11
CA ILE A 162 6.47 33.29 -3.11
C ILE A 162 5.48 32.76 -2.09
N LEU A 163 5.24 33.53 -1.03
CA LEU A 163 4.42 33.07 0.09
C LEU A 163 3.11 33.86 0.14
N THR A 164 2.00 33.16 -0.02
CA THR A 164 0.70 33.83 0.03
C THR A 164 0.30 33.94 1.49
N GLY A 165 -0.13 35.14 1.89
CA GLY A 165 -0.44 35.42 3.28
C GLY A 165 0.07 36.81 3.64
N PRO A 166 0.21 37.09 4.96
CA PRO A 166 -0.10 36.22 6.10
C PRO A 166 -1.59 36.15 6.43
N VAL A 167 -2.01 35.02 6.98
CA VAL A 167 -3.31 34.83 7.54
C VAL A 167 -3.20 34.91 9.06
N ALA A 168 -4.00 35.79 9.65
CA ALA A 168 -4.07 35.89 11.10
C ALA A 168 -5.21 35.04 11.65
N ILE A 169 -5.01 34.48 12.84
CA ILE A 169 -6.02 33.66 13.52
C ILE A 169 -6.36 34.35 14.84
N LYS A 170 -7.62 34.76 14.95
CA LYS A 170 -8.09 35.51 16.10
C LYS A 170 -7.83 34.73 17.38
N GLY A 171 -7.23 35.41 18.36
CA GLY A 171 -6.94 34.79 19.66
C GLY A 171 -5.70 33.91 19.77
N ALA A 172 -5.02 33.67 18.66
CA ALA A 172 -3.77 32.90 18.70
C ALA A 172 -2.71 33.67 19.51
N GLU A 173 -2.15 33.00 20.51
CA GLU A 173 -1.17 33.55 21.43
C GLU A 173 0.08 32.71 21.36
N PRO A 174 1.25 33.32 21.61
CA PRO A 174 2.47 32.55 21.79
C PRO A 174 2.23 31.40 22.76
N GLY A 175 2.56 30.18 22.36
CA GLY A 175 2.39 29.00 23.21
C GLY A 175 1.22 28.11 22.80
N ASP A 176 0.35 28.67 21.98
CA ASP A 176 -0.71 27.91 21.33
C ASP A 176 -0.13 27.04 20.18
N VAL A 177 -0.97 26.18 19.65
CA VAL A 177 -0.64 25.40 18.46
C VAL A 177 -1.72 25.64 17.41
N LEU A 178 -1.33 25.87 16.17
CA LEU A 178 -2.28 25.98 15.07
C LEU A 178 -2.32 24.69 14.25
N GLU A 179 -3.53 24.14 14.13
CA GLU A 179 -3.83 23.02 13.25
C GLU A 179 -4.25 23.60 11.88
N VAL A 180 -3.64 23.07 10.81
CA VAL A 180 -3.98 23.44 9.43
C VAL A 180 -4.29 22.17 8.65
N ARG A 181 -5.57 21.98 8.34
CA ARG A 181 -6.07 20.83 7.61
C ARG A 181 -5.98 21.17 6.13
N ILE A 182 -5.17 20.42 5.38
CA ILE A 182 -5.10 20.60 3.94
C ILE A 182 -6.18 19.71 3.34
N VAL A 183 -7.33 20.28 3.00
CA VAL A 183 -8.45 19.44 2.61
C VAL A 183 -8.57 19.21 1.09
N ASP A 184 -7.94 20.09 0.28
CA ASP A 184 -7.97 19.86 -1.16
C ASP A 184 -6.87 20.65 -1.83
N VAL A 185 -6.40 20.14 -2.96
CA VAL A 185 -5.33 20.77 -3.74
C VAL A 185 -5.69 20.61 -5.23
N ALA A 186 -5.48 21.67 -6.00
CA ALA A 186 -5.70 21.65 -7.43
C ALA A 186 -4.49 22.25 -8.11
N LEU A 187 -4.06 21.64 -9.21
CA LEU A 187 -3.05 22.26 -10.08
C LEU A 187 -3.58 23.57 -10.65
N ARG A 188 -2.74 24.59 -10.72
CA ARG A 188 -3.12 25.87 -11.34
C ARG A 188 -2.99 25.70 -12.88
N PRO A 189 -4.10 25.76 -13.60
CA PRO A 189 -4.01 25.44 -15.04
C PRO A 189 -3.17 26.45 -15.81
N SER A 190 -2.45 26.01 -16.85
CA SER A 190 -1.77 26.98 -17.72
C SER A 190 -2.81 27.86 -18.42
N ALA A 191 -2.49 29.12 -18.59
CA ALA A 191 -3.34 30.03 -19.35
C ALA A 191 -3.04 29.95 -20.86
N ASN A 192 -2.02 29.18 -21.23
CA ASN A 192 -1.61 29.10 -22.64
C ASN A 192 -2.66 28.30 -23.43
N PRO A 193 -3.32 28.94 -24.40
CA PRO A 193 -4.48 28.30 -25.03
C PRO A 193 -4.15 27.07 -25.87
N GLU A 194 -2.88 26.92 -26.20
CA GLU A 194 -2.38 25.74 -26.90
C GLU A 194 -2.29 24.51 -25.98
N PHE A 195 -2.39 24.72 -24.67
CA PHE A 195 -2.16 23.64 -23.70
C PHE A 195 -3.29 23.53 -22.69
N LYS A 196 -4.52 23.77 -23.13
CA LYS A 196 -5.68 23.67 -22.28
C LYS A 196 -5.73 22.32 -21.57
N GLY A 197 -6.02 22.35 -20.27
CA GLY A 197 -6.02 21.13 -19.49
C GLY A 197 -4.69 20.72 -18.90
N LYS A 198 -3.62 21.44 -19.25
CA LYS A 198 -2.27 21.16 -18.73
CA LYS A 198 -2.29 21.16 -18.70
C LYS A 198 -1.82 22.22 -17.72
N THR A 199 -0.88 21.82 -16.86
CA THR A 199 -0.10 22.68 -16.00
C THR A 199 1.36 22.28 -16.23
N PHE A 200 2.23 23.28 -16.21
CA PHE A 200 3.67 23.05 -16.30
C PHE A 200 4.41 23.38 -15.01
N GLY A 201 5.46 22.61 -14.71
CA GLY A 201 6.33 22.91 -13.60
C GLY A 201 7.80 22.83 -14.06
N SER A 202 8.68 23.30 -13.19
CA SER A 202 10.10 23.37 -13.47
C SER A 202 10.87 22.67 -12.36
N ASN A 203 11.83 21.84 -12.71
CA ASN A 203 12.78 21.27 -11.78
C ASN A 203 14.15 21.80 -12.18
N VAL A 204 14.81 22.48 -11.27
CA VAL A 204 16.13 23.05 -11.53
C VAL A 204 17.16 22.32 -10.71
N ALA A 205 18.14 21.73 -11.41
CA ALA A 205 19.36 21.23 -10.80
C ALA A 205 20.27 22.45 -10.61
N ALA A 206 20.39 22.88 -9.36
CA ALA A 206 20.89 24.21 -9.01
C ALA A 206 22.20 24.19 -8.24
N ASN A 207 22.81 25.37 -8.17
CA ASN A 207 24.10 25.56 -7.48
C ASN A 207 24.07 25.22 -5.99
N TRP A 208 22.88 25.21 -5.38
CA TRP A 208 22.70 24.87 -3.99
C TRP A 208 22.31 23.41 -3.78
N GLY A 209 22.19 22.66 -4.87
CA GLY A 209 21.85 21.24 -4.80
C GLY A 209 22.99 20.39 -4.26
N PHE A 210 22.64 19.24 -3.71
CA PHE A 210 23.58 18.36 -3.01
C PHE A 210 24.47 17.67 -4.05
N HIS A 211 24.02 17.64 -5.31
CA HIS A 211 24.70 17.01 -6.44
C HIS A 211 25.76 17.91 -7.07
N TYR A 212 25.70 19.22 -6.80
CA TYR A 212 26.30 20.20 -7.69
C TYR A 212 27.81 20.08 -7.80
N ASN A 213 28.44 19.70 -6.69
CA ASN A 213 29.88 19.53 -6.69
C ASN A 213 30.35 18.14 -7.14
N GLU A 214 29.42 17.32 -7.61
CA GLU A 214 29.70 15.92 -7.85
C GLU A 214 29.55 15.53 -9.32
N LEU A 215 29.23 16.48 -10.21
CA LEU A 215 28.88 16.13 -11.58
C LEU A 215 30.07 15.57 -12.34
N ILE A 216 29.82 14.57 -13.17
CA ILE A 216 30.89 13.89 -13.93
C ILE A 216 30.95 14.22 -15.45
N GLU A 217 29.85 14.62 -16.05
CA GLU A 217 29.86 15.04 -17.46
C GLU A 217 30.25 16.52 -17.58
N GLU A 218 30.94 16.86 -18.67
CA GLU A 218 31.28 18.25 -18.95
C GLU A 218 30.09 18.98 -19.57
N PRO A 219 29.94 20.28 -19.29
CA PRO A 219 30.70 21.07 -18.32
C PRO A 219 30.29 20.72 -16.92
N LYS A 220 31.28 20.42 -16.06
CA LYS A 220 30.99 19.92 -14.72
C LYS A 220 30.33 20.91 -13.79
N LYS A 221 30.44 22.20 -14.09
CA LYS A 221 29.69 23.19 -13.35
C LYS A 221 28.56 23.69 -14.25
N ARG A 222 27.35 23.28 -13.92
CA ARG A 222 26.19 23.65 -14.72
C ARG A 222 24.93 23.52 -13.91
N GLU A 223 23.94 24.28 -14.31
CA GLU A 223 22.62 24.20 -13.76
C GLU A 223 21.70 23.90 -14.91
N VAL A 224 20.68 23.08 -14.64
CA VAL A 224 19.81 22.55 -15.66
C VAL A 224 18.34 22.65 -15.25
N VAL A 225 17.58 23.29 -16.14
CA VAL A 225 16.15 23.50 -15.97
C VAL A 225 15.43 22.37 -16.75
N THR A 226 14.59 21.57 -16.08
CA THR A 226 13.76 20.57 -16.75
C THR A 226 12.31 20.91 -16.50
N ILE A 227 11.62 21.16 -17.61
CA ILE A 227 10.22 21.49 -17.58
C ILE A 227 9.39 20.22 -17.73
N TYR A 228 8.37 20.09 -16.86
CA TYR A 228 7.45 18.96 -16.82
C TYR A 228 6.03 19.41 -17.12
N GLU A 229 5.32 18.51 -17.79
CA GLU A 229 3.92 18.63 -18.13
C GLU A 229 3.05 17.79 -17.23
N LEU A 230 2.02 18.41 -16.67
CA LEU A 230 1.08 17.74 -15.79
C LEU A 230 -0.33 17.90 -16.36
N ASP A 231 -1.20 16.95 -16.00
CA ASP A 231 -2.61 17.03 -16.33
C ASP A 231 -3.30 17.86 -15.21
N ALA A 232 -3.72 19.08 -15.53
CA ALA A 232 -4.41 19.90 -14.52
C ALA A 232 -5.69 19.32 -13.99
N THR A 233 -6.30 18.40 -14.74
CA THR A 233 -7.55 17.76 -14.31
C THR A 233 -7.34 16.61 -13.31
N GLY A 234 -6.11 16.13 -13.17
CA GLY A 234 -5.83 15.02 -12.28
C GLY A 234 -6.28 13.67 -12.83
N GLU A 235 -6.77 13.60 -14.06
CA GLU A 235 -7.15 12.32 -14.65
C GLU A 235 -5.94 11.41 -14.81
N ARG A 236 -4.87 11.98 -15.40
CA ARG A 236 -3.58 11.34 -15.50
C ARG A 236 -2.85 11.64 -14.21
N ASN A 237 -2.39 10.60 -13.52
CA ASN A 237 -1.73 10.82 -12.24
C ASN A 237 -0.21 10.76 -12.30
N TRP A 238 0.37 11.15 -13.42
CA TRP A 238 1.82 11.16 -13.57
C TRP A 238 2.27 12.31 -14.43
N ALA A 239 3.54 12.66 -14.26
CA ALA A 239 4.16 13.82 -14.94
C ALA A 239 5.10 13.31 -16.02
N ARG A 240 5.19 14.11 -17.08
CA ARG A 240 5.99 13.82 -18.25
C ARG A 240 7.02 14.95 -18.42
N ALA A 241 8.31 14.63 -18.55
CA ALA A 241 9.29 15.65 -18.96
C ALA A 241 8.91 16.18 -20.34
N PHE A 242 9.04 17.49 -20.50
CA PHE A 242 8.73 18.15 -21.74
C PHE A 242 10.05 18.50 -22.43
N TYR A 243 10.91 19.27 -21.76
CA TYR A 243 12.26 19.58 -22.28
C TYR A 243 13.18 19.97 -21.17
N ASN A 244 14.49 19.99 -21.45
CA ASN A 244 15.43 20.61 -20.54
C ASN A 244 16.36 21.57 -21.24
N TYR A 245 17.06 22.37 -20.44
CA TYR A 245 18.12 23.29 -20.92
C TYR A 245 19.10 23.64 -19.82
N ARG A 246 20.35 23.88 -20.23
CA ARG A 246 21.36 24.39 -19.32
C ARG A 246 21.13 25.90 -19.16
N TRP A 247 21.25 26.36 -17.92
CA TRP A 247 21.22 27.77 -17.61
C TRP A 247 22.44 28.43 -18.23
N THR A 248 22.19 29.51 -18.96
CA THR A 248 23.22 30.41 -19.46
C THR A 248 23.01 31.75 -18.78
N PRO A 249 24.05 32.61 -18.72
CA PRO A 249 23.90 33.88 -18.00
C PRO A 249 22.69 34.65 -18.51
N GLN A 250 21.87 35.14 -17.58
CA GLN A 250 20.64 35.88 -17.90
C GLN A 250 20.74 37.28 -17.33
N LYS A 251 20.52 38.27 -18.19
CA LYS A 251 20.54 39.67 -17.80
CA LYS A 251 20.54 39.66 -17.79
C LYS A 251 19.10 40.06 -17.51
N ASP A 252 18.86 40.49 -16.27
CA ASP A 252 17.52 40.86 -15.86
C ASP A 252 17.21 42.27 -16.37
N PRO A 253 15.91 42.66 -16.36
CA PRO A 253 15.52 43.98 -16.87
C PRO A 253 16.22 45.19 -16.27
N PHE A 254 16.79 45.04 -15.08
CA PHE A 254 17.59 46.12 -14.50
C PHE A 254 19.06 46.06 -14.91
N GLY A 255 19.42 45.08 -15.74
CA GLY A 255 20.77 44.97 -16.31
C GLY A 255 21.75 44.13 -15.51
N VAL A 256 21.27 43.42 -14.49
CA VAL A 256 22.13 42.63 -13.66
C VAL A 256 22.21 41.25 -14.28
N VAL A 257 23.44 40.78 -14.52
CA VAL A 257 23.67 39.48 -15.14
C VAL A 257 23.76 38.41 -14.08
N HIS A 258 23.06 37.29 -14.29
CA HIS A 258 22.98 36.19 -13.35
C HIS A 258 23.56 34.96 -14.04
N PRO A 259 24.86 34.69 -13.81
CA PRO A 259 25.50 33.51 -14.42
C PRO A 259 25.05 32.18 -13.84
N ILE A 260 24.58 32.21 -12.58
CA ILE A 260 23.96 31.09 -11.91
C ILE A 260 22.61 31.58 -11.42
N VAL A 261 21.76 30.68 -10.97
CA VAL A 261 20.43 31.03 -10.50
C VAL A 261 20.60 31.57 -9.10
N ASP A 262 20.94 32.87 -9.00
CA ASP A 262 21.33 33.49 -7.71
C ASP A 262 20.29 34.48 -7.22
N TYR A 263 19.23 34.68 -8.00
CA TYR A 263 18.15 35.59 -7.65
C TYR A 263 16.85 35.08 -8.28
N PRO A 264 15.74 34.99 -7.50
CA PRO A 264 14.54 34.31 -8.03
C PRO A 264 13.70 35.15 -8.98
N GLY A 265 13.04 34.46 -9.91
CA GLY A 265 12.09 35.08 -10.82
C GLY A 265 12.63 35.88 -11.99
N VAL A 266 13.91 35.68 -12.33
CA VAL A 266 14.50 36.36 -13.48
C VAL A 266 13.88 35.81 -14.75
N PRO A 267 13.43 36.69 -15.64
CA PRO A 267 12.85 36.18 -16.89
C PRO A 267 13.95 35.57 -17.77
N VAL A 268 13.84 34.30 -18.04
CA VAL A 268 14.82 33.61 -18.89
C VAL A 268 14.56 34.00 -20.33
N ASP A 269 15.61 34.43 -21.03
CA ASP A 269 15.50 34.76 -22.44
C ASP A 269 15.77 33.50 -23.26
N HIS A 270 14.74 33.01 -23.92
CA HIS A 270 14.83 31.69 -24.54
C HIS A 270 15.73 31.68 -25.78
N SER A 271 16.09 32.85 -26.28
CA SER A 271 17.05 32.90 -27.39
CA SER A 271 17.05 32.92 -27.38
C SER A 271 18.49 32.67 -26.93
N THR A 272 18.73 32.63 -25.62
CA THR A 272 20.07 32.47 -25.08
C THR A 272 20.26 31.07 -24.50
N ILE A 273 19.29 30.20 -24.68
CA ILE A 273 19.40 28.82 -24.16
C ILE A 273 19.06 27.81 -25.26
N SER A 274 19.42 26.55 -25.05
CA SER A 274 19.23 25.50 -26.07
C SER A 274 18.41 24.34 -25.47
N LYS A 275 17.20 24.17 -25.99
CA LYS A 275 16.24 23.21 -25.43
C LYS A 275 16.38 21.85 -26.07
N ASN A 276 16.33 20.84 -25.21
CA ASN A 276 16.34 19.44 -25.60
CA ASN A 276 16.33 19.43 -25.60
C ASN A 276 14.98 18.84 -25.25
N TYR A 277 14.18 18.46 -26.26
CA TYR A 277 12.87 17.88 -26.05
C TYR A 277 12.90 16.35 -25.87
N ASN A 278 11.75 15.80 -25.53
CA ASN A 278 11.56 14.35 -25.33
C ASN A 278 12.54 13.67 -24.33
N VAL A 279 13.13 14.43 -23.41
CA VAL A 279 13.99 13.89 -22.36
C VAL A 279 13.19 13.02 -21.37
N LEU A 280 13.88 12.21 -20.57
CA LEU A 280 13.20 11.24 -19.69
C LEU A 280 12.07 10.49 -20.43
N LYS A 281 12.40 9.99 -21.62
CA LYS A 281 11.40 9.48 -22.52
C LYS A 281 10.68 8.29 -21.92
N ASN A 282 9.37 8.42 -21.88
CA ASN A 282 8.47 7.32 -21.52
C ASN A 282 8.59 6.95 -20.03
N ILE A 283 9.10 7.87 -19.24
CA ILE A 283 9.11 7.71 -17.80
C ILE A 283 7.92 8.45 -17.21
N ARG A 284 7.14 7.72 -16.41
CA ARG A 284 5.90 8.23 -15.85
C ARG A 284 6.16 8.58 -14.38
N VAL A 285 6.44 9.86 -14.11
CA VAL A 285 6.80 10.27 -12.75
C VAL A 285 5.54 10.47 -11.89
N PRO A 286 5.40 9.74 -10.78
CA PRO A 286 4.18 9.90 -9.96
C PRO A 286 4.03 11.33 -9.43
N VAL A 287 2.81 11.80 -9.41
CA VAL A 287 2.49 13.11 -8.91
C VAL A 287 2.23 12.98 -7.39
N ARG A 288 2.75 13.92 -6.62
CA ARG A 288 2.65 13.95 -5.16
C ARG A 288 2.47 15.45 -4.78
N PRO A 289 1.31 16.04 -5.07
CA PRO A 289 1.32 17.51 -4.93
C PRO A 289 1.39 17.90 -3.46
N HIS A 290 2.20 18.92 -3.18
CA HIS A 290 2.40 19.38 -1.81
C HIS A 290 2.86 20.84 -1.82
N PHE A 291 2.75 21.47 -0.66
CA PHE A 291 3.28 22.79 -0.40
C PHE A 291 4.63 22.68 0.29
N GLY A 292 5.70 23.06 -0.41
CA GLY A 292 7.06 23.03 0.13
C GLY A 292 7.27 23.92 1.35
N THR A 293 6.61 25.07 1.35
CA THR A 293 6.79 26.09 2.38
C THR A 293 5.45 26.48 2.98
N MSE A 294 5.31 26.32 4.28
CA MSE A 294 4.05 26.51 4.97
C MSE A 294 4.37 26.61 6.46
O MSE A 294 5.11 25.78 7.04
CB MSE A 294 3.10 25.33 4.68
CG MSE A 294 1.70 25.50 5.17
SE MSE A 294 0.69 23.92 4.51
CE MSE A 294 -0.44 23.47 6.02
N GLY A 295 3.82 27.62 7.11
CA GLY A 295 4.14 27.78 8.51
C GLY A 295 3.81 29.14 9.01
N LEU A 296 4.35 29.46 10.20
CA LEU A 296 3.99 30.66 10.96
C LEU A 296 5.20 31.59 11.11
N ALA A 297 4.97 32.90 11.06
CA ALA A 297 6.07 33.83 11.28
C ALA A 297 6.64 33.62 12.68
N PRO A 298 7.97 33.48 12.79
CA PRO A 298 8.54 33.29 14.13
C PRO A 298 8.87 34.60 14.86
N LYS A 299 8.95 34.52 16.19
CA LYS A 299 9.23 35.70 17.05
C LYS A 299 10.71 36.13 17.04
N GLU A 300 11.60 35.18 16.73
CA GLU A 300 13.02 35.38 16.98
C GLU A 300 13.69 36.43 16.10
N ALA A 301 13.12 36.74 14.95
CA ALA A 301 13.64 37.84 14.13
C ALA A 301 12.57 38.42 13.21
N ASP A 302 12.83 39.65 12.74
CA ASP A 302 11.82 40.40 11.97
C ASP A 302 11.70 40.06 10.49
N LEU A 303 12.82 39.92 9.80
CA LEU A 303 12.77 39.36 8.46
C LEU A 303 13.52 38.05 8.51
N VAL A 304 12.89 36.96 8.07
CA VAL A 304 13.49 35.65 8.14
C VAL A 304 13.46 34.98 6.76
N ASN A 305 14.62 34.52 6.35
CA ASN A 305 14.86 33.87 5.08
C ASN A 305 13.88 32.69 4.95
N SER A 306 13.14 32.62 3.84
CA SER A 306 12.19 31.53 3.62
C SER A 306 12.83 30.16 3.36
N VAL A 307 14.11 30.12 3.03
CA VAL A 307 14.74 28.86 2.68
C VAL A 307 14.85 27.85 3.82
N PRO A 308 15.41 28.23 4.97
CA PRO A 308 15.54 27.22 6.03
C PRO A 308 14.28 26.95 6.87
N PRO A 309 13.88 25.67 6.94
CA PRO A 309 12.77 25.36 7.83
C PRO A 309 13.28 25.32 9.26
N SER A 310 12.34 25.34 10.18
CA SER A 310 12.63 25.44 11.59
C SER A 310 11.39 25.09 12.37
N HIS A 311 11.48 25.30 13.68
CA HIS A 311 10.37 25.16 14.61
C HIS A 311 9.03 25.68 14.13
N PHE A 312 9.02 26.81 13.44
CA PHE A 312 7.78 27.49 13.02
C PHE A 312 7.20 26.85 11.77
N GLY A 313 7.90 25.89 11.20
CA GLY A 313 7.54 25.32 9.90
C GLY A 313 8.41 25.88 8.79
N GLY A 314 7.78 26.45 7.78
CA GLY A 314 8.50 26.99 6.65
C GLY A 314 8.75 25.95 5.59
N ASN A 315 9.95 25.99 5.03
CA ASN A 315 10.32 25.30 3.79
C ASN A 315 10.75 23.87 4.10
N ILE A 316 9.83 23.10 4.62
CA ILE A 316 10.11 21.71 5.01
C ILE A 316 10.44 20.80 3.82
N ASP A 317 9.76 20.99 2.70
CA ASP A 317 9.96 20.16 1.50
C ASP A 317 9.76 18.68 1.83
N ASN A 318 8.67 18.40 2.55
CA ASN A 318 8.19 17.02 2.73
C ASN A 318 7.06 16.77 1.74
N TRP A 319 7.31 15.85 0.82
CA TRP A 319 6.32 15.56 -0.23
C TRP A 319 4.97 15.14 0.31
N ARG A 320 4.90 14.73 1.58
CA ARG A 320 3.63 14.30 2.19
C ARG A 320 2.70 15.45 2.62
N ILE A 321 3.15 16.70 2.54
CA ILE A 321 2.36 17.85 3.06
C ILE A 321 1.42 18.32 1.93
N GLY A 322 0.40 17.51 1.67
CA GLY A 322 -0.58 17.81 0.63
C GLY A 322 -1.98 17.39 1.06
N LYS A 323 -2.79 17.08 0.06
CA LYS A 323 -4.20 16.80 0.31
C LYS A 323 -4.32 15.63 1.26
N GLY A 324 -5.15 15.84 2.27
CA GLY A 324 -5.42 14.85 3.33
C GLY A 324 -4.49 14.91 4.52
N ALA A 325 -3.46 15.77 4.46
CA ALA A 325 -2.52 15.96 5.55
C ALA A 325 -3.05 17.05 6.46
N THR A 326 -2.73 16.94 7.76
CA THR A 326 -2.98 17.98 8.74
C THR A 326 -1.66 18.33 9.40
N MSE A 327 -1.30 19.61 9.36
CA MSE A 327 -0.11 20.10 10.01
C MSE A 327 -0.42 20.84 11.29
O MSE A 327 -1.49 21.45 11.42
CB MSE A 327 0.62 21.06 9.08
CG MSE A 327 1.16 20.47 7.85
SE MSE A 327 2.62 19.21 8.22
CE MSE A 327 3.88 20.38 9.17
N TYR A 328 0.51 20.78 12.24
CA TYR A 328 0.40 21.49 13.48
C TYR A 328 1.71 22.23 13.70
N TYR A 329 1.59 23.54 13.99
CA TYR A 329 2.75 24.39 14.15
C TYR A 329 2.64 25.10 15.50
N PRO A 330 3.76 25.25 16.20
CA PRO A 330 3.75 26.07 17.41
C PRO A 330 3.61 27.55 17.09
N VAL A 331 2.71 28.24 17.79
CA VAL A 331 2.54 29.67 17.60
C VAL A 331 3.56 30.39 18.45
N SER A 332 4.33 31.29 17.85
CA SER A 332 5.24 32.13 18.63
C SER A 332 4.93 33.64 18.59
N VAL A 333 4.04 34.08 17.70
CA VAL A 333 3.64 35.49 17.60
CA VAL A 333 3.62 35.48 17.73
C VAL A 333 2.10 35.58 17.67
N ALA A 334 1.58 36.63 18.31
CA ALA A 334 0.14 36.84 18.36
C ALA A 334 -0.42 36.89 16.95
N GLY A 335 -1.53 36.20 16.73
CA GLY A 335 -2.17 36.11 15.42
C GLY A 335 -1.74 34.89 14.62
N GLY A 336 -0.64 34.25 15.01
CA GLY A 336 -0.14 33.06 14.31
C GLY A 336 0.69 33.48 13.10
N LEU A 337 0.02 34.12 12.15
CA LEU A 337 0.61 34.67 10.93
C LEU A 337 1.14 33.56 10.03
N PHE A 338 0.17 32.86 9.42
CA PHE A 338 0.39 31.74 8.54
C PHE A 338 0.57 32.18 7.10
N SER A 339 1.55 31.59 6.43
CA SER A 339 1.70 31.75 4.99
C SER A 339 2.00 30.42 4.33
N VAL A 340 1.76 30.35 3.02
CA VAL A 340 1.94 29.11 2.30
C VAL A 340 2.41 29.43 0.89
N GLY A 341 3.34 28.61 0.41
CA GLY A 341 3.88 28.80 -0.94
C GLY A 341 4.81 27.67 -1.32
N ASP A 342 5.73 27.94 -2.24
CA ASP A 342 6.61 26.89 -2.79
C ASP A 342 5.82 25.64 -3.18
N PRO A 343 4.79 25.82 -4.01
CA PRO A 343 4.04 24.62 -4.40
C PRO A 343 4.85 23.61 -5.25
N HIS A 344 4.66 22.32 -5.02
CA HIS A 344 5.36 21.27 -5.75
C HIS A 344 4.36 20.28 -6.35
N ALA A 345 4.58 19.85 -7.58
CA ALA A 345 3.74 18.78 -8.19
C ALA A 345 4.21 17.39 -7.73
N SER A 346 5.51 17.26 -7.55
CA SER A 346 6.10 16.06 -7.00
CA SER A 346 6.19 16.01 -7.20
C SER A 346 7.51 16.33 -6.49
N GLN A 347 7.97 15.42 -5.67
CA GLN A 347 9.31 15.48 -5.13
C GLN A 347 9.63 14.13 -4.50
N GLY A 348 10.91 13.79 -4.50
CA GLY A 348 11.40 12.64 -3.74
C GLY A 348 12.00 13.06 -2.39
N ASP A 349 12.08 12.10 -1.48
CA ASP A 349 12.77 12.30 -0.20
C ASP A 349 14.27 12.56 -0.47
N SER A 350 14.68 13.82 -0.22
CA SER A 350 16.09 14.39 -0.32
C SER A 350 16.10 15.70 -1.12
N GLU A 351 15.20 15.79 -2.10
CA GLU A 351 15.15 16.95 -2.99
C GLU A 351 16.56 17.24 -3.55
N MSE A 352 17.24 16.15 -3.89
CA MSE A 352 18.67 16.07 -4.19
C MSE A 352 19.24 17.26 -4.96
O MSE A 352 20.23 17.85 -4.53
CB MSE A 352 18.95 14.77 -4.96
CG MSE A 352 20.39 14.46 -5.19
SE MSE A 352 21.35 13.98 -3.53
CE MSE A 352 20.58 12.27 -3.25
N CYS A 353 18.63 17.58 -6.11
CA CYS A 353 19.24 18.57 -7.01
C CYS A 353 18.95 20.03 -6.63
N GLY A 354 18.13 20.24 -5.59
CA GLY A 354 17.91 21.61 -5.09
C GLY A 354 16.46 22.05 -5.15
N THR A 355 15.67 21.39 -6.00
CA THR A 355 14.29 21.73 -6.19
C THR A 355 13.50 20.49 -6.52
N ALA A 356 12.18 20.63 -6.44
CA ALA A 356 11.20 19.59 -6.78
C ALA A 356 10.68 19.83 -8.22
N ILE A 357 9.51 19.31 -8.59
CA ILE A 357 8.79 19.85 -9.76
C ILE A 357 8.04 21.04 -9.20
N GLU A 358 8.60 22.21 -9.46
CA GLU A 358 8.14 23.44 -8.84
C GLU A 358 6.96 23.85 -9.73
N CYS A 359 5.75 23.92 -9.18
CA CYS A 359 4.55 23.95 -9.99
C CYS A 359 3.41 24.61 -9.21
N SER A 360 2.75 25.61 -9.78
CA SER A 360 1.66 26.30 -9.05
C SER A 360 0.45 25.42 -8.66
N LEU A 361 -0.07 25.67 -7.45
CA LEU A 361 -1.15 24.89 -6.81
C LEU A 361 -2.07 25.85 -6.08
N THR A 362 -3.35 25.50 -6.02
CA THR A 362 -4.31 26.14 -5.15
C THR A 362 -4.79 25.13 -4.11
N GLY A 363 -4.74 25.53 -2.84
CA GLY A 363 -5.20 24.67 -1.76
C GLY A 363 -6.38 25.25 -1.01
N THR A 364 -7.18 24.35 -0.45
CA THR A 364 -8.20 24.75 0.53
C THR A 364 -7.80 24.17 1.89
N PHE A 365 -7.88 25.04 2.89
CA PHE A 365 -7.40 24.77 4.25
C PHE A 365 -8.44 25.10 5.30
N GLN A 366 -8.40 24.39 6.41
CA GLN A 366 -9.17 24.73 7.62
C GLN A 366 -8.17 25.01 8.74
N PHE A 367 -8.41 26.08 9.49
CA PHE A 367 -7.51 26.52 10.56
C PHE A 367 -8.22 26.29 11.84
N ILE A 368 -7.58 25.57 12.74
CA ILE A 368 -8.11 25.28 14.06
C ILE A 368 -7.08 25.61 15.14
N LEU A 369 -7.46 26.47 16.07
CA LEU A 369 -6.55 26.93 17.13
C LEU A 369 -6.66 26.04 18.33
N HIS A 370 -5.50 25.61 18.86
CA HIS A 370 -5.43 24.83 20.08
C HIS A 370 -4.71 25.65 21.14
N LYS A 371 -5.44 26.00 22.18
CA LYS A 371 -4.88 26.81 23.26
C LYS A 371 -3.84 26.05 24.07
N LYS A 372 -2.80 26.78 24.49
CA LYS A 372 -1.73 26.19 25.29
CA LYS A 372 -1.73 26.19 25.29
C LYS A 372 -2.27 25.34 26.44
N ALA A 373 -3.28 25.85 27.13
CA ALA A 373 -3.84 25.17 28.30
C ALA A 373 -4.50 23.83 27.99
N ASP A 374 -4.88 23.61 26.72
CA ASP A 374 -5.59 22.42 26.30
C ASP A 374 -4.67 21.38 25.61
N LEU A 375 -3.39 21.69 25.46
CA LEU A 375 -2.46 20.73 24.83
C LEU A 375 -2.15 19.45 25.62
N PRO A 376 -2.00 19.56 26.96
CA PRO A 376 -1.67 18.35 27.70
C PRO A 376 -2.62 17.19 27.45
N GLY A 377 -2.08 15.98 27.47
CA GLY A 377 -2.87 14.77 27.26
C GLY A 377 -3.39 14.57 25.85
N THR A 378 -2.76 15.26 24.90
CA THR A 378 -3.10 15.15 23.49
C THR A 378 -1.80 14.92 22.75
N PRO A 379 -1.89 14.58 21.46
CA PRO A 379 -0.68 14.52 20.65
C PRO A 379 0.10 15.83 20.55
N LEU A 380 -0.55 16.94 20.91
CA LEU A 380 0.04 18.26 20.78
C LEU A 380 0.73 18.72 22.06
N ALA A 381 0.81 17.85 23.07
CA ALA A 381 1.41 18.23 24.36
C ALA A 381 2.82 18.79 24.15
N ASP A 382 3.05 20.01 24.65
CA ASP A 382 4.37 20.62 24.59
C ASP A 382 4.96 20.55 23.18
N LEU A 383 4.11 20.66 22.17
CA LEU A 383 4.60 20.58 20.78
C LEU A 383 5.46 21.81 20.45
N GLN A 384 6.70 21.59 19.97
CA GLN A 384 7.62 22.69 19.69
C GLN A 384 8.15 22.67 18.26
N TYR A 385 7.53 21.87 17.41
CA TYR A 385 8.05 21.67 16.05
C TYR A 385 6.88 21.31 15.10
N PRO A 386 7.14 21.35 13.79
CA PRO A 386 6.06 21.00 12.85
C PRO A 386 5.75 19.50 12.86
N LEU A 387 4.49 19.20 13.13
CA LEU A 387 3.96 17.83 13.26
C LEU A 387 2.92 17.56 12.15
N LEU A 388 3.12 16.47 11.41
CA LEU A 388 2.25 16.08 10.31
C LEU A 388 1.42 14.86 10.71
N GLU A 389 0.10 14.94 10.46
CA GLU A 389 -0.80 13.83 10.72
C GLU A 389 -1.53 13.45 9.44
N THR A 390 -1.57 12.15 9.16
CA THR A 390 -2.39 11.65 8.06
C THR A 390 -3.37 10.64 8.63
N GLN A 391 -4.16 9.98 7.78
CA GLN A 391 -5.14 9.05 8.32
C GLN A 391 -4.47 7.95 9.14
N ASP A 392 -3.30 7.50 8.73
CA ASP A 392 -2.71 6.34 9.38
C ASP A 392 -1.34 6.54 9.98
N GLU A 393 -0.82 7.76 9.93
CA GLU A 393 0.56 7.99 10.39
C GLU A 393 0.72 9.31 11.08
N TRP A 394 1.71 9.39 11.96
CA TRP A 394 2.29 10.65 12.40
C TRP A 394 3.70 10.80 11.78
N VAL A 395 4.06 11.99 11.35
CA VAL A 395 5.38 12.25 10.78
C VAL A 395 5.94 13.50 11.45
N LEU A 396 7.09 13.32 12.09
CA LEU A 396 7.74 14.36 12.87
C LEU A 396 8.92 14.89 12.10
N HIS A 397 9.17 16.20 12.18
CA HIS A 397 10.22 16.79 11.36
C HIS A 397 11.39 17.21 12.23
N GLY A 398 12.55 16.61 11.98
CA GLY A 398 13.79 17.00 12.65
C GLY A 398 14.59 17.81 11.67
N PHE A 399 15.43 18.69 12.21
CA PHE A 399 16.28 19.57 11.39
C PHE A 399 17.67 19.63 12.02
N SER A 400 18.67 20.04 11.24
CA SER A 400 20.04 20.15 11.79
C SER A 400 20.03 20.93 13.11
N TYR A 401 19.27 22.02 13.13
CA TYR A 401 18.95 22.73 14.37
C TYR A 401 17.45 22.91 14.52
N ALA A 402 16.91 22.46 15.64
CA ALA A 402 15.48 22.51 15.92
C ALA A 402 14.91 23.94 15.77
N ASN A 403 15.57 24.90 16.39
CA ASN A 403 15.24 26.31 16.26
C ASN A 403 16.58 27.00 15.95
N TYR A 404 16.84 27.14 14.66
CA TYR A 404 18.16 27.59 14.22
C TYR A 404 18.34 29.05 14.59
N LEU A 405 17.27 29.83 14.63
CA LEU A 405 17.40 31.25 14.97
C LEU A 405 17.85 31.39 16.40
N ALA A 406 17.22 30.66 17.32
CA ALA A 406 17.58 30.74 18.73
C ALA A 406 18.92 30.06 19.01
N GLU A 407 19.19 28.93 18.34
CA GLU A 407 20.37 28.15 18.67
C GLU A 407 21.68 28.69 18.07
N LEU A 408 21.59 29.36 16.93
CA LEU A 408 22.78 29.83 16.24
C LEU A 408 23.05 31.30 16.43
N GLY A 409 22.17 32.01 17.12
CA GLY A 409 22.41 33.40 17.47
C GLY A 409 22.22 34.43 16.36
N PRO A 410 22.79 35.64 16.56
CA PRO A 410 22.60 36.73 15.61
C PRO A 410 22.98 36.45 14.16
N ASP A 411 24.00 35.63 13.89
CA ASP A 411 24.43 35.34 12.50
C ASP A 411 23.70 34.09 11.95
N ALA A 412 22.68 33.60 12.67
CA ALA A 412 21.94 32.39 12.31
C ALA A 412 21.58 32.25 10.82
N GLN A 413 21.08 33.34 10.24
CA GLN A 413 20.55 33.27 8.89
C GLN A 413 21.64 33.17 7.84
N ASN A 414 22.89 33.38 8.29
CA ASN A 414 24.07 33.12 7.47
C ASN A 414 24.73 31.80 7.83
N SER A 415 24.91 31.53 9.11
CA SER A 415 25.68 30.39 9.52
C SER A 415 24.94 29.04 9.29
N ILE A 416 23.61 29.06 9.26
CA ILE A 416 22.88 27.83 9.03
C ILE A 416 23.33 27.14 7.74
N PHE A 417 23.67 27.91 6.73
CA PHE A 417 24.11 27.34 5.44
C PHE A 417 25.49 26.69 5.48
N SER A 418 26.26 26.95 6.53
CA SER A 418 27.54 26.32 6.72
C SER A 418 27.47 25.20 7.75
N LYS A 419 26.38 25.11 8.49
CA LYS A 419 26.32 24.17 9.61
C LYS A 419 25.42 22.95 9.32
N SER A 420 24.91 22.88 8.09
CA SER A 420 24.03 21.80 7.66
C SER A 420 24.61 20.43 7.98
N SER A 421 23.79 19.53 8.48
CA SER A 421 24.23 18.17 8.82
C SER A 421 23.05 17.23 8.96
N LEU A 422 23.10 16.11 8.25
CA LEU A 422 22.10 15.07 8.47
C LEU A 422 22.32 14.36 9.78
N ASP A 423 23.58 14.26 10.21
CA ASP A 423 23.82 13.65 11.49
C ASP A 423 23.07 14.42 12.61
N LEU A 424 23.16 15.74 12.58
CA LEU A 424 22.50 16.56 13.58
C LEU A 424 20.99 16.48 13.42
N ALA A 425 20.51 16.40 12.17
CA ALA A 425 19.08 16.36 11.92
C ALA A 425 18.51 15.06 12.46
N LEU A 426 19.25 13.96 12.33
CA LEU A 426 18.80 12.70 12.91
C LEU A 426 18.78 12.71 14.44
N LYS A 427 19.79 13.31 15.07
CA LYS A 427 19.78 13.51 16.53
C LYS A 427 18.53 14.29 16.97
N ASP A 428 18.20 15.35 16.22
CA ASP A 428 17.00 16.13 16.49
C ASP A 428 15.73 15.30 16.29
N ALA A 429 15.65 14.54 15.21
CA ALA A 429 14.50 13.66 15.02
C ALA A 429 14.37 12.64 16.14
N PHE A 430 15.50 12.11 16.60
CA PHE A 430 15.50 11.21 17.76
C PHE A 430 14.87 11.89 18.99
N ARG A 431 15.31 13.14 19.30
CA ARG A 431 14.78 13.85 20.47
C ARG A 431 13.27 14.06 20.33
N LYS A 432 12.87 14.43 19.14
CA LYS A 432 11.48 14.76 18.88
C LYS A 432 10.57 13.52 18.96
N MSE A 433 11.00 12.41 18.40
CA MSE A 433 10.24 11.17 18.53
C MSE A 433 10.23 10.65 19.97
O MSE A 433 9.22 10.11 20.44
CB MSE A 433 10.72 10.10 17.54
CG MSE A 433 10.01 8.79 17.62
SE MSE A 433 8.09 8.89 17.31
CE MSE A 433 8.07 9.11 15.36
N ARG A 434 11.36 10.80 20.65
CA ARG A 434 11.40 10.46 22.07
C ARG A 434 10.33 11.30 22.81
N HIS A 435 10.33 12.60 22.59
CA HIS A 435 9.36 13.47 23.24
C HIS A 435 7.93 13.05 22.92
N PHE A 436 7.62 12.80 21.66
CA PHE A 436 6.27 12.44 21.23
C PHE A 436 5.83 11.15 21.91
N LEU A 437 6.70 10.16 21.93
CA LEU A 437 6.40 8.88 22.57
C LEU A 437 6.24 8.98 24.07
N MSE A 438 7.13 9.72 24.72
CA MSE A 438 7.08 9.89 26.19
C MSE A 438 5.94 10.78 26.62
O MSE A 438 5.25 10.47 27.60
CB MSE A 438 8.40 10.45 26.71
CG MSE A 438 9.57 9.47 26.65
SE MSE A 438 11.23 10.17 27.39
CE MSE A 438 10.73 9.99 29.22
N GLN A 439 5.71 11.86 25.90
CA GLN A 439 4.76 12.86 26.36
C GLN A 439 3.36 12.65 25.80
N THR A 440 3.19 11.86 24.75
CA THR A 440 1.88 11.66 24.17
C THR A 440 1.45 10.19 24.13
N GLN A 441 2.38 9.24 24.21
CA GLN A 441 2.05 7.83 24.17
C GLN A 441 2.39 7.06 25.43
N ASN A 442 2.66 7.80 26.50
CA ASN A 442 2.83 7.24 27.84
C ASN A 442 3.93 6.21 27.93
N LEU A 443 5.03 6.46 27.22
CA LEU A 443 6.14 5.53 27.21
C LEU A 443 7.29 6.08 28.03
N THR A 444 8.05 5.17 28.64
CA THR A 444 9.27 5.57 29.34
C THR A 444 10.34 5.85 28.30
N GLU A 445 11.46 6.42 28.74
CA GLU A 445 12.57 6.60 27.78
C GLU A 445 13.05 5.25 27.22
N ASP A 446 13.19 4.23 28.07
CA ASP A 446 13.66 2.92 27.56
C ASP A 446 12.68 2.32 26.56
N GLU A 447 11.38 2.50 26.81
CA GLU A 447 10.36 1.95 25.91
C GLU A 447 10.44 2.67 24.58
N ALA A 448 10.60 3.98 24.63
CA ALA A 448 10.63 4.82 23.42
C ALA A 448 11.84 4.48 22.57
N VAL A 449 12.97 4.33 23.23
CA VAL A 449 14.23 4.00 22.55
C VAL A 449 14.11 2.65 21.82
N SER A 450 13.54 1.66 22.48
CA SER A 450 13.35 0.36 21.85
C SER A 450 12.39 0.45 20.68
N LEU A 451 11.20 1.01 20.91
CA LEU A 451 10.22 1.13 19.85
C LEU A 451 10.71 1.88 18.61
N MSE A 452 11.43 2.98 18.78
CA MSE A 452 11.88 3.73 17.59
C MSE A 452 12.99 3.03 16.81
O MSE A 452 13.23 3.40 15.68
CB MSE A 452 12.29 5.15 17.94
CG MSE A 452 13.60 5.32 18.59
SE MSE A 452 13.80 7.33 18.85
CE MSE A 452 12.85 7.62 20.23
N SER A 453 13.62 2.03 17.40
CA SER A 453 14.62 1.21 16.70
C SER A 453 14.01 0.12 15.83
N ILE A 454 12.78 -0.27 16.14
CA ILE A 454 12.11 -1.46 15.57
C ILE A 454 10.83 -1.14 14.81
N GLY A 455 10.26 0.04 15.06
CA GLY A 455 8.94 0.39 14.55
C GLY A 455 8.72 1.84 14.18
N VAL A 456 9.83 2.58 13.99
CA VAL A 456 9.78 3.92 13.41
C VAL A 456 10.79 3.93 12.28
N ASP A 457 10.41 4.55 11.17
CA ASP A 457 11.30 4.71 10.01
C ASP A 457 11.72 6.17 9.90
N PHE A 458 13.02 6.40 9.78
CA PHE A 458 13.60 7.76 9.62
C PHE A 458 14.08 7.89 8.20
N GLY A 459 13.63 8.95 7.53
CA GLY A 459 14.02 9.23 6.16
C GLY A 459 14.61 10.61 6.01
N ILE A 460 15.15 10.88 4.82
CA ILE A 460 15.84 12.15 4.56
C ILE A 460 14.78 13.03 3.87
N THR A 461 14.46 14.18 4.47
CA THR A 461 13.43 15.06 3.90
C THR A 461 13.99 15.89 2.73
N GLN A 462 15.05 16.61 3.06
CA GLN A 462 15.78 17.41 2.08
C GLN A 462 17.15 17.75 2.67
N VAL A 463 18.08 17.99 1.74
CA VAL A 463 19.46 18.34 2.03
C VAL A 463 19.89 19.58 1.21
N VAL A 464 18.96 20.50 1.00
CA VAL A 464 19.20 21.67 0.13
C VAL A 464 18.71 23.01 0.66
N ASP A 465 18.17 23.01 1.89
CA ASP A 465 17.55 24.21 2.48
C ASP A 465 18.35 24.78 3.67
N GLY A 466 19.64 24.47 3.76
CA GLY A 466 20.51 25.02 4.84
C GLY A 466 20.29 24.26 6.12
N ASN A 467 19.10 24.37 6.67
CA ASN A 467 18.77 23.57 7.83
C ASN A 467 18.19 22.28 7.24
N TRP A 468 19.01 21.23 7.20
CA TRP A 468 18.63 19.99 6.54
C TRP A 468 17.63 19.20 7.39
N GLY A 469 16.93 18.27 6.74
CA GLY A 469 15.76 17.66 7.33
C GLY A 469 15.75 16.16 7.29
N VAL A 470 15.34 15.58 8.42
CA VAL A 470 15.07 14.15 8.57
C VAL A 470 13.66 14.02 9.18
N HIS A 471 12.83 13.16 8.61
CA HIS A 471 11.52 12.90 9.19
C HIS A 471 11.43 11.52 9.80
N ALA A 472 10.61 11.40 10.84
CA ALA A 472 10.35 10.13 11.54
C ALA A 472 8.90 9.77 11.33
N VAL A 473 8.65 8.56 10.85
CA VAL A 473 7.31 8.13 10.52
C VAL A 473 6.90 6.96 11.43
N VAL A 474 5.77 7.11 12.11
CA VAL A 474 5.22 6.03 12.93
C VAL A 474 3.73 5.82 12.56
N LYS A 475 3.32 4.55 12.45
CA LYS A 475 1.92 4.17 12.16
C LYS A 475 1.04 4.28 13.39
N LYS A 476 -0.12 4.92 13.25
CA LYS A 476 -1.07 5.05 14.34
C LYS A 476 -1.57 3.72 14.87
N GLY A 477 -1.75 2.76 13.97
CA GLY A 477 -2.47 1.54 14.30
C GLY A 477 -1.76 0.61 15.25
N ILE A 478 -0.48 0.81 15.48
CA ILE A 478 0.26 -0.04 16.41
C ILE A 478 -0.06 0.25 17.86
N PHE A 479 -0.59 1.44 18.12
CA PHE A 479 -0.80 1.89 19.49
C PHE A 479 -2.17 1.54 20.08
N PRO A 480 -2.21 1.30 21.41
CA PRO A 480 -3.50 1.06 22.06
C PRO A 480 -4.32 2.33 22.29
N GLY A 481 -3.71 3.50 22.18
CA GLY A 481 -4.43 4.73 22.45
C GLY A 481 -4.87 4.94 23.91
N ARG A 482 -5.20 6.19 24.22
CA ARG A 482 -5.14 6.68 25.59
C ARG A 482 -6.36 6.31 26.44
N ASP A 483 -6.14 5.49 27.45
CA ASP A 483 -7.16 5.08 28.41
C ASP A 483 -6.74 5.49 29.81
N GLY B 69 14.24 -34.41 -12.76
CA GLY B 69 14.83 -35.25 -11.67
C GLY B 69 14.98 -34.52 -10.34
N HIS B 70 16.21 -34.11 -10.03
CA HIS B 70 16.55 -33.52 -8.74
C HIS B 70 17.30 -32.23 -9.02
N ALA B 71 16.88 -31.16 -8.34
CA ALA B 71 17.65 -29.92 -8.28
C ALA B 71 18.63 -30.07 -7.09
N THR B 72 19.79 -29.39 -7.11
CA THR B 72 20.68 -29.44 -5.93
C THR B 72 20.30 -28.40 -4.87
N HIS B 73 20.07 -28.90 -3.66
CA HIS B 73 19.58 -28.08 -2.56
C HIS B 73 20.28 -28.54 -1.29
N TYR B 74 21.19 -27.70 -0.80
CA TYR B 74 21.94 -28.04 0.40
C TYR B 74 21.17 -27.58 1.65
N TYR B 75 21.38 -28.30 2.76
CA TYR B 75 20.86 -27.86 4.04
C TYR B 75 22.04 -27.59 4.98
N ILE B 76 22.15 -26.35 5.42
CA ILE B 76 23.17 -25.97 6.36
C ILE B 76 22.57 -25.60 7.72
N PRO B 77 22.66 -26.50 8.69
CA PRO B 77 22.17 -26.25 10.05
C PRO B 77 23.13 -25.29 10.75
N ALA B 78 22.64 -24.52 11.72
CA ALA B 78 23.50 -23.67 12.52
C ALA B 78 24.11 -24.49 13.63
N SER B 79 25.43 -24.54 13.65
CA SER B 79 26.15 -25.24 14.72
C SER B 79 27.55 -24.69 14.85
N ASP B 80 28.29 -25.18 15.85
CA ASP B 80 29.66 -24.75 16.00
C ASP B 80 30.53 -25.15 14.79
N LYS B 81 30.02 -26.07 13.97
CA LYS B 81 30.75 -26.55 12.79
CA LYS B 81 30.74 -26.59 12.80
C LYS B 81 30.48 -25.77 11.53
N THR B 82 29.43 -24.95 11.54
CA THR B 82 29.02 -24.25 10.32
C THR B 82 29.01 -22.71 10.41
N VAL B 83 29.42 -22.15 11.55
CA VAL B 83 29.42 -20.70 11.69
C VAL B 83 30.79 -20.14 12.04
N SER B 84 30.97 -18.87 11.73
CA SER B 84 32.07 -18.07 12.21
C SER B 84 31.46 -16.86 12.92
N TRP B 85 32.05 -16.45 14.03
CA TRP B 85 31.43 -15.43 14.90
C TRP B 85 32.24 -14.13 14.79
N GLY B 86 31.63 -13.12 14.18
CA GLY B 86 32.11 -11.75 14.21
C GLY B 86 33.10 -11.33 13.14
N PHE B 87 33.31 -12.16 12.12
CA PHE B 87 34.23 -11.77 11.06
C PHE B 87 33.90 -12.47 9.74
N PHE B 88 34.24 -11.78 8.65
CA PHE B 88 34.35 -12.39 7.35
C PHE B 88 35.81 -12.72 7.12
N SER B 89 36.06 -13.76 6.33
CA SER B 89 37.42 -14.15 5.96
C SER B 89 37.47 -14.91 4.64
N LYS B 90 38.22 -14.34 3.69
CA LYS B 90 38.51 -14.97 2.40
C LYS B 90 39.24 -16.31 2.50
N SER B 91 39.88 -16.59 3.64
CA SER B 91 40.65 -17.83 3.81
CA SER B 91 40.65 -17.84 3.79
C SER B 91 39.91 -18.95 4.55
N LEU B 92 38.69 -18.69 4.99
CA LEU B 92 37.93 -19.75 5.67
C LEU B 92 37.52 -20.82 4.67
N LYS B 93 37.69 -22.08 5.06
CA LYS B 93 37.20 -23.20 4.28
C LYS B 93 35.67 -23.16 4.14
N PRO B 94 35.16 -23.26 2.91
CA PRO B 94 33.70 -23.29 2.74
C PRO B 94 33.07 -24.50 3.36
N VAL B 95 31.85 -24.31 3.87
CA VAL B 95 31.03 -25.34 4.48
C VAL B 95 30.49 -26.22 3.36
N VAL B 96 30.17 -25.58 2.25
CA VAL B 96 29.79 -26.29 1.04
CA VAL B 96 29.73 -26.27 1.04
C VAL B 96 30.16 -25.47 -0.18
N GLU B 97 30.34 -26.18 -1.31
CA GLU B 97 30.52 -25.55 -2.63
C GLU B 97 29.38 -25.99 -3.52
N LEU B 98 28.65 -25.01 -4.06
CA LEU B 98 27.51 -25.28 -4.93
C LEU B 98 27.75 -24.62 -6.28
N GLU B 99 26.83 -24.85 -7.20
CA GLU B 99 26.91 -24.35 -8.55
C GLU B 99 25.79 -23.36 -8.78
N SER B 100 26.00 -22.47 -9.74
CA SER B 100 24.96 -21.54 -10.15
C SER B 100 23.67 -22.28 -10.42
N GLY B 101 22.60 -21.77 -9.85
CA GLY B 101 21.28 -22.36 -9.95
C GLY B 101 20.84 -23.15 -8.74
N ASP B 102 21.79 -23.54 -7.91
CA ASP B 102 21.54 -24.38 -6.75
C ASP B 102 20.86 -23.60 -5.63
N PHE B 103 20.21 -24.34 -4.74
CA PHE B 103 19.52 -23.78 -3.59
C PHE B 103 20.27 -24.18 -2.30
N ALA B 104 20.00 -23.45 -1.24
CA ALA B 104 20.43 -23.84 0.08
C ALA B 104 19.43 -23.32 1.09
N THR B 105 19.09 -24.16 2.06
CA THR B 105 18.36 -23.72 3.25
C THR B 105 19.43 -23.56 4.27
N ILE B 106 19.48 -22.38 4.86
CA ILE B 106 20.54 -22.03 5.78
C ILE B 106 19.95 -21.48 7.07
N GLU B 107 20.25 -22.15 8.16
CA GLU B 107 19.82 -21.71 9.48
C GLU B 107 20.76 -20.64 9.96
N THR B 108 20.22 -19.60 10.58
CA THR B 108 21.03 -18.57 11.22
C THR B 108 20.60 -18.35 12.67
N LEU B 109 21.56 -17.92 13.50
CA LEU B 109 21.33 -17.70 14.95
C LEU B 109 21.58 -16.26 15.30
N THR B 110 20.74 -15.71 16.15
CA THR B 110 21.04 -14.44 16.72
C THR B 110 22.13 -14.55 17.81
N HIS B 111 23.09 -13.65 17.71
CA HIS B 111 24.16 -13.53 18.69
C HIS B 111 23.67 -13.00 20.04
N HIS B 112 22.40 -12.62 20.12
CA HIS B 112 21.76 -12.18 21.36
C HIS B 112 20.97 -13.30 22.07
N SER B 113 21.17 -14.54 21.67
CA SER B 113 20.41 -15.64 22.28
C SER B 113 20.65 -15.80 23.78
N ASN B 114 21.85 -15.48 24.23
CA ASN B 114 22.17 -15.60 25.67
C ASN B 114 21.67 -14.43 26.51
N ASP B 115 20.92 -13.53 25.92
CA ASP B 115 20.21 -12.47 26.68
C ASP B 115 19.08 -13.10 27.48
N ASP B 116 18.56 -14.24 26.99
CA ASP B 116 17.67 -15.12 27.73
C ASP B 116 17.77 -16.55 27.18
N ALA B 117 18.72 -17.28 27.76
CA ALA B 117 19.03 -18.64 27.31
C ALA B 117 17.84 -19.57 27.47
N SER B 118 16.98 -19.31 28.48
CA SER B 118 15.81 -20.17 28.69
C SER B 118 14.86 -20.14 27.51
N LEU B 119 14.88 -19.02 26.79
CA LEU B 119 13.92 -18.78 25.69
C LEU B 119 14.55 -18.99 24.31
N MSE B 120 15.87 -18.79 24.21
CA MSE B 120 16.53 -18.79 22.89
C MSE B 120 17.70 -19.78 22.75
O MSE B 120 18.29 -19.84 21.67
CB MSE B 120 17.03 -17.37 22.57
CG MSE B 120 15.88 -16.36 22.51
SE MSE B 120 16.49 -14.57 22.12
CE MSE B 120 17.02 -14.02 23.77
N VAL B 121 18.05 -20.51 23.81
CA VAL B 121 19.17 -21.49 23.71
C VAL B 121 18.81 -22.89 24.21
N LYS B 122 18.33 -22.95 25.46
CA LYS B 122 18.15 -24.21 26.17
CA LYS B 122 18.18 -24.22 26.17
C LYS B 122 17.20 -25.13 25.45
N GLY B 123 17.63 -26.36 25.18
CA GLY B 123 16.79 -27.33 24.48
C GLY B 123 16.97 -27.32 22.96
N ASP B 124 17.67 -26.30 22.47
CA ASP B 124 17.92 -26.14 21.04
C ASP B 124 19.32 -26.64 20.73
N PRO B 125 19.43 -27.85 20.15
CA PRO B 125 20.82 -28.37 20.01
C PRO B 125 21.81 -27.50 19.23
N GLY B 126 21.33 -26.86 18.16
CA GLY B 126 22.16 -26.00 17.34
C GLY B 126 22.65 -24.80 18.08
N ALA B 127 21.73 -24.10 18.73
CA ALA B 127 22.03 -22.95 19.58
C ALA B 127 22.95 -23.35 20.72
N GLU B 128 22.64 -24.48 21.37
CA GLU B 128 23.51 -24.97 22.45
C GLU B 128 24.94 -25.19 21.96
N SER B 129 25.09 -25.73 20.76
CA SER B 129 26.42 -26.03 20.23
C SER B 129 27.23 -24.79 19.99
N VAL B 130 26.56 -23.71 19.61
CA VAL B 130 27.25 -22.44 19.36
C VAL B 130 27.55 -21.64 20.62
N PHE B 131 26.63 -21.68 21.57
CA PHE B 131 26.69 -20.82 22.75
C PHE B 131 27.39 -21.46 23.94
N TYR B 132 27.68 -22.76 23.85
CA TYR B 132 28.25 -23.48 24.97
C TYR B 132 29.48 -22.77 25.52
N TRP B 133 29.46 -22.51 26.83
CA TRP B 133 30.52 -21.79 27.49
C TRP B 133 30.44 -22.09 29.00
N ASP B 134 31.39 -22.86 29.47
CA ASP B 134 31.60 -22.97 30.90
C ASP B 134 33.07 -22.74 31.28
N SER B 135 33.38 -22.94 32.56
CA SER B 135 34.72 -22.64 33.01
C SER B 135 35.73 -23.53 32.32
N LYS B 136 35.24 -24.69 31.86
CA LYS B 136 36.09 -25.75 31.30
C LYS B 136 36.08 -25.82 29.78
N ARG B 137 35.07 -25.23 29.09
CA ARG B 137 35.21 -25.02 27.63
C ARG B 137 34.19 -24.07 27.01
N LYS B 138 34.59 -23.53 25.87
CA LYS B 138 33.83 -22.59 25.06
C LYS B 138 33.85 -23.06 23.59
N ASN B 139 32.70 -23.49 23.04
CA ASN B 139 32.70 -24.14 21.71
C ASN B 139 33.13 -23.24 20.54
N VAL B 140 32.75 -21.98 20.59
CA VAL B 140 33.16 -20.98 19.61
C VAL B 140 33.87 -19.89 20.38
N ASP B 141 35.20 -19.90 20.30
CA ASP B 141 36.06 -19.07 21.15
C ASP B 141 36.23 -17.71 20.50
N ARG B 142 36.73 -17.68 19.27
CA ARG B 142 36.86 -16.41 18.55
C ARG B 142 35.50 -15.79 18.28
N ARG B 143 35.36 -14.54 18.72
CA ARG B 143 34.19 -13.73 18.45
C ARG B 143 34.71 -12.33 18.11
N GLY B 144 34.78 -12.07 16.80
CA GLY B 144 35.40 -10.86 16.26
C GLY B 144 36.74 -11.13 15.57
N MSE B 145 37.26 -10.10 14.91
CA MSE B 145 38.48 -10.20 14.10
C MSE B 145 39.77 -9.93 14.89
O MSE B 145 40.86 -9.96 14.31
CB MSE B 145 38.44 -9.20 12.93
CG MSE B 145 38.18 -7.72 13.27
SE MSE B 145 39.63 -6.78 14.11
CE MSE B 145 40.90 -6.94 12.56
N GLY B 146 39.65 -9.67 16.19
CA GLY B 146 40.77 -9.23 16.99
C GLY B 146 41.64 -10.37 17.48
N PRO B 147 42.68 -10.06 18.26
CA PRO B 147 43.62 -11.08 18.80
C PRO B 147 42.93 -12.17 19.59
N MSE B 148 43.47 -13.38 19.51
CA MSE B 148 42.95 -14.45 20.33
C MSE B 148 43.12 -14.17 21.81
O MSE B 148 42.36 -14.69 22.61
CB MSE B 148 43.57 -15.80 19.99
CG MSE B 148 43.28 -16.28 18.60
SE MSE B 148 41.36 -16.60 18.36
CE MSE B 148 41.20 -18.19 19.47
N ASP B 149 44.14 -13.38 22.17
CA ASP B 149 44.44 -13.07 23.58
C ASP B 149 43.85 -11.75 24.02
N HIS B 150 42.90 -11.23 23.26
CA HIS B 150 42.28 -9.95 23.63
C HIS B 150 41.74 -10.00 25.05
N LYS B 151 41.88 -8.93 25.81
CA LYS B 151 41.42 -8.95 27.20
C LYS B 151 39.93 -9.22 27.42
N LEU B 152 39.06 -8.88 26.47
CA LEU B 152 37.64 -9.14 26.62
C LEU B 152 37.29 -10.61 26.35
N GLY B 153 38.18 -11.32 25.66
CA GLY B 153 37.89 -12.64 25.11
C GLY B 153 38.41 -12.74 23.68
N ALA B 154 38.65 -13.95 23.18
CA ALA B 154 39.20 -14.15 21.84
C ALA B 154 38.39 -13.41 20.77
N GLY B 155 39.11 -12.64 19.97
CA GLY B 155 38.51 -11.85 18.89
C GLY B 155 38.13 -10.45 19.31
N GLY B 156 38.05 -10.26 20.63
CA GLY B 156 37.82 -8.96 21.24
C GLY B 156 36.43 -8.37 21.09
N GLY B 157 35.48 -9.17 20.63
CA GLY B 157 34.17 -8.63 20.26
C GLY B 157 34.24 -7.59 19.14
N MSE B 158 35.32 -7.61 18.36
CA MSE B 158 35.50 -6.69 17.22
C MSE B 158 34.79 -7.29 15.99
O MSE B 158 35.39 -7.81 15.05
CB MSE B 158 37.00 -6.44 16.99
CG MSE B 158 37.65 -5.63 18.15
SE MSE B 158 39.56 -5.73 18.22
CE MSE B 158 39.95 -4.42 16.81
N GLY B 159 33.46 -7.21 16.05
CA GLY B 159 32.57 -8.01 15.20
C GLY B 159 31.80 -8.93 16.12
N VAL B 160 30.49 -8.98 15.93
CA VAL B 160 29.62 -9.66 16.88
C VAL B 160 28.62 -10.65 16.30
N HIS B 161 28.54 -10.79 14.98
CA HIS B 161 27.46 -11.54 14.33
C HIS B 161 27.86 -12.98 14.05
N ILE B 162 26.92 -13.89 14.26
CA ILE B 162 27.13 -15.29 13.95
C ILE B 162 26.77 -15.48 12.50
N LEU B 163 27.78 -15.87 11.70
CA LEU B 163 27.65 -15.96 10.26
C LEU B 163 27.75 -17.41 9.81
N THR B 164 26.64 -17.93 9.32
CA THR B 164 26.63 -19.28 8.78
C THR B 164 27.24 -19.24 7.39
N GLY B 165 28.18 -20.16 7.12
CA GLY B 165 28.94 -20.14 5.89
C GLY B 165 30.41 -20.39 6.22
N PRO B 166 31.30 -20.13 5.27
CA PRO B 166 30.99 -19.62 3.93
C PRO B 166 30.47 -20.66 2.98
N VAL B 167 29.74 -20.17 1.98
CA VAL B 167 29.28 -20.96 0.84
C VAL B 167 30.08 -20.56 -0.39
N ALA B 168 30.74 -21.54 -1.00
CA ALA B 168 31.48 -21.30 -2.24
C ALA B 168 30.60 -21.55 -3.45
N ILE B 169 30.82 -20.77 -4.51
CA ILE B 169 30.06 -20.90 -5.77
C ILE B 169 31.05 -21.22 -6.88
N LYS B 170 30.86 -22.38 -7.49
CA LYS B 170 31.83 -22.88 -8.45
C LYS B 170 31.96 -21.92 -9.62
N GLY B 171 33.19 -21.58 -9.97
CA GLY B 171 33.44 -20.72 -11.10
C GLY B 171 33.32 -19.22 -10.85
N ALA B 172 32.93 -18.82 -9.64
CA ALA B 172 32.82 -17.41 -9.32
C ALA B 172 34.23 -16.79 -9.30
N GLU B 173 34.41 -15.71 -10.06
CA GLU B 173 35.70 -15.03 -10.16
C GLU B 173 35.54 -13.56 -9.78
N PRO B 174 36.63 -12.93 -9.27
CA PRO B 174 36.62 -11.51 -9.03
C PRO B 174 36.08 -10.78 -10.26
N GLY B 175 35.11 -9.87 -10.03
CA GLY B 175 34.50 -9.12 -11.10
C GLY B 175 33.14 -9.68 -11.55
N ASP B 176 32.85 -10.91 -11.13
CA ASP B 176 31.51 -11.48 -11.32
C ASP B 176 30.55 -10.81 -10.32
N VAL B 177 29.26 -11.07 -10.51
CA VAL B 177 28.19 -10.68 -9.58
C VAL B 177 27.42 -11.94 -9.17
N LEU B 178 27.16 -12.06 -7.88
CA LEU B 178 26.33 -13.14 -7.38
C LEU B 178 24.94 -12.66 -7.02
N GLU B 179 23.92 -13.29 -7.61
CA GLU B 179 22.52 -13.09 -7.28
C GLU B 179 22.12 -14.10 -6.21
N VAL B 180 21.52 -13.59 -5.13
CA VAL B 180 21.01 -14.44 -4.06
C VAL B 180 19.50 -14.13 -3.91
N ARG B 181 18.68 -15.10 -4.28
CA ARG B 181 17.25 -14.95 -4.18
C ARG B 181 16.82 -15.47 -2.85
N ILE B 182 16.21 -14.60 -2.03
CA ILE B 182 15.68 -15.03 -0.71
C ILE B 182 14.25 -15.47 -0.96
N VAL B 183 14.02 -16.77 -1.01
CA VAL B 183 12.73 -17.28 -1.45
C VAL B 183 11.83 -17.63 -0.27
N ASP B 184 12.40 -17.92 0.90
CA ASP B 184 11.56 -18.11 2.07
C ASP B 184 12.36 -17.87 3.35
N VAL B 185 11.62 -17.49 4.38
CA VAL B 185 12.18 -17.20 5.70
C VAL B 185 11.23 -17.74 6.76
N ALA B 186 11.78 -18.38 7.80
CA ALA B 186 10.95 -18.89 8.90
C ALA B 186 11.63 -18.54 10.20
N LEU B 187 10.85 -18.12 11.19
CA LEU B 187 11.34 -17.95 12.55
C LEU B 187 11.81 -19.30 13.10
N ARG B 188 12.95 -19.29 13.79
CA ARG B 188 13.43 -20.48 14.48
C ARG B 188 12.63 -20.66 15.79
N PRO B 189 11.84 -21.75 15.89
CA PRO B 189 10.99 -21.85 17.07
C PRO B 189 11.80 -22.03 18.35
N SER B 190 11.29 -21.49 19.43
CA SER B 190 11.85 -21.75 20.74
C SER B 190 11.69 -23.25 21.06
N ALA B 191 12.72 -23.79 21.73
CA ALA B 191 12.73 -25.19 22.16
C ALA B 191 12.09 -25.33 23.54
N ASN B 192 11.79 -24.20 24.18
CA ASN B 192 11.21 -24.24 25.53
C ASN B 192 9.77 -24.74 25.49
N PRO B 193 9.48 -25.87 26.15
CA PRO B 193 8.14 -26.46 25.96
C PRO B 193 6.99 -25.64 26.52
N GLU B 194 7.31 -24.72 27.41
CA GLU B 194 6.33 -23.77 27.91
C GLU B 194 5.84 -22.79 26.85
N PHE B 195 6.62 -22.61 25.77
CA PHE B 195 6.33 -21.58 24.78
C PHE B 195 6.25 -22.13 23.38
N LYS B 196 5.67 -23.34 23.27
CA LYS B 196 5.56 -23.97 21.97
C LYS B 196 4.78 -23.04 21.00
N GLY B 197 5.34 -22.86 19.81
CA GLY B 197 4.77 -22.01 18.80
C GLY B 197 5.26 -20.59 18.81
N LYS B 198 6.13 -20.29 19.77
CA LYS B 198 6.70 -18.95 19.91
C LYS B 198 8.17 -18.98 19.58
N THR B 199 8.67 -17.80 19.22
CA THR B 199 10.09 -17.52 19.08
C THR B 199 10.32 -16.24 19.83
N PHE B 200 11.51 -16.10 20.43
CA PHE B 200 11.84 -14.88 21.16
C PHE B 200 13.02 -14.17 20.56
N GLY B 201 13.03 -12.85 20.70
CA GLY B 201 14.15 -12.07 20.22
C GLY B 201 14.50 -11.01 21.22
N SER B 202 15.63 -10.36 21.00
CA SER B 202 16.20 -9.38 21.91
C SER B 202 16.52 -8.08 21.16
N ASN B 203 16.12 -6.96 21.74
CA ASN B 203 16.49 -5.64 21.29
C ASN B 203 17.31 -4.99 22.39
N VAL B 204 18.58 -4.67 22.11
CA VAL B 204 19.44 -4.06 23.09
C VAL B 204 19.75 -2.61 22.72
N ALA B 205 19.45 -1.71 23.65
CA ALA B 205 19.76 -0.30 23.51
C ALA B 205 21.17 -0.24 24.09
N ALA B 206 22.16 -0.08 23.21
CA ALA B 206 23.56 -0.44 23.48
C ALA B 206 24.47 0.78 23.45
N ASN B 207 25.69 0.62 23.98
CA ASN B 207 26.64 1.71 24.07
C ASN B 207 27.07 2.25 22.70
N TRP B 208 26.90 1.46 21.67
CA TRP B 208 27.21 1.88 20.29
C TRP B 208 25.99 2.48 19.57
N GLY B 209 24.85 2.55 20.25
CA GLY B 209 23.67 3.13 19.62
C GLY B 209 23.74 4.61 19.45
N PHE B 210 22.95 5.15 18.54
CA PHE B 210 22.96 6.57 18.21
C PHE B 210 22.29 7.39 19.32
N HIS B 211 21.44 6.74 20.11
CA HIS B 211 20.79 7.38 21.24
C HIS B 211 21.68 7.54 22.47
N TYR B 212 22.78 6.79 22.52
CA TYR B 212 23.43 6.53 23.79
C TYR B 212 23.92 7.79 24.47
N ASN B 213 24.50 8.73 23.72
CA ASN B 213 24.97 9.98 24.30
C ASN B 213 23.87 11.00 24.58
N GLU B 214 22.62 10.62 24.33
CA GLU B 214 21.52 11.57 24.40
C GLU B 214 20.50 11.25 25.49
N LEU B 215 20.70 10.21 26.29
CA LEU B 215 19.68 9.83 27.27
C LEU B 215 19.47 10.94 28.29
N ILE B 216 18.22 11.11 28.72
CA ILE B 216 17.86 12.17 29.66
C ILE B 216 17.48 11.64 31.05
N GLU B 217 16.99 10.40 31.17
CA GLU B 217 16.68 9.88 32.51
C GLU B 217 17.94 9.28 33.13
N GLU B 218 18.03 9.36 34.45
CA GLU B 218 19.11 8.74 35.22
C GLU B 218 18.82 7.25 35.37
N PRO B 219 19.86 6.40 35.34
CA PRO B 219 21.25 6.73 35.00
C PRO B 219 21.43 6.96 33.51
N LYS B 220 22.06 8.07 33.15
CA LYS B 220 22.15 8.42 31.72
C LYS B 220 23.06 7.50 30.94
N LYS B 221 23.98 6.82 31.60
CA LYS B 221 24.73 5.78 30.89
C LYS B 221 24.17 4.46 31.33
N ARG B 222 23.39 3.84 30.45
CA ARG B 222 22.82 2.53 30.74
C ARG B 222 22.57 1.84 29.43
N GLU B 223 22.53 0.51 29.48
CA GLU B 223 22.11 -0.31 28.39
C GLU B 223 20.92 -1.12 28.86
N VAL B 224 19.98 -1.39 27.94
CA VAL B 224 18.68 -1.96 28.27
C VAL B 224 18.34 -3.06 27.25
N VAL B 225 18.06 -4.26 27.77
CA VAL B 225 17.69 -5.42 26.98
C VAL B 225 16.18 -5.55 27.02
N THR B 226 15.55 -5.58 25.86
CA THR B 226 14.08 -5.76 25.79
C THR B 226 13.79 -7.04 24.99
N ILE B 227 13.20 -8.04 25.63
CA ILE B 227 12.89 -9.32 25.02
C ILE B 227 11.50 -9.23 24.38
N TYR B 228 11.38 -9.66 23.13
CA TYR B 228 10.13 -9.68 22.38
C TYR B 228 9.70 -11.12 22.11
N GLU B 229 8.38 -11.28 22.10
CA GLU B 229 7.73 -12.53 21.76
C GLU B 229 7.14 -12.43 20.37
N LEU B 230 7.47 -13.44 19.58
CA LEU B 230 6.99 -13.61 18.21
C LEU B 230 6.23 -14.94 18.06
N ASP B 231 5.31 -14.96 17.09
CA ASP B 231 4.59 -16.17 16.72
C ASP B 231 5.39 -16.89 15.64
N ALA B 232 5.98 -18.02 16.02
CA ALA B 232 6.85 -18.76 15.06
C ALA B 232 6.08 -19.28 13.85
N THR B 233 4.77 -19.42 13.97
CA THR B 233 3.93 -19.87 12.86
C THR B 233 3.58 -18.79 11.86
N GLY B 234 3.77 -17.53 12.22
CA GLY B 234 3.46 -16.43 11.33
C GLY B 234 1.99 -16.09 11.25
N GLU B 235 1.15 -16.75 12.05
CA GLU B 235 -0.28 -16.45 12.08
C GLU B 235 -0.51 -15.02 12.55
N ARG B 236 0.11 -14.67 13.69
CA ARG B 236 0.14 -13.32 14.20
C ARG B 236 1.31 -12.62 13.52
N ASN B 237 1.06 -11.48 12.90
CA ASN B 237 2.10 -10.76 12.16
C ASN B 237 2.69 -9.55 12.87
N TRP B 238 2.66 -9.59 14.20
CA TRP B 238 3.23 -8.53 15.02
C TRP B 238 3.94 -9.10 16.25
N ALA B 239 4.91 -8.35 16.75
CA ALA B 239 5.68 -8.72 17.93
C ALA B 239 5.15 -8.00 19.17
N ARG B 240 5.30 -8.67 20.31
CA ARG B 240 4.84 -8.20 21.59
C ARG B 240 6.05 -8.11 22.54
N ALA B 241 6.31 -6.94 23.14
CA ALA B 241 7.36 -6.89 24.15
C ALA B 241 6.99 -7.82 25.31
N PHE B 242 7.96 -8.57 25.83
CA PHE B 242 7.73 -9.50 26.91
C PHE B 242 8.23 -8.88 28.24
N TYR B 243 9.48 -8.45 28.27
CA TYR B 243 10.02 -7.80 29.46
C TYR B 243 11.26 -7.03 29.07
N ASN B 244 11.68 -6.07 29.90
CA ASN B 244 12.99 -5.46 29.73
C ASN B 244 13.81 -5.50 31.02
N TYR B 245 15.09 -5.20 30.89
CA TYR B 245 15.99 -5.09 32.04
C TYR B 245 17.21 -4.27 31.69
N ARG B 246 17.72 -3.53 32.67
CA ARG B 246 19.00 -2.85 32.52
C ARG B 246 20.12 -3.87 32.69
N TRP B 247 21.11 -3.72 31.81
CA TRP B 247 22.28 -4.51 31.86
C TRP B 247 23.05 -4.20 33.14
N THR B 248 23.35 -5.27 33.88
CA THR B 248 24.21 -5.17 35.03
C THR B 248 25.48 -5.95 34.76
N PRO B 249 26.59 -5.59 35.41
CA PRO B 249 27.85 -6.26 35.08
C PRO B 249 27.73 -7.77 35.15
N GLN B 250 28.16 -8.42 34.08
CA GLN B 250 28.05 -9.86 33.94
C GLN B 250 29.44 -10.45 33.87
N LYS B 251 29.73 -11.38 34.77
CA LYS B 251 31.00 -12.10 34.80
C LYS B 251 30.85 -13.36 33.97
N ASP B 252 31.65 -13.49 32.91
CA ASP B 252 31.59 -14.65 32.03
C ASP B 252 32.24 -15.88 32.65
N PRO B 253 32.00 -17.08 32.06
CA PRO B 253 32.53 -18.29 32.68
C PRO B 253 34.05 -18.39 32.79
N PHE B 254 34.78 -17.54 32.05
CA PHE B 254 36.23 -17.42 32.22
C PHE B 254 36.64 -16.32 33.18
N GLY B 255 35.66 -15.66 33.80
CA GLY B 255 35.94 -14.70 34.87
C GLY B 255 36.06 -13.26 34.46
N VAL B 256 35.87 -12.95 33.19
CA VAL B 256 35.95 -11.57 32.76
C VAL B 256 34.59 -10.88 33.00
N VAL B 257 34.65 -9.72 33.63
CA VAL B 257 33.44 -8.98 33.96
C VAL B 257 33.17 -7.99 32.85
N HIS B 258 31.90 -7.96 32.45
CA HIS B 258 31.40 -7.15 31.35
C HIS B 258 30.35 -6.14 31.90
N PRO B 259 30.78 -4.91 32.23
CA PRO B 259 29.87 -3.92 32.80
C PRO B 259 29.05 -3.23 31.73
N ILE B 260 29.51 -3.33 30.47
CA ILE B 260 28.71 -3.00 29.29
C ILE B 260 28.73 -4.20 28.34
N VAL B 261 27.91 -4.14 27.30
CA VAL B 261 27.85 -5.23 26.35
C VAL B 261 29.02 -5.09 25.37
N ASP B 262 30.18 -5.54 25.80
CA ASP B 262 31.40 -5.31 25.04
C ASP B 262 31.93 -6.58 24.36
N TYR B 263 31.24 -7.69 24.56
CA TYR B 263 31.67 -8.97 24.01
C TYR B 263 30.41 -9.79 23.78
N PRO B 264 30.28 -10.42 22.62
CA PRO B 264 29.01 -11.06 22.28
C PRO B 264 28.78 -12.45 22.89
N GLY B 265 27.54 -12.75 23.22
CA GLY B 265 27.19 -14.10 23.64
C GLY B 265 27.50 -14.47 25.07
N VAL B 266 27.71 -13.48 25.94
CA VAL B 266 27.92 -13.75 27.37
C VAL B 266 26.63 -14.18 28.04
N PRO B 267 26.67 -15.30 28.77
CA PRO B 267 25.45 -15.75 29.41
C PRO B 267 25.04 -14.86 30.55
N VAL B 268 23.83 -14.35 30.50
CA VAL B 268 23.34 -13.43 31.54
C VAL B 268 22.85 -14.26 32.71
N ASP B 269 23.23 -13.85 33.92
CA ASP B 269 22.78 -14.49 35.15
C ASP B 269 21.50 -13.78 35.56
N HIS B 270 20.38 -14.47 35.41
CA HIS B 270 19.09 -13.86 35.64
C HIS B 270 18.76 -13.61 37.08
N SER B 271 19.63 -14.04 37.99
CA SER B 271 19.50 -13.63 39.38
C SER B 271 20.16 -12.28 39.63
N THR B 272 20.81 -11.69 38.62
CA THR B 272 21.53 -10.41 38.80
C THR B 272 20.93 -9.24 38.02
N ILE B 273 19.73 -9.44 37.49
CA ILE B 273 19.03 -8.41 36.72
C ILE B 273 17.63 -8.29 37.27
N SER B 274 17.01 -7.15 37.03
CA SER B 274 15.61 -7.02 37.45
CA SER B 274 15.63 -6.86 37.48
C SER B 274 14.72 -6.74 36.25
N LYS B 275 13.85 -7.71 36.01
CA LYS B 275 12.97 -7.68 34.84
C LYS B 275 11.73 -6.87 35.11
N ASN B 276 11.31 -6.14 34.09
CA ASN B 276 10.09 -5.40 34.14
C ASN B 276 9.24 -5.98 33.04
N TYR B 277 8.13 -6.61 33.43
CA TYR B 277 7.24 -7.29 32.51
C TYR B 277 6.17 -6.42 31.86
N ASN B 278 5.92 -5.22 32.34
CA ASN B 278 4.79 -4.50 31.70
C ASN B 278 5.05 -3.64 30.43
N VAL B 279 6.09 -3.98 29.68
CA VAL B 279 6.68 -3.01 28.78
CA VAL B 279 6.77 -3.11 28.72
C VAL B 279 6.02 -2.96 27.40
N LEU B 280 5.98 -1.73 26.86
CA LEU B 280 5.35 -1.42 25.58
C LEU B 280 3.97 -2.09 25.47
N LYS B 281 3.20 -1.90 26.52
CA LYS B 281 1.94 -2.59 26.70
C LYS B 281 0.96 -2.31 25.56
N ASN B 282 0.49 -3.40 24.93
CA ASN B 282 -0.52 -3.39 23.85
C ASN B 282 -0.07 -2.64 22.61
N ILE B 283 1.23 -2.50 22.45
CA ILE B 283 1.80 -1.99 21.21
C ILE B 283 2.13 -3.19 20.31
N ARG B 284 1.66 -3.14 19.07
CA ARG B 284 1.77 -4.24 18.12
C ARG B 284 2.78 -3.85 17.06
N VAL B 285 4.02 -4.33 17.25
CA VAL B 285 5.12 -4.01 16.40
C VAL B 285 5.14 -4.89 15.16
N PRO B 286 5.03 -4.29 13.96
CA PRO B 286 5.00 -5.10 12.75
C PRO B 286 6.26 -5.92 12.55
N VAL B 287 6.09 -7.17 12.15
CA VAL B 287 7.21 -8.06 11.89
C VAL B 287 7.69 -7.81 10.45
N ARG B 288 8.99 -7.77 10.29
CA ARG B 288 9.65 -7.54 8.99
C ARG B 288 10.91 -8.43 8.97
N PRO B 289 10.74 -9.76 8.84
CA PRO B 289 11.93 -10.58 9.03
C PRO B 289 12.98 -10.35 7.94
N HIS B 290 14.23 -10.30 8.35
CA HIS B 290 15.32 -10.04 7.41
C HIS B 290 16.63 -10.50 7.98
N PHE B 291 17.61 -10.68 7.10
CA PHE B 291 19.00 -10.95 7.49
C PHE B 291 19.81 -9.70 7.52
N GLY B 292 20.26 -9.33 8.73
CA GLY B 292 21.02 -8.11 8.90
C GLY B 292 22.35 -8.16 8.19
N THR B 293 23.00 -9.33 8.20
CA THR B 293 24.36 -9.49 7.68
C THR B 293 24.34 -10.61 6.63
N MSE B 294 24.74 -10.25 5.41
CA MSE B 294 24.68 -11.13 4.28
C MSE B 294 25.62 -10.56 3.21
O MSE B 294 25.54 -9.38 2.89
CB MSE B 294 23.24 -11.22 3.77
CG MSE B 294 23.05 -12.30 2.79
SE MSE B 294 21.14 -12.44 2.52
CE MSE B 294 21.13 -12.40 0.69
N GLY B 295 26.53 -11.37 2.71
CA GLY B 295 27.47 -10.88 1.71
C GLY B 295 28.58 -11.85 1.40
N LEU B 296 29.60 -11.31 0.71
CA LEU B 296 30.71 -12.10 0.16
CA LEU B 296 30.70 -12.11 0.16
C LEU B 296 32.04 -11.63 0.70
N ALA B 297 32.90 -12.56 1.08
CA ALA B 297 34.16 -12.17 1.68
C ALA B 297 34.93 -11.15 0.82
N PRO B 298 35.41 -10.07 1.41
CA PRO B 298 36.24 -9.13 0.66
C PRO B 298 37.71 -9.54 0.56
N LYS B 299 38.43 -8.87 -0.35
CA LYS B 299 39.83 -9.15 -0.61
CA LYS B 299 39.84 -9.18 -0.58
C LYS B 299 40.81 -8.43 0.34
N GLU B 300 40.40 -7.26 0.86
CA GLU B 300 41.39 -6.36 1.48
C GLU B 300 42.08 -6.85 2.73
N ALA B 301 41.48 -7.77 3.47
CA ALA B 301 42.12 -8.33 4.66
C ALA B 301 41.66 -9.75 4.87
N ASP B 302 42.45 -10.52 5.59
CA ASP B 302 42.13 -11.90 5.88
C ASP B 302 41.06 -12.05 6.96
N LEU B 303 41.04 -11.15 7.96
CA LEU B 303 39.96 -11.13 8.95
C LEU B 303 39.32 -9.74 8.92
N VAL B 304 38.01 -9.71 8.70
CA VAL B 304 37.26 -8.46 8.56
C VAL B 304 36.07 -8.42 9.54
N ASN B 305 36.07 -7.41 10.38
CA ASN B 305 35.04 -7.15 11.37
C ASN B 305 33.67 -7.22 10.71
N SER B 306 32.74 -8.02 11.26
CA SER B 306 31.44 -8.18 10.66
C SER B 306 30.51 -6.97 10.82
N VAL B 307 30.89 -6.01 11.68
CA VAL B 307 29.99 -4.88 11.97
C VAL B 307 29.80 -3.90 10.78
N PRO B 308 30.88 -3.37 10.19
CA PRO B 308 30.62 -2.45 9.09
C PRO B 308 30.27 -3.03 7.71
N PRO B 309 29.14 -2.59 7.12
CA PRO B 309 28.83 -3.06 5.76
C PRO B 309 29.75 -2.34 4.79
N SER B 310 29.81 -2.83 3.56
CA SER B 310 30.65 -2.23 2.54
C SER B 310 30.18 -2.75 1.16
N HIS B 311 30.97 -2.44 0.13
CA HIS B 311 30.77 -2.94 -1.22
C HIS B 311 30.43 -4.43 -1.27
N PHE B 312 31.01 -5.23 -0.38
CA PHE B 312 30.85 -6.68 -0.41
C PHE B 312 29.54 -7.16 0.20
N GLY B 313 28.76 -6.24 0.77
CA GLY B 313 27.56 -6.60 1.51
C GLY B 313 27.87 -6.49 2.99
N GLY B 314 27.57 -7.57 3.71
CA GLY B 314 27.74 -7.63 5.13
C GLY B 314 26.53 -7.09 5.86
N ASN B 315 26.82 -6.34 6.92
CA ASN B 315 25.88 -5.91 7.93
C ASN B 315 25.13 -4.65 7.54
N ILE B 316 24.40 -4.75 6.46
CA ILE B 316 23.66 -3.62 5.90
C ILE B 316 22.51 -3.15 6.82
N ASP B 317 21.83 -4.11 7.50
CA ASP B 317 20.71 -3.78 8.39
C ASP B 317 19.64 -2.93 7.67
N ASN B 318 19.26 -3.44 6.50
CA ASN B 318 18.08 -3.03 5.75
C ASN B 318 16.96 -4.04 5.96
N TRP B 319 15.91 -3.56 6.62
CA TRP B 319 14.76 -4.40 6.96
C TRP B 319 14.13 -5.06 5.73
N ARG B 320 14.41 -4.54 4.54
CA ARG B 320 13.82 -5.07 3.31
C ARG B 320 14.51 -6.36 2.78
N ILE B 321 15.64 -6.75 3.38
CA ILE B 321 16.44 -7.86 2.87
C ILE B 321 15.86 -9.15 3.47
N GLY B 322 14.71 -9.58 2.96
CA GLY B 322 14.02 -10.73 3.51
C GLY B 322 13.28 -11.45 2.41
N LYS B 323 12.24 -12.21 2.77
CA LYS B 323 11.51 -13.02 1.83
C LYS B 323 10.97 -12.21 0.67
N GLY B 324 11.25 -12.71 -0.54
CA GLY B 324 10.84 -12.03 -1.78
C GLY B 324 11.83 -11.03 -2.34
N ALA B 325 12.93 -10.82 -1.64
CA ALA B 325 14.00 -9.92 -2.08
C ALA B 325 15.03 -10.74 -2.81
N THR B 326 15.67 -10.12 -3.80
CA THR B 326 16.85 -10.68 -4.45
C THR B 326 18.03 -9.70 -4.26
N MSE B 327 19.15 -10.21 -3.75
CA MSE B 327 20.32 -9.37 -3.55
C MSE B 327 21.35 -9.70 -4.62
O MSE B 327 21.44 -10.85 -5.07
CB MSE B 327 20.99 -9.64 -2.20
CG MSE B 327 20.20 -9.14 -1.01
SE MSE B 327 19.98 -7.20 -1.00
CE MSE B 327 21.86 -6.69 -0.98
N TYR B 328 22.13 -8.71 -4.99
CA TYR B 328 23.22 -8.89 -5.92
C TYR B 328 24.47 -8.30 -5.28
N TYR B 329 25.52 -9.10 -5.22
CA TYR B 329 26.82 -8.68 -4.62
C TYR B 329 27.94 -8.81 -5.63
N PRO B 330 28.87 -7.83 -5.63
CA PRO B 330 30.10 -8.03 -6.42
C PRO B 330 30.96 -9.11 -5.81
N VAL B 331 31.53 -9.98 -6.65
CA VAL B 331 32.44 -11.00 -6.20
C VAL B 331 33.85 -10.42 -6.15
N SER B 332 34.51 -10.52 -5.00
CA SER B 332 35.87 -9.97 -4.85
CA SER B 332 35.86 -9.97 -4.77
C SER B 332 36.96 -11.04 -4.76
N VAL B 333 36.59 -12.25 -4.31
CA VAL B 333 37.54 -13.35 -4.30
CA VAL B 333 37.50 -13.37 -4.16
C VAL B 333 36.95 -14.60 -4.92
N ALA B 334 37.84 -15.43 -5.44
CA ALA B 334 37.44 -16.68 -6.10
C ALA B 334 36.54 -17.48 -5.21
N GLY B 335 35.45 -18.00 -5.79
CA GLY B 335 34.49 -18.79 -5.05
C GLY B 335 33.41 -17.94 -4.42
N GLY B 336 33.60 -16.62 -4.39
CA GLY B 336 32.58 -15.72 -3.81
C GLY B 336 32.57 -15.69 -2.29
N LEU B 337 32.28 -16.83 -1.67
CA LEU B 337 32.38 -17.02 -0.22
C LEU B 337 31.30 -16.22 0.50
N PHE B 338 30.08 -16.70 0.32
CA PHE B 338 28.86 -16.09 0.86
C PHE B 338 28.61 -16.53 2.29
N SER B 339 28.26 -15.61 3.19
CA SER B 339 27.80 -15.96 4.53
C SER B 339 26.59 -15.11 4.88
N VAL B 340 25.81 -15.61 5.83
CA VAL B 340 24.59 -14.95 6.24
C VAL B 340 24.35 -15.16 7.73
N GLY B 341 23.87 -14.10 8.37
CA GLY B 341 23.60 -14.11 9.80
C GLY B 341 22.95 -12.82 10.26
N ASP B 342 23.13 -12.51 11.54
CA ASP B 342 22.45 -11.39 12.16
C ASP B 342 20.96 -11.33 11.79
N PRO B 343 20.24 -12.43 12.02
CA PRO B 343 18.84 -12.43 11.68
C PRO B 343 18.05 -11.47 12.58
N HIS B 344 17.09 -10.78 11.97
CA HIS B 344 16.19 -9.85 12.65
C HIS B 344 14.74 -10.18 12.42
N ALA B 345 13.92 -10.11 13.45
CA ALA B 345 12.46 -10.20 13.29
C ALA B 345 11.79 -8.93 12.79
N SER B 346 12.34 -7.79 13.18
CA SER B 346 11.91 -6.51 12.67
CA SER B 346 11.82 -6.47 12.85
C SER B 346 12.95 -5.45 13.01
N GLN B 347 12.82 -4.31 12.33
CA GLN B 347 13.75 -3.21 12.49
C GLN B 347 13.12 -2.02 11.81
N GLY B 348 13.42 -0.83 12.33
CA GLY B 348 13.11 0.42 11.67
C GLY B 348 14.29 0.95 10.90
N ASP B 349 14.01 1.79 9.91
CA ASP B 349 15.05 2.53 9.19
C ASP B 349 15.75 3.50 10.18
N SER B 350 16.99 3.14 10.51
CA SER B 350 17.97 3.83 11.36
C SER B 350 18.60 2.88 12.38
N GLU B 351 17.86 1.87 12.80
CA GLU B 351 18.30 0.94 13.85
C GLU B 351 18.84 1.71 15.07
N MSE B 352 18.10 2.76 15.44
CA MSE B 352 18.57 3.84 16.30
C MSE B 352 19.39 3.40 17.51
O MSE B 352 20.47 3.96 17.77
CB MSE B 352 17.34 4.62 16.81
CG MSE B 352 17.60 5.85 17.65
SE MSE B 352 18.44 7.24 16.61
CE MSE B 352 16.84 7.70 15.57
N CYS B 353 18.88 2.43 18.25
CA CYS B 353 19.44 2.10 19.55
C CYS B 353 20.66 1.15 19.49
N GLY B 354 20.98 0.69 18.28
CA GLY B 354 22.16 -0.11 18.03
C GLY B 354 21.87 -1.55 17.62
N THR B 355 20.64 -1.99 17.86
CA THR B 355 20.20 -3.33 17.41
C THR B 355 18.73 -3.30 16.98
N ALA B 356 18.31 -4.39 16.33
CA ALA B 356 16.94 -4.60 15.84
C ALA B 356 16.22 -5.51 16.85
N ILE B 357 15.12 -6.19 16.46
CA ILE B 357 14.71 -7.37 17.25
C ILE B 357 15.56 -8.50 16.72
N GLU B 358 16.58 -8.84 17.50
CA GLU B 358 17.59 -9.81 17.11
C GLU B 358 16.99 -11.19 17.43
N CYS B 359 16.80 -12.01 16.40
CA CYS B 359 15.93 -13.15 16.51
C CYS B 359 16.33 -14.15 15.46
N SER B 360 16.49 -15.41 15.86
CA SER B 360 16.95 -16.46 14.95
C SER B 360 15.95 -16.78 13.81
N LEU B 361 16.49 -17.00 12.61
CA LEU B 361 15.70 -17.24 11.38
C LEU B 361 16.40 -18.29 10.52
N THR B 362 15.60 -19.01 9.74
CA THR B 362 16.13 -19.93 8.73
C THR B 362 15.62 -19.44 7.39
N GLY B 363 16.54 -19.33 6.43
CA GLY B 363 16.18 -18.89 5.10
C GLY B 363 16.43 -19.96 4.08
N THR B 364 15.68 -19.88 2.99
CA THR B 364 15.99 -20.66 1.81
C THR B 364 16.33 -19.73 0.68
N PHE B 365 17.45 -20.02 0.02
CA PHE B 365 18.08 -19.14 -0.97
C PHE B 365 18.38 -19.88 -2.27
N GLN B 366 18.34 -19.18 -3.40
CA GLN B 366 18.91 -19.67 -4.67
C GLN B 366 20.04 -18.75 -5.10
N PHE B 367 21.12 -19.38 -5.55
CA PHE B 367 22.36 -18.68 -5.93
C PHE B 367 22.52 -18.76 -7.41
N ILE B 368 22.67 -17.59 -8.05
CA ILE B 368 22.87 -17.49 -9.49
C ILE B 368 24.11 -16.63 -9.79
N LEU B 369 25.10 -17.23 -10.46
CA LEU B 369 26.31 -16.53 -10.86
C LEU B 369 26.13 -15.77 -12.18
N HIS B 370 26.51 -14.51 -12.16
CA HIS B 370 26.53 -13.69 -13.36
C HIS B 370 27.97 -13.33 -13.67
N LYS B 371 28.44 -13.78 -14.82
CA LYS B 371 29.81 -13.51 -15.23
C LYS B 371 30.02 -12.08 -15.66
N LYS B 372 31.21 -11.58 -15.35
CA LYS B 372 31.56 -10.20 -15.65
C LYS B 372 31.26 -9.85 -17.09
N ALA B 373 31.57 -10.78 -17.97
CA ALA B 373 31.45 -10.57 -19.40
C ALA B 373 30.00 -10.38 -19.82
N ASP B 374 29.06 -10.91 -19.03
CA ASP B 374 27.62 -10.76 -19.32
C ASP B 374 26.87 -9.63 -18.62
N LEU B 375 27.56 -8.85 -17.80
CA LEU B 375 26.92 -7.74 -17.08
C LEU B 375 26.48 -6.55 -17.92
N PRO B 376 27.31 -6.17 -18.91
CA PRO B 376 26.91 -4.97 -19.64
C PRO B 376 25.51 -5.07 -20.24
N GLY B 377 24.74 -3.98 -20.26
CA GLY B 377 23.41 -3.98 -20.89
C GLY B 377 22.32 -4.59 -20.03
N THR B 378 22.63 -4.78 -18.75
CA THR B 378 21.70 -5.36 -17.77
C THR B 378 21.71 -4.44 -16.57
N PRO B 379 20.78 -4.62 -15.60
CA PRO B 379 20.80 -3.89 -14.35
C PRO B 379 22.05 -4.10 -13.48
N LEU B 380 22.85 -5.14 -13.78
CA LEU B 380 24.08 -5.44 -13.06
C LEU B 380 25.33 -4.85 -13.72
N ALA B 381 25.18 -4.04 -14.76
CA ALA B 381 26.32 -3.46 -15.46
C ALA B 381 27.24 -2.72 -14.48
N ASP B 382 28.53 -3.07 -14.48
CA ASP B 382 29.51 -2.45 -13.61
C ASP B 382 29.00 -2.31 -12.17
N LEU B 383 28.29 -3.32 -11.69
CA LEU B 383 27.78 -3.29 -10.31
C LEU B 383 28.93 -3.46 -9.29
N GLN B 384 29.06 -2.48 -8.39
CA GLN B 384 30.15 -2.44 -7.41
C GLN B 384 29.69 -2.39 -5.96
N TYR B 385 28.41 -2.64 -5.72
CA TYR B 385 27.83 -2.46 -4.39
C TYR B 385 26.63 -3.41 -4.27
N PRO B 386 26.08 -3.55 -3.06
CA PRO B 386 24.93 -4.41 -2.83
C PRO B 386 23.63 -3.80 -3.35
N LEU B 387 23.03 -4.51 -4.27
CA LEU B 387 21.79 -4.07 -4.95
C LEU B 387 20.65 -5.01 -4.60
N LEU B 388 19.52 -4.42 -4.19
CA LEU B 388 18.33 -5.16 -3.80
CA LEU B 388 18.32 -5.16 -3.80
C LEU B 388 17.23 -5.01 -4.86
N GLU B 389 16.61 -6.11 -5.24
CA GLU B 389 15.48 -6.08 -6.17
C GLU B 389 14.27 -6.76 -5.55
N THR B 390 13.12 -6.12 -5.66
CA THR B 390 11.85 -6.82 -5.39
C THR B 390 11.02 -6.86 -6.66
N GLN B 391 9.81 -7.42 -6.60
CA GLN B 391 8.96 -7.46 -7.77
C GLN B 391 8.73 -6.05 -8.32
N ASP B 392 8.64 -5.08 -7.43
CA ASP B 392 8.30 -3.72 -7.87
C ASP B 392 9.30 -2.60 -7.65
N GLU B 393 10.44 -2.87 -7.03
CA GLU B 393 11.38 -1.80 -6.75
C GLU B 393 12.80 -2.27 -6.91
N TRP B 394 13.69 -1.27 -7.10
CA TRP B 394 15.11 -1.45 -6.87
C TRP B 394 15.49 -0.63 -5.66
N VAL B 395 16.36 -1.18 -4.80
CA VAL B 395 16.88 -0.49 -3.61
C VAL B 395 18.40 -0.60 -3.61
N LEU B 396 19.06 0.57 -3.65
CA LEU B 396 20.53 0.72 -3.72
C LEU B 396 21.07 1.14 -2.36
N HIS B 397 22.24 0.61 -1.98
CA HIS B 397 22.79 0.84 -0.67
C HIS B 397 24.02 1.72 -0.76
N GLY B 398 23.91 2.93 -0.20
CA GLY B 398 25.00 3.85 0.06
C GLY B 398 25.56 3.69 1.46
N PHE B 399 26.83 4.02 1.59
CA PHE B 399 27.53 3.92 2.87
C PHE B 399 28.41 5.16 3.01
N SER B 400 28.86 5.45 4.23
CA SER B 400 29.76 6.61 4.45
C SER B 400 31.00 6.52 3.54
N TYR B 401 31.51 5.29 3.37
CA TYR B 401 32.54 4.97 2.39
C TYR B 401 32.11 3.77 1.57
N ALA B 402 32.07 3.90 0.27
CA ALA B 402 31.62 2.80 -0.58
C ALA B 402 32.37 1.49 -0.35
N ASN B 403 33.69 1.56 -0.35
CA ASN B 403 34.56 0.45 0.05
C ASN B 403 35.47 1.00 1.14
N TYR B 404 35.04 0.83 2.40
CA TYR B 404 35.72 1.48 3.51
C TYR B 404 37.11 0.87 3.72
N LEU B 405 37.23 -0.41 3.42
CA LEU B 405 38.49 -1.12 3.55
C LEU B 405 39.55 -0.51 2.62
N ALA B 406 39.18 -0.21 1.39
CA ALA B 406 40.10 0.34 0.42
C ALA B 406 40.27 1.82 0.68
N GLU B 407 39.17 2.50 0.97
CA GLU B 407 39.21 3.96 0.98
C GLU B 407 39.87 4.54 2.23
N LEU B 408 39.83 3.81 3.34
CA LEU B 408 40.37 4.27 4.62
C LEU B 408 41.74 3.66 4.86
N GLY B 409 42.22 2.85 3.93
CA GLY B 409 43.61 2.39 4.00
C GLY B 409 43.82 1.37 5.09
N PRO B 410 45.08 1.13 5.47
CA PRO B 410 45.39 0.01 6.37
C PRO B 410 44.66 -0.01 7.70
N ASP B 411 44.42 1.15 8.28
CA ASP B 411 43.78 1.25 9.59
C ASP B 411 42.25 1.26 9.54
N ALA B 412 41.67 1.00 8.36
CA ALA B 412 40.21 1.09 8.11
C ALA B 412 39.33 0.49 9.19
N GLN B 413 39.70 -0.68 9.67
CA GLN B 413 38.81 -1.39 10.60
C GLN B 413 38.79 -0.78 11.97
N ASN B 414 39.75 0.10 12.28
CA ASN B 414 39.68 0.93 13.48
C ASN B 414 39.09 2.31 13.20
N SER B 415 39.62 2.98 12.18
CA SER B 415 39.23 4.35 11.86
C SER B 415 37.77 4.54 11.41
N ILE B 416 37.17 3.50 10.81
CA ILE B 416 35.81 3.65 10.31
C ILE B 416 34.86 4.10 11.44
N PHE B 417 35.10 3.63 12.67
CA PHE B 417 34.21 3.99 13.78
C PHE B 417 34.33 5.46 14.22
N SER B 418 35.40 6.14 13.80
CA SER B 418 35.62 7.55 14.04
CA SER B 418 35.54 7.56 14.07
C SER B 418 35.28 8.43 12.84
N LYS B 419 34.86 7.82 11.74
CA LYS B 419 34.66 8.53 10.48
C LYS B 419 33.22 8.45 9.94
N SER B 420 32.31 7.91 10.74
CA SER B 420 30.94 7.74 10.31
C SER B 420 30.26 9.04 9.94
N SER B 421 29.39 8.99 8.92
CA SER B 421 28.73 10.18 8.43
C SER B 421 27.53 9.85 7.56
N LEU B 422 26.36 10.39 7.89
CA LEU B 422 25.19 10.30 7.01
C LEU B 422 25.34 11.15 5.76
N ASP B 423 25.99 12.29 5.89
CA ASP B 423 26.18 13.16 4.74
C ASP B 423 27.03 12.45 3.70
N LEU B 424 28.12 11.82 4.11
CA LEU B 424 28.91 11.03 3.17
C LEU B 424 28.13 9.88 2.55
N ALA B 425 27.31 9.23 3.37
CA ALA B 425 26.47 8.11 2.90
C ALA B 425 25.46 8.52 1.84
N LEU B 426 24.89 9.72 1.99
CA LEU B 426 23.96 10.21 1.00
C LEU B 426 24.71 10.58 -0.27
N LYS B 427 25.91 11.15 -0.13
CA LYS B 427 26.74 11.40 -1.33
C LYS B 427 26.97 10.10 -2.10
N ASP B 428 27.29 9.05 -1.35
CA ASP B 428 27.55 7.75 -1.93
C ASP B 428 26.29 7.17 -2.62
N ALA B 429 25.14 7.32 -1.96
CA ALA B 429 23.90 6.87 -2.53
C ALA B 429 23.58 7.65 -3.81
N PHE B 430 23.89 8.95 -3.80
CA PHE B 430 23.71 9.76 -5.01
C PHE B 430 24.50 9.18 -6.18
N ARG B 431 25.78 8.93 -5.92
CA ARG B 431 26.67 8.41 -6.95
C ARG B 431 26.17 7.07 -7.52
N LYS B 432 25.69 6.23 -6.62
CA LYS B 432 25.22 4.88 -7.02
C LYS B 432 23.93 4.98 -7.79
N MSE B 433 22.98 5.80 -7.35
CA MSE B 433 21.76 5.96 -8.12
C MSE B 433 22.01 6.62 -9.48
O MSE B 433 21.42 6.23 -10.49
CB MSE B 433 20.66 6.71 -7.34
CG MSE B 433 19.32 6.86 -8.07
SE MSE B 433 18.48 5.22 -8.62
CE MSE B 433 17.68 4.59 -6.96
N ARG B 434 22.95 7.57 -9.53
CA ARG B 434 23.31 8.14 -10.82
C ARG B 434 23.85 7.04 -11.74
N HIS B 435 24.74 6.22 -11.21
CA HIS B 435 25.35 5.13 -11.97
C HIS B 435 24.27 4.17 -12.48
N PHE B 436 23.38 3.76 -11.58
CA PHE B 436 22.33 2.83 -11.97
C PHE B 436 21.47 3.37 -13.11
N LEU B 437 21.07 4.63 -12.95
CA LEU B 437 20.23 5.29 -13.95
C LEU B 437 20.96 5.51 -15.26
N MSE B 438 22.20 5.97 -15.19
CA MSE B 438 22.97 6.21 -16.43
C MSE B 438 23.34 4.93 -17.16
O MSE B 438 23.26 4.83 -18.38
CB MSE B 438 24.23 7.02 -16.14
CG MSE B 438 23.94 8.47 -15.70
SE MSE B 438 25.51 9.51 -15.32
CE MSE B 438 26.30 9.52 -17.10
N GLN B 439 23.78 3.94 -16.41
CA GLN B 439 24.37 2.75 -16.98
C GLN B 439 23.39 1.62 -17.22
N THR B 440 22.20 1.66 -16.61
CA THR B 440 21.20 0.60 -16.78
C THR B 440 19.87 1.10 -17.33
N GLN B 441 19.58 2.39 -17.20
CA GLN B 441 18.28 2.90 -17.64
C GLN B 441 18.39 3.93 -18.77
N ASN B 442 19.56 4.01 -19.41
CA ASN B 442 19.74 4.83 -20.62
C ASN B 442 19.49 6.33 -20.41
N LEU B 443 19.81 6.82 -19.22
CA LEU B 443 19.63 8.25 -18.91
C LEU B 443 20.96 8.98 -18.94
N THR B 444 20.91 10.25 -19.31
CA THR B 444 22.06 11.14 -19.23
C THR B 444 22.21 11.55 -17.74
N GLU B 445 23.30 12.19 -17.42
CA GLU B 445 23.51 12.71 -16.10
C GLU B 445 22.39 13.69 -15.70
N ASP B 446 22.06 14.61 -16.61
CA ASP B 446 21.03 15.63 -16.33
C ASP B 446 19.66 14.98 -16.12
N GLU B 447 19.38 13.91 -16.86
CA GLU B 447 18.13 13.19 -16.71
C GLU B 447 18.10 12.50 -15.37
N ALA B 448 19.19 11.84 -15.02
CA ALA B 448 19.30 11.09 -13.76
C ALA B 448 19.18 12.02 -12.55
N VAL B 449 19.82 13.17 -12.62
CA VAL B 449 19.79 14.17 -11.52
C VAL B 449 18.37 14.68 -11.28
N SER B 450 17.66 15.00 -12.36
CA SER B 450 16.26 15.43 -12.25
C SER B 450 15.40 14.31 -11.66
N LEU B 451 15.46 13.12 -12.26
CA LEU B 451 14.59 12.03 -11.83
C LEU B 451 14.81 11.69 -10.37
N MSE B 452 16.05 11.70 -9.91
CA MSE B 452 16.27 11.31 -8.52
C MSE B 452 15.83 12.36 -7.49
O MSE B 452 15.60 12.01 -6.36
CB MSE B 452 17.66 10.80 -8.27
CG MSE B 452 18.60 11.82 -8.02
SE MSE B 452 20.40 10.90 -7.67
CE MSE B 452 20.92 10.60 -9.43
N SER B 453 15.61 13.60 -7.91
CA SER B 453 15.07 14.65 -7.04
C SER B 453 13.57 14.59 -6.94
N ILE B 454 12.93 13.96 -7.92
CA ILE B 454 11.47 13.96 -8.02
C ILE B 454 10.82 12.58 -7.87
N GLY B 455 11.57 11.51 -8.06
CA GLY B 455 11.03 10.16 -8.13
C GLY B 455 11.88 9.05 -7.55
N VAL B 456 12.80 9.41 -6.67
CA VAL B 456 13.57 8.45 -5.91
C VAL B 456 13.47 8.95 -4.49
N ASP B 457 13.28 8.05 -3.53
CA ASP B 457 13.25 8.38 -2.10
C ASP B 457 14.48 7.79 -1.44
N PHE B 458 15.16 8.62 -0.65
CA PHE B 458 16.38 8.27 0.07
C PHE B 458 16.04 8.21 1.55
N GLY B 459 16.38 7.09 2.17
CA GLY B 459 16.17 6.89 3.59
C GLY B 459 17.42 6.51 4.35
N ILE B 460 17.29 6.52 5.67
CA ILE B 460 18.37 6.16 6.55
C ILE B 460 18.33 4.65 6.89
N THR B 461 19.39 3.92 6.52
CA THR B 461 19.37 2.47 6.74
C THR B 461 19.69 2.13 8.20
N GLN B 462 20.85 2.61 8.61
CA GLN B 462 21.36 2.41 9.95
C GLN B 462 22.47 3.42 10.24
N VAL B 463 22.58 3.79 11.52
CA VAL B 463 23.59 4.72 11.99
C VAL B 463 24.35 4.14 13.20
N VAL B 464 24.64 2.84 13.17
CA VAL B 464 25.19 2.16 14.33
C VAL B 464 26.28 1.13 13.99
N ASP B 465 26.65 1.03 12.71
CA ASP B 465 27.56 -0.03 12.25
C ASP B 465 28.89 0.53 11.78
N GLY B 466 29.25 1.74 12.20
CA GLY B 466 30.54 2.36 11.82
C GLY B 466 30.52 2.99 10.44
N ASN B 467 30.31 2.17 9.41
CA ASN B 467 30.04 2.67 8.08
C ASN B 467 28.53 2.80 7.98
N TRP B 468 28.03 4.02 8.13
CA TRP B 468 26.59 4.27 8.15
C TRP B 468 25.98 4.12 6.80
N GLY B 469 24.67 3.96 6.78
CA GLY B 469 23.97 3.62 5.52
C GLY B 469 22.76 4.46 5.19
N VAL B 470 22.68 4.81 3.90
CA VAL B 470 21.54 5.43 3.26
C VAL B 470 21.11 4.55 2.10
N HIS B 471 19.82 4.32 2.01
CA HIS B 471 19.31 3.58 0.85
C HIS B 471 18.50 4.46 -0.11
N ALA B 472 18.48 4.06 -1.37
CA ALA B 472 17.78 4.80 -2.42
C ALA B 472 16.75 3.89 -3.08
N VAL B 473 15.48 4.27 -3.07
CA VAL B 473 14.38 3.40 -3.56
C VAL B 473 13.75 3.98 -4.82
N VAL B 474 13.70 3.17 -5.87
CA VAL B 474 13.03 3.58 -7.10
C VAL B 474 12.08 2.47 -7.55
N LYS B 475 10.90 2.87 -7.99
CA LYS B 475 9.85 1.93 -8.45
C LYS B 475 10.13 1.50 -9.90
N LYS B 476 10.04 0.19 -10.17
CA LYS B 476 10.22 -0.34 -11.52
C LYS B 476 9.22 0.20 -12.53
N GLY B 477 8.01 0.40 -12.06
CA GLY B 477 6.85 0.62 -12.92
C GLY B 477 6.87 1.91 -13.68
N ILE B 478 7.69 2.88 -13.26
CA ILE B 478 7.74 4.17 -13.94
C ILE B 478 8.49 4.13 -15.28
N PHE B 479 9.33 3.11 -15.46
CA PHE B 479 10.26 3.07 -16.59
C PHE B 479 9.70 2.32 -17.79
N PRO B 480 10.14 2.69 -19.00
CA PRO B 480 9.72 1.97 -20.20
C PRO B 480 10.44 0.63 -20.40
N GLY B 481 11.56 0.43 -19.73
CA GLY B 481 12.34 -0.79 -19.97
C GLY B 481 13.05 -0.87 -21.32
N ARG B 482 13.98 -1.82 -21.43
CA ARG B 482 15.05 -1.71 -22.43
C ARG B 482 14.65 -2.16 -23.83
N GLY C 65 -10.89 38.16 -9.37
CA GLY C 65 -10.13 39.39 -8.96
C GLY C 65 -8.75 39.03 -8.41
N LEU C 66 -8.01 40.05 -7.99
CA LEU C 66 -6.63 39.85 -7.48
C LEU C 66 -6.46 40.29 -6.02
N THR C 67 -7.59 40.54 -5.36
CA THR C 67 -7.62 40.89 -3.95
CA THR C 67 -7.61 40.89 -3.94
C THR C 67 -8.42 39.82 -3.22
N SER C 68 -8.13 39.63 -1.94
CA SER C 68 -8.83 38.62 -1.18
CA SER C 68 -8.83 38.63 -1.15
C SER C 68 -10.34 38.90 -1.09
N GLY C 69 -11.10 37.81 -0.98
CA GLY C 69 -12.56 37.87 -0.89
C GLY C 69 -13.13 36.68 -0.14
N HIS C 70 -14.41 36.47 -0.31
CA HIS C 70 -15.08 35.37 0.38
C HIS C 70 -15.53 34.37 -0.66
N ALA C 71 -15.38 33.09 -0.34
CA ALA C 71 -16.05 32.06 -1.07
C ALA C 71 -17.39 31.79 -0.36
N THR C 72 -18.34 31.22 -1.07
CA THR C 72 -19.58 30.77 -0.44
C THR C 72 -19.41 29.36 0.12
N HIS C 73 -19.69 29.23 1.42
CA HIS C 73 -19.57 27.99 2.15
C HIS C 73 -20.70 27.95 3.13
N TYR C 74 -21.70 27.13 2.83
CA TYR C 74 -22.89 27.04 3.64
C TYR C 74 -22.68 25.99 4.71
N TYR C 75 -23.39 26.13 5.81
CA TYR C 75 -23.31 25.20 6.92
C TYR C 75 -24.73 24.68 7.19
N ILE C 76 -24.92 23.37 7.07
CA ILE C 76 -26.20 22.75 7.37
C ILE C 76 -26.11 21.82 8.60
N PRO C 77 -26.57 22.28 9.77
CA PRO C 77 -26.60 21.41 10.94
C PRO C 77 -27.71 20.40 10.80
N ALA C 78 -27.59 19.27 11.47
CA ALA C 78 -28.65 18.26 11.46
C ALA C 78 -29.72 18.64 12.46
N SER C 79 -30.97 18.69 12.00
CA SER C 79 -32.09 18.99 12.88
C SER C 79 -33.34 18.46 12.21
N ASP C 80 -34.45 18.52 12.93
CA ASP C 80 -35.71 18.13 12.34
C ASP C 80 -36.12 19.01 11.16
N LYS C 81 -35.46 20.14 10.97
CA LYS C 81 -35.78 21.00 9.82
C LYS C 81 -34.93 20.78 8.59
N THR C 82 -33.80 20.07 8.72
CA THR C 82 -32.84 19.98 7.61
C THR C 82 -32.66 18.57 7.07
N VAL C 83 -33.48 17.64 7.53
CA VAL C 83 -33.37 16.23 7.14
C VAL C 83 -34.71 15.70 6.66
N SER C 84 -34.66 14.69 5.80
CA SER C 84 -35.77 13.86 5.46
C SER C 84 -35.36 12.45 5.79
N TRP C 85 -36.29 11.71 6.38
CA TRP C 85 -35.95 10.39 6.89
C TRP C 85 -36.54 9.31 5.97
N GLY C 86 -35.66 8.60 5.26
CA GLY C 86 -35.99 7.34 4.60
C GLY C 86 -36.36 7.50 3.14
N PHE C 87 -36.20 8.69 2.56
CA PHE C 87 -36.59 8.89 1.15
C PHE C 87 -35.87 10.05 0.49
N PHE C 88 -35.70 9.92 -0.82
CA PHE C 88 -35.37 11.03 -1.73
C PHE C 88 -36.68 11.54 -2.32
N SER C 89 -36.74 12.82 -2.66
CA SER C 89 -37.89 13.35 -3.37
C SER C 89 -37.49 14.63 -4.08
N LYS C 90 -37.74 14.62 -5.39
CA LYS C 90 -37.52 15.79 -6.23
CA LYS C 90 -37.54 15.78 -6.24
C LYS C 90 -38.44 16.96 -5.89
N SER C 91 -39.46 16.74 -5.06
CA SER C 91 -40.39 17.79 -4.62
CA SER C 91 -40.36 17.85 -4.68
C SER C 91 -40.07 18.46 -3.28
N LEU C 92 -39.03 18.00 -2.62
CA LEU C 92 -38.64 18.57 -1.33
C LEU C 92 -38.02 19.94 -1.57
N LYS C 93 -38.45 20.90 -0.74
CA LYS C 93 -37.89 22.21 -0.80
C LYS C 93 -36.44 22.12 -0.42
N PRO C 94 -35.54 22.62 -1.28
CA PRO C 94 -34.13 22.63 -0.90
C PRO C 94 -33.83 23.45 0.35
N VAL C 95 -32.92 22.96 1.19
CA VAL C 95 -32.39 23.78 2.28
C VAL C 95 -31.76 25.06 1.78
N VAL C 96 -31.03 24.96 0.67
CA VAL C 96 -30.32 26.10 0.14
C VAL C 96 -30.01 25.80 -1.31
N GLU C 97 -29.83 26.88 -2.08
CA GLU C 97 -29.34 26.79 -3.43
C GLU C 97 -27.98 27.41 -3.48
N LEU C 98 -26.99 26.64 -3.95
CA LEU C 98 -25.62 27.11 -4.08
C LEU C 98 -25.26 27.19 -5.54
N GLU C 99 -24.07 27.71 -5.84
CA GLU C 99 -23.55 27.78 -7.21
C GLU C 99 -22.36 26.87 -7.37
N SER C 100 -22.07 26.52 -8.62
CA SER C 100 -20.94 25.68 -8.95
C SER C 100 -19.67 26.30 -8.39
N GLY C 101 -18.91 25.52 -7.65
CA GLY C 101 -17.68 25.96 -7.03
C GLY C 101 -17.85 26.19 -5.53
N ASP C 102 -19.10 26.30 -5.08
CA ASP C 102 -19.35 26.56 -3.68
C ASP C 102 -19.11 25.33 -2.80
N PHE C 103 -18.93 25.59 -1.51
CA PHE C 103 -18.72 24.58 -0.49
C PHE C 103 -19.94 24.49 0.42
N ALA C 104 -20.10 23.33 1.05
CA ALA C 104 -21.02 23.21 2.18
C ALA C 104 -20.40 22.26 3.20
N THR C 105 -20.54 22.59 4.49
CA THR C 105 -20.33 21.62 5.55
C THR C 105 -21.68 21.12 5.99
N ILE C 106 -21.84 19.81 6.02
CA ILE C 106 -23.16 19.16 6.20
C ILE C 106 -23.03 18.12 7.27
N GLU C 107 -23.76 18.36 8.36
CA GLU C 107 -23.85 17.38 9.44
C GLU C 107 -24.80 16.26 9.06
N THR C 108 -24.38 15.02 9.35
CA THR C 108 -25.25 13.87 9.16
C THR C 108 -25.39 13.06 10.42
N LEU C 109 -26.53 12.39 10.54
CA LEU C 109 -26.82 11.59 11.73
C LEU C 109 -27.07 10.15 11.34
N THR C 110 -26.55 9.22 12.14
CA THR C 110 -26.96 7.81 11.98
C THR C 110 -28.37 7.59 12.51
N HIS C 111 -29.14 6.88 11.70
CA HIS C 111 -30.52 6.41 12.03
C HIS C 111 -30.52 5.33 13.10
N HIS C 112 -29.33 4.86 13.50
CA HIS C 112 -29.19 3.91 14.60
C HIS C 112 -28.87 4.53 15.96
N SER C 113 -28.95 5.86 16.07
CA SER C 113 -28.60 6.54 17.31
C SER C 113 -29.39 6.07 18.53
N ASN C 114 -30.64 5.74 18.30
CA ASN C 114 -31.50 5.27 19.40
C ASN C 114 -31.26 3.82 19.82
N ASP C 115 -30.28 3.15 19.23
CA ASP C 115 -29.86 1.86 19.74
C ASP C 115 -29.18 1.99 21.11
N ASP C 116 -28.64 3.18 21.39
CA ASP C 116 -28.19 3.54 22.73
C ASP C 116 -28.19 5.07 22.84
N ALA C 117 -29.35 5.58 23.20
CA ALA C 117 -29.57 7.03 23.33
C ALA C 117 -28.59 7.70 24.30
N SER C 118 -28.18 6.98 25.34
CA SER C 118 -27.24 7.58 26.28
C SER C 118 -25.91 7.99 25.62
N LEU C 119 -25.52 7.24 24.58
CA LEU C 119 -24.25 7.41 23.89
C LEU C 119 -24.33 8.26 22.61
N MSE C 120 -25.50 8.22 21.94
CA MSE C 120 -25.61 8.81 20.61
C MSE C 120 -26.70 9.87 20.46
O MSE C 120 -26.86 10.41 19.37
CB MSE C 120 -25.83 7.70 19.59
CG MSE C 120 -24.66 6.83 19.44
SE MSE C 120 -24.76 5.31 18.33
CE MSE C 120 -26.03 4.28 19.25
N VAL C 121 -27.47 10.16 21.52
CA VAL C 121 -28.56 11.15 21.38
C VAL C 121 -28.54 12.17 22.53
N LYS C 122 -28.57 11.68 23.76
CA LYS C 122 -28.75 12.52 24.94
C LYS C 122 -27.67 13.60 25.03
N GLY C 123 -28.11 14.84 25.17
CA GLY C 123 -27.22 15.98 25.31
C GLY C 123 -26.76 16.57 24.01
N ASP C 124 -27.11 15.92 22.90
CA ASP C 124 -26.76 16.36 21.55
C ASP C 124 -28.00 17.01 20.97
N PRO C 125 -28.03 18.36 20.91
CA PRO C 125 -29.26 19.00 20.51
C PRO C 125 -29.76 18.63 19.10
N GLY C 126 -28.85 18.44 18.14
CA GLY C 126 -29.27 18.04 16.79
C GLY C 126 -29.91 16.68 16.79
N ALA C 127 -29.26 15.73 17.47
CA ALA C 127 -29.79 14.37 17.55
C ALA C 127 -31.13 14.36 18.29
N GLU C 128 -31.19 15.10 19.39
CA GLU C 128 -32.44 15.23 20.15
C GLU C 128 -33.57 15.78 19.28
N SER C 129 -33.27 16.74 18.41
CA SER C 129 -34.26 17.35 17.54
CA SER C 129 -34.32 17.33 17.58
C SER C 129 -34.83 16.33 16.55
N VAL C 130 -33.96 15.47 16.03
CA VAL C 130 -34.36 14.52 15.04
C VAL C 130 -35.05 13.30 15.64
N PHE C 131 -34.58 12.84 16.80
CA PHE C 131 -35.08 11.58 17.39
C PHE C 131 -36.24 11.77 18.38
N TYR C 132 -36.60 13.01 18.71
CA TYR C 132 -37.63 13.25 19.72
C TYR C 132 -38.90 12.47 19.41
N TRP C 133 -39.35 11.72 20.40
CA TRP C 133 -40.53 10.90 20.25
C TRP C 133 -41.10 10.64 21.62
N ASP C 134 -42.24 11.23 21.93
CA ASP C 134 -42.97 10.93 23.19
C ASP C 134 -44.37 10.46 22.90
N SER C 135 -45.21 10.33 23.92
CA SER C 135 -46.55 9.81 23.69
C SER C 135 -47.43 10.75 22.88
N LYS C 136 -47.03 12.02 22.73
CA LYS C 136 -47.84 12.98 21.99
C LYS C 136 -47.32 13.40 20.62
N ARG C 137 -46.01 13.28 20.37
CA ARG C 137 -45.51 13.66 19.08
C ARG C 137 -44.12 13.09 18.77
N LYS C 138 -43.82 13.04 17.47
CA LYS C 138 -42.46 12.84 16.95
C LYS C 138 -42.10 14.08 16.20
N ASN C 139 -40.88 14.59 16.37
CA ASN C 139 -40.43 15.69 15.56
C ASN C 139 -40.26 15.36 14.07
N VAL C 140 -39.85 14.12 13.76
CA VAL C 140 -39.77 13.64 12.37
C VAL C 140 -40.63 12.38 12.27
N ASP C 141 -41.83 12.56 11.72
CA ASP C 141 -42.84 11.52 11.74
C ASP C 141 -42.65 10.56 10.56
N ARG C 142 -42.70 11.06 9.33
CA ARG C 142 -42.44 10.23 8.15
C ARG C 142 -41.02 9.64 8.27
N ARG C 143 -40.93 8.32 8.20
CA ARG C 143 -39.68 7.60 8.07
C ARG C 143 -39.89 6.54 7.00
N GLY C 144 -39.42 6.84 5.80
CA GLY C 144 -39.70 6.00 4.61
C GLY C 144 -40.68 6.64 3.62
N MSE C 145 -40.85 5.99 2.48
CA MSE C 145 -41.67 6.54 1.38
C MSE C 145 -43.11 6.04 1.44
O MSE C 145 -43.91 6.36 0.54
CB MSE C 145 -41.04 6.22 0.00
CG MSE C 145 -40.70 4.78 -0.29
SE MSE C 145 -42.22 3.57 -0.41
CE MSE C 145 -42.95 4.31 -2.02
N GLY C 146 -43.47 5.29 2.48
CA GLY C 146 -44.77 4.64 2.54
C GLY C 146 -45.90 5.52 3.03
N PRO C 147 -47.09 4.92 3.20
CA PRO C 147 -48.21 5.75 3.64
C PRO C 147 -48.02 6.33 5.03
N MSE C 148 -48.59 7.50 5.25
CA MSE C 148 -48.54 8.14 6.57
C MSE C 148 -49.28 7.31 7.62
O MSE C 148 -48.92 7.35 8.81
CB MSE C 148 -49.12 9.54 6.53
CG MSE C 148 -48.27 10.58 5.75
SE MSE C 148 -46.41 10.84 6.42
CE MSE C 148 -46.82 11.76 8.04
N ASP C 149 -50.26 6.52 7.19
CA ASP C 149 -51.04 5.71 8.12
C ASP C 149 -50.57 4.27 8.22
N HIS C 150 -49.33 4.00 7.79
CA HIS C 150 -48.82 2.65 7.81
C HIS C 150 -48.83 2.11 9.22
N LYS C 151 -49.11 0.81 9.34
CA LYS C 151 -49.24 0.17 10.66
C LYS C 151 -47.99 0.22 11.56
N LEU C 152 -46.82 0.39 10.97
CA LEU C 152 -45.58 0.41 11.75
C LEU C 152 -45.27 1.83 12.22
N GLY C 153 -45.93 2.82 11.61
CA GLY C 153 -45.58 4.24 11.78
C GLY C 153 -45.48 4.93 10.42
N ALA C 154 -45.64 6.25 10.44
CA ALA C 154 -45.65 7.01 9.19
C ALA C 154 -44.45 6.68 8.31
N GLY C 155 -44.72 6.42 7.04
CA GLY C 155 -43.64 6.05 6.09
C GLY C 155 -43.38 4.55 5.99
N GLY C 156 -43.83 3.80 6.98
CA GLY C 156 -43.71 2.34 7.00
C GLY C 156 -42.29 1.79 7.14
N GLY C 157 -41.32 2.67 7.38
CA GLY C 157 -39.90 2.26 7.38
C GLY C 157 -39.45 1.77 6.03
N MSE C 158 -40.15 2.22 4.98
CA MSE C 158 -39.82 1.84 3.61
C MSE C 158 -38.73 2.84 3.18
O MSE C 158 -38.96 3.76 2.42
CB MSE C 158 -41.07 1.88 2.76
CG MSE C 158 -42.01 0.86 3.25
SE MSE C 158 -43.74 0.98 2.43
CE MSE C 158 -44.57 -0.46 3.33
N GLY C 159 -37.53 2.60 3.71
CA GLY C 159 -36.44 3.55 3.67
C GLY C 159 -36.16 4.00 5.08
N VAL C 160 -34.87 4.05 5.44
CA VAL C 160 -34.48 4.16 6.86
C VAL C 160 -33.44 5.25 7.16
N HIS C 161 -32.89 5.91 6.14
CA HIS C 161 -31.71 6.72 6.36
C HIS C 161 -32.06 8.18 6.59
N ILE C 162 -31.33 8.83 7.50
CA ILE C 162 -31.56 10.25 7.74
C ILE C 162 -30.71 11.00 6.73
N LEU C 163 -31.37 11.77 5.84
CA LEU C 163 -30.69 12.44 4.76
C LEU C 163 -30.77 13.94 4.91
N THR C 164 -29.61 14.53 5.07
CA THR C 164 -29.52 15.96 5.19
C THR C 164 -29.53 16.59 3.83
N GLY C 165 -30.38 17.62 3.65
CA GLY C 165 -30.53 18.26 2.35
C GLY C 165 -32.02 18.41 2.08
N PRO C 166 -32.41 18.67 0.82
CA PRO C 166 -31.52 18.77 -0.32
C PRO C 166 -30.78 20.07 -0.47
N VAL C 167 -29.68 19.99 -1.23
CA VAL C 167 -28.94 21.16 -1.71
C VAL C 167 -29.18 21.30 -3.23
N ALA C 168 -29.68 22.46 -3.63
CA ALA C 168 -29.86 22.74 -5.08
C ALA C 168 -28.62 23.43 -5.60
N ILE C 169 -28.34 23.24 -6.88
CA ILE C 169 -27.21 23.87 -7.55
C ILE C 169 -27.77 24.68 -8.69
N LYS C 170 -27.57 26.00 -8.65
CA LYS C 170 -28.09 26.90 -9.68
C LYS C 170 -27.63 26.50 -11.08
N GLY C 171 -28.58 26.38 -11.98
CA GLY C 171 -28.28 26.09 -13.37
C GLY C 171 -28.14 24.61 -13.69
N ALA C 172 -28.22 23.74 -12.68
CA ALA C 172 -28.15 22.30 -12.93
C ALA C 172 -29.40 21.88 -13.68
N GLU C 173 -29.17 21.26 -14.84
CA GLU C 173 -30.21 20.77 -15.70
C GLU C 173 -30.14 19.25 -15.86
N PRO C 174 -31.28 18.62 -16.12
CA PRO C 174 -31.26 17.22 -16.50
C PRO C 174 -30.33 17.01 -17.69
N GLY C 175 -29.44 16.04 -17.55
CA GLY C 175 -28.38 15.81 -18.51
C GLY C 175 -27.00 16.29 -18.11
N ASP C 176 -26.94 17.16 -17.12
CA ASP C 176 -25.64 17.59 -16.61
C ASP C 176 -25.11 16.49 -15.69
N VAL C 177 -23.88 16.72 -15.22
CA VAL C 177 -23.26 15.86 -14.18
C VAL C 177 -22.82 16.73 -13.01
N LEU C 178 -23.11 16.31 -11.79
CA LEU C 178 -22.67 17.05 -10.62
C LEU C 178 -21.48 16.33 -9.99
N GLU C 179 -20.37 17.05 -9.87
CA GLU C 179 -19.19 16.62 -9.16
C GLU C 179 -19.28 17.08 -7.70
N VAL C 180 -19.07 16.14 -6.78
CA VAL C 180 -19.11 16.40 -5.36
C VAL C 180 -17.76 15.92 -4.75
N ARG C 181 -16.94 16.87 -4.38
CA ARG C 181 -15.65 16.57 -3.77
C ARG C 181 -15.82 16.45 -2.26
N ILE C 182 -15.49 15.29 -1.71
CA ILE C 182 -15.54 15.09 -0.28
C ILE C 182 -14.18 15.47 0.28
N VAL C 183 -14.06 16.68 0.80
CA VAL C 183 -12.75 17.20 1.17
C VAL C 183 -12.37 16.95 2.62
N ASP C 184 -13.35 16.74 3.51
CA ASP C 184 -13.04 16.40 4.88
C ASP C 184 -14.23 15.75 5.54
N VAL C 185 -13.92 14.97 6.57
CA VAL C 185 -14.90 14.20 7.30
C VAL C 185 -14.46 14.21 8.77
N ALA C 186 -15.42 14.36 9.66
CA ALA C 186 -15.12 14.30 11.09
C ALA C 186 -16.20 13.50 11.79
N LEU C 187 -15.80 12.72 12.78
CA LEU C 187 -16.79 12.03 13.60
C LEU C 187 -17.57 13.04 14.44
N ARG C 188 -18.87 12.81 14.63
CA ARG C 188 -19.68 13.67 15.48
C ARG C 188 -19.42 13.25 16.93
N PRO C 189 -18.81 14.11 17.75
CA PRO C 189 -18.50 13.65 19.11
C PRO C 189 -19.72 13.34 19.94
N SER C 190 -19.62 12.32 20.79
CA SER C 190 -20.68 12.06 21.77
C SER C 190 -20.84 13.27 22.69
N ALA C 191 -22.08 13.57 23.03
CA ALA C 191 -22.38 14.64 24.01
C ALA C 191 -22.31 14.13 25.45
N ASN C 192 -22.17 12.83 25.64
CA ASN C 192 -22.15 12.26 26.99
C ASN C 192 -20.85 12.62 27.68
N PRO C 193 -20.89 13.41 28.78
CA PRO C 193 -19.64 13.94 29.30
C PRO C 193 -18.71 12.89 29.95
N GLU C 194 -19.22 11.69 30.20
CA GLU C 194 -18.43 10.57 30.68
C GLU C 194 -17.49 10.05 29.59
N PHE C 195 -17.80 10.34 28.34
CA PHE C 195 -17.04 9.79 27.20
C PHE C 195 -16.42 10.87 26.32
N LYS C 196 -15.82 11.85 26.97
CA LYS C 196 -15.18 12.94 26.26
C LYS C 196 -14.11 12.41 25.30
N GLY C 197 -14.19 12.88 24.06
CA GLY C 197 -13.26 12.45 23.03
C GLY C 197 -13.71 11.22 22.23
N LYS C 198 -14.84 10.66 22.60
CA LYS C 198 -15.36 9.45 21.96
C LYS C 198 -16.61 9.73 21.11
N THR C 199 -16.81 8.84 20.15
CA THR C 199 -18.04 8.76 19.38
C THR C 199 -18.40 7.29 19.38
N PHE C 200 -19.70 7.04 19.40
CA PHE C 200 -20.18 5.65 19.39
C PHE C 200 -20.97 5.39 18.11
N GLY C 201 -20.95 4.14 17.65
CA GLY C 201 -21.74 3.71 16.50
C GLY C 201 -22.32 2.35 16.77
N SER C 202 -23.20 1.96 15.87
CA SER C 202 -23.98 0.74 16.04
C SER C 202 -23.89 -0.11 14.78
N ASN C 203 -23.61 -1.42 14.96
CA ASN C 203 -23.65 -2.37 13.88
C ASN C 203 -24.76 -3.34 14.21
N VAL C 204 -25.77 -3.40 13.35
CA VAL C 204 -26.91 -4.28 13.58
C VAL C 204 -26.93 -5.41 12.58
N ALA C 205 -26.87 -6.64 13.10
CA ALA C 205 -27.08 -7.85 12.32
C ALA C 205 -28.58 -8.02 12.23
N ALA C 206 -29.12 -7.77 11.05
CA ALA C 206 -30.52 -7.41 10.86
C ALA C 206 -31.27 -8.43 10.00
N ASN C 207 -32.60 -8.35 10.08
CA ASN C 207 -33.44 -9.28 9.37
C ASN C 207 -33.28 -9.17 7.84
N TRP C 208 -32.75 -8.06 7.36
CA TRP C 208 -32.47 -7.87 5.93
C TRP C 208 -31.04 -8.24 5.52
N GLY C 209 -30.26 -8.72 6.48
CA GLY C 209 -28.87 -9.10 6.24
C GLY C 209 -28.79 -10.38 5.45
N PHE C 210 -27.68 -10.51 4.74
CA PHE C 210 -27.44 -11.71 3.91
C PHE C 210 -27.22 -12.96 4.75
N HIS C 211 -26.88 -12.78 6.02
CA HIS C 211 -26.60 -13.91 6.93
C HIS C 211 -27.85 -14.45 7.59
N TYR C 212 -28.96 -13.74 7.48
CA TYR C 212 -30.02 -13.88 8.51
C TYR C 212 -30.67 -15.23 8.51
N ASN C 213 -30.79 -15.86 7.34
CA ASN C 213 -31.37 -17.18 7.20
CA ASN C 213 -31.40 -17.18 7.32
C ASN C 213 -30.40 -18.33 7.40
N GLU C 214 -29.17 -18.03 7.82
CA GLU C 214 -28.07 -18.99 7.84
C GLU C 214 -27.52 -19.24 9.24
N LEU C 215 -28.06 -18.63 10.29
CA LEU C 215 -27.45 -18.72 11.64
C LEU C 215 -27.50 -20.13 12.23
N ILE C 216 -26.43 -20.54 12.91
CA ILE C 216 -26.33 -21.88 13.47
CA ILE C 216 -26.24 -21.88 13.48
C ILE C 216 -26.57 -21.95 14.97
N GLU C 217 -26.21 -20.91 15.72
CA GLU C 217 -26.45 -20.95 17.16
C GLU C 217 -27.89 -20.57 17.46
N GLU C 218 -28.48 -21.18 18.50
CA GLU C 218 -29.80 -20.80 19.02
CA GLU C 218 -29.80 -20.74 18.93
C GLU C 218 -29.70 -19.47 19.77
N PRO C 219 -30.72 -18.59 19.69
CA PRO C 219 -31.91 -18.66 18.84
C PRO C 219 -31.56 -18.33 17.39
N LYS C 220 -31.91 -19.21 16.48
CA LYS C 220 -31.46 -19.05 15.08
C LYS C 220 -32.06 -17.86 14.35
N LYS C 221 -33.24 -17.43 14.73
CA LYS C 221 -33.79 -16.19 14.18
C LYS C 221 -33.59 -15.10 15.23
N ARG C 222 -32.60 -14.24 14.99
CA ARG C 222 -32.23 -13.17 15.93
C ARG C 222 -31.60 -12.02 15.19
N GLU C 223 -31.76 -10.84 15.76
CA GLU C 223 -31.09 -9.63 15.33
C GLU C 223 -30.23 -9.18 16.51
N VAL C 224 -29.02 -8.70 16.20
CA VAL C 224 -28.02 -8.40 17.22
C VAL C 224 -27.41 -7.02 16.97
N VAL C 225 -27.46 -6.17 18.00
CA VAL C 225 -26.92 -4.80 17.98
C VAL C 225 -25.56 -4.86 18.64
N THR C 226 -24.51 -4.42 17.94
CA THR C 226 -23.17 -4.33 18.53
C THR C 226 -22.76 -2.88 18.50
N ILE C 227 -22.52 -2.33 19.68
CA ILE C 227 -22.10 -0.93 19.80
C ILE C 227 -20.57 -0.87 19.80
N TYR C 228 -20.05 0.09 19.03
CA TYR C 228 -18.62 0.29 18.86
C TYR C 228 -18.25 1.67 19.35
N GLU C 229 -17.05 1.75 19.91
CA GLU C 229 -16.47 2.98 20.38
C GLU C 229 -15.37 3.44 19.41
N LEU C 230 -15.44 4.73 19.06
CA LEU C 230 -14.50 5.37 18.16
C LEU C 230 -13.83 6.54 18.86
N ASP C 231 -12.63 6.88 18.39
CA ASP C 231 -11.91 8.06 18.89
C ASP C 231 -12.32 9.23 18.00
N ALA C 232 -13.09 10.18 18.54
CA ALA C 232 -13.58 11.31 17.78
C ALA C 232 -12.45 12.22 17.35
N THR C 233 -11.30 12.13 18.03
CA THR C 233 -10.15 12.97 17.68
C THR C 233 -9.36 12.45 16.47
N GLY C 234 -9.57 11.19 16.11
CA GLY C 234 -8.90 10.57 15.01
C GLY C 234 -7.46 10.16 15.31
N GLU C 235 -7.06 10.31 16.57
CA GLU C 235 -5.70 9.90 16.96
C GLU C 235 -5.55 8.38 16.80
N ARG C 236 -6.53 7.63 17.33
CA ARG C 236 -6.59 6.19 17.20
C ARG C 236 -7.41 5.90 15.94
N ASN C 237 -6.86 5.13 15.02
CA ASN C 237 -7.49 4.94 13.74
C ASN C 237 -8.20 3.58 13.63
N TRP C 238 -8.69 3.09 14.77
CA TRP C 238 -9.45 1.83 14.80
C TRP C 238 -10.53 1.91 15.84
N ALA C 239 -11.53 1.04 15.64
CA ALA C 239 -12.72 0.94 16.47
C ALA C 239 -12.66 -0.26 17.35
N ARG C 240 -13.29 -0.17 18.51
CA ARG C 240 -13.38 -1.35 19.36
C ARG C 240 -14.78 -1.55 19.84
N ALA C 241 -15.18 -2.80 19.90
CA ALA C 241 -16.53 -3.11 20.31
C ALA C 241 -16.67 -2.79 21.79
N PHE C 242 -17.86 -2.31 22.14
CA PHE C 242 -18.17 -1.96 23.52
C PHE C 242 -19.04 -3.09 24.11
N TYR C 243 -20.18 -3.34 23.49
CA TYR C 243 -21.07 -4.42 23.94
C TYR C 243 -22.00 -4.82 22.83
N ASN C 244 -22.63 -5.96 23.01
CA ASN C 244 -23.70 -6.35 22.09
C ASN C 244 -24.96 -6.74 22.85
N TYR C 245 -26.07 -6.80 22.13
CA TYR C 245 -27.32 -7.33 22.69
C TYR C 245 -28.21 -7.85 21.59
N ARG C 246 -29.00 -8.86 21.97
CA ARG C 246 -30.05 -9.36 21.10
CA ARG C 246 -30.05 -9.36 21.08
C ARG C 246 -31.25 -8.43 21.13
N TRP C 247 -31.78 -8.08 19.97
CA TRP C 247 -33.01 -7.31 19.92
C TRP C 247 -34.17 -8.11 20.50
N THR C 248 -34.87 -7.50 21.44
CA THR C 248 -36.10 -8.02 21.95
C THR C 248 -37.20 -7.05 21.52
N PRO C 249 -38.48 -7.50 21.53
CA PRO C 249 -39.53 -6.60 21.04
C PRO C 249 -39.54 -5.27 21.80
N GLN C 250 -39.56 -4.19 21.03
CA GLN C 250 -39.53 -2.84 21.56
C GLN C 250 -40.84 -2.15 21.26
N LYS C 251 -41.44 -1.59 22.30
CA LYS C 251 -42.68 -0.84 22.20
C LYS C 251 -42.32 0.64 22.07
N ASP C 252 -42.68 1.27 20.96
CA ASP C 252 -42.34 2.67 20.75
C ASP C 252 -43.27 3.55 21.60
N PRO C 253 -42.97 4.86 21.71
CA PRO C 253 -43.80 5.75 22.52
C PRO C 253 -45.26 5.90 22.12
N PHE C 254 -45.63 5.45 20.89
CA PHE C 254 -47.03 5.43 20.46
C PHE C 254 -47.68 4.08 20.79
N GLY C 255 -46.89 3.17 21.33
CA GLY C 255 -47.41 1.90 21.80
C GLY C 255 -47.30 0.76 20.80
N VAL C 256 -46.71 1.03 19.62
CA VAL C 256 -46.55 -0.02 18.59
C VAL C 256 -45.35 -0.87 18.94
N VAL C 257 -45.51 -2.20 18.84
CA VAL C 257 -44.47 -3.14 19.23
C VAL C 257 -43.73 -3.56 17.98
N HIS C 258 -42.40 -3.59 18.08
CA HIS C 258 -41.52 -3.94 16.98
C HIS C 258 -40.69 -5.17 17.39
N PRO C 259 -41.14 -6.38 17.01
CA PRO C 259 -40.42 -7.59 17.42
C PRO C 259 -39.14 -7.79 16.62
N ILE C 260 -39.02 -7.09 15.49
CA ILE C 260 -37.80 -7.04 14.69
C ILE C 260 -37.58 -5.58 14.36
N VAL C 261 -36.42 -5.29 13.78
CA VAL C 261 -36.08 -3.92 13.46
C VAL C 261 -36.81 -3.52 12.18
N ASP C 262 -38.09 -3.22 12.31
CA ASP C 262 -38.94 -2.99 11.16
C ASP C 262 -39.26 -1.51 10.91
N TYR C 263 -38.78 -0.64 11.78
CA TYR C 263 -39.04 0.79 11.69
C TYR C 263 -37.89 1.52 12.31
N PRO C 264 -37.39 2.58 11.65
CA PRO C 264 -36.16 3.18 12.13
C PRO C 264 -36.34 4.14 13.30
N GLY C 265 -35.33 4.18 14.13
CA GLY C 265 -35.23 5.14 15.18
C GLY C 265 -36.08 4.92 16.40
N VAL C 266 -36.55 3.69 16.60
CA VAL C 266 -37.29 3.38 17.84
C VAL C 266 -36.34 3.39 19.04
N PRO C 267 -36.72 4.11 20.08
CA PRO C 267 -35.86 4.15 21.24
C PRO C 267 -35.86 2.81 21.96
N VAL C 268 -34.70 2.20 22.07
CA VAL C 268 -34.54 0.91 22.75
C VAL C 268 -34.54 1.10 24.26
N ASP C 269 -35.39 0.33 24.96
CA ASP C 269 -35.47 0.36 26.42
C ASP C 269 -34.44 -0.62 26.95
N HIS C 270 -33.38 -0.07 27.54
CA HIS C 270 -32.25 -0.91 27.93
C HIS C 270 -32.54 -1.85 29.10
N SER C 271 -33.66 -1.65 29.78
CA SER C 271 -34.10 -2.62 30.82
C SER C 271 -34.63 -3.90 30.23
N THR C 272 -34.90 -3.93 28.92
CA THR C 272 -35.51 -5.08 28.27
C THR C 272 -34.55 -5.86 27.36
N ILE C 273 -33.28 -5.51 27.40
CA ILE C 273 -32.23 -6.21 26.64
C ILE C 273 -31.13 -6.65 27.60
N SER C 274 -30.29 -7.58 27.15
CA SER C 274 -29.19 -8.11 27.97
C SER C 274 -27.88 -7.76 27.30
N LYS C 275 -27.16 -6.81 27.85
CA LYS C 275 -25.91 -6.36 27.29
C LYS C 275 -24.73 -7.29 27.64
N ASN C 276 -24.02 -7.70 26.58
CA ASN C 276 -22.86 -8.54 26.72
C ASN C 276 -21.65 -7.68 26.42
N TYR C 277 -20.87 -7.43 27.47
CA TYR C 277 -19.69 -6.55 27.37
C TYR C 277 -18.46 -7.36 27.02
N ASN C 278 -17.38 -6.68 26.66
CA ASN C 278 -16.10 -7.35 26.35
C ASN C 278 -16.13 -8.31 25.14
N VAL C 279 -17.00 -8.04 24.18
CA VAL C 279 -17.10 -8.77 22.91
C VAL C 279 -16.05 -8.29 21.89
N LEU C 280 -15.65 -9.15 20.98
CA LEU C 280 -14.56 -8.86 20.06
C LEU C 280 -13.34 -8.25 20.76
N LYS C 281 -12.95 -8.85 21.86
CA LYS C 281 -11.96 -8.26 22.70
C LYS C 281 -10.61 -8.22 21.97
N ASN C 282 -10.02 -7.03 21.98
CA ASN C 282 -8.71 -6.78 21.43
C ASN C 282 -8.66 -6.93 19.91
N ILE C 283 -9.81 -6.91 19.26
CA ILE C 283 -9.84 -6.75 17.80
C ILE C 283 -9.88 -5.28 17.46
N ARG C 284 -8.96 -4.85 16.59
CA ARG C 284 -8.84 -3.44 16.22
C ARG C 284 -9.34 -3.30 14.79
N VAL C 285 -10.57 -2.79 14.65
CA VAL C 285 -11.23 -2.71 13.37
C VAL C 285 -10.86 -1.40 12.71
N PRO C 286 -10.21 -1.45 11.55
CA PRO C 286 -9.86 -0.15 10.99
C PRO C 286 -11.04 0.74 10.69
N VAL C 287 -10.84 2.04 10.87
CA VAL C 287 -11.84 3.03 10.59
C VAL C 287 -11.67 3.45 9.11
N ARG C 288 -12.79 3.59 8.43
CA ARG C 288 -12.84 3.94 7.04
C ARG C 288 -14.08 4.85 6.91
N PRO C 289 -14.05 6.11 7.44
CA PRO C 289 -15.34 6.81 7.47
C PRO C 289 -15.84 7.17 6.06
N HIS C 290 -17.14 7.05 5.87
CA HIS C 290 -17.76 7.27 4.60
C HIS C 290 -19.24 7.54 4.74
N PHE C 291 -19.83 8.11 3.69
CA PHE C 291 -21.28 8.31 3.63
C PHE C 291 -21.93 7.18 2.86
N GLY C 292 -22.75 6.38 3.52
CA GLY C 292 -23.42 5.26 2.86
C GLY C 292 -24.41 5.69 1.78
N THR C 293 -25.12 6.78 2.04
CA THR C 293 -26.18 7.29 1.14
C THR C 293 -25.83 8.72 0.73
N MSE C 294 -25.69 8.92 -0.59
CA MSE C 294 -25.30 10.23 -1.09
C MSE C 294 -25.69 10.27 -2.55
O MSE C 294 -25.40 9.32 -3.29
CB MSE C 294 -23.80 10.35 -0.94
CG MSE C 294 -23.20 11.71 -1.20
SE MSE C 294 -21.29 11.80 -0.65
CE MSE C 294 -20.76 12.76 -2.18
N GLY C 295 -26.36 11.33 -2.98
CA GLY C 295 -26.69 11.44 -4.40
C GLY C 295 -27.77 12.44 -4.65
N LEU C 296 -28.40 12.31 -5.83
CA LEU C 296 -29.34 13.31 -6.35
C LEU C 296 -30.77 12.75 -6.38
N ALA C 297 -31.75 13.60 -6.14
CA ALA C 297 -33.14 13.14 -6.28
C ALA C 297 -33.40 12.75 -7.75
N PRO C 298 -33.96 11.55 -7.98
CA PRO C 298 -34.23 11.14 -9.38
C PRO C 298 -35.57 11.66 -9.93
N LYS C 299 -35.63 11.77 -11.26
CA LYS C 299 -36.87 12.22 -11.92
C LYS C 299 -37.96 11.14 -11.94
N GLU C 300 -37.58 9.88 -11.78
CA GLU C 300 -38.46 8.78 -12.15
C GLU C 300 -39.67 8.56 -11.22
N ALA C 301 -39.58 9.01 -9.97
CA ALA C 301 -40.68 8.89 -9.01
C ALA C 301 -40.60 10.02 -8.00
N ASP C 302 -41.72 10.38 -7.39
CA ASP C 302 -41.69 11.51 -6.49
C ASP C 302 -41.15 11.21 -5.09
N LEU C 303 -41.51 10.06 -4.53
CA LEU C 303 -41.01 9.65 -3.23
C LEU C 303 -40.28 8.34 -3.48
N VAL C 304 -39.01 8.29 -3.13
CA VAL C 304 -38.15 7.17 -3.45
C VAL C 304 -37.49 6.60 -2.20
N ASN C 305 -37.77 5.34 -1.92
CA ASN C 305 -37.14 4.59 -0.82
C ASN C 305 -35.64 4.82 -0.79
N SER C 306 -35.10 5.27 0.35
CA SER C 306 -33.64 5.52 0.47
C SER C 306 -32.77 4.27 0.39
N VAL C 307 -33.33 3.08 0.57
CA VAL C 307 -32.52 1.87 0.66
C VAL C 307 -31.85 1.46 -0.64
N PRO C 308 -32.57 1.35 -1.77
CA PRO C 308 -31.82 0.89 -2.97
C PRO C 308 -31.01 1.98 -3.68
N PRO C 309 -29.70 1.74 -3.90
CA PRO C 309 -28.98 2.66 -4.73
C PRO C 309 -29.39 2.48 -6.19
N SER C 310 -29.04 3.45 -7.02
CA SER C 310 -29.37 3.41 -8.42
C SER C 310 -28.51 4.42 -9.16
N HIS C 311 -28.86 4.65 -10.42
CA HIS C 311 -28.23 5.65 -11.29
C HIS C 311 -27.94 6.98 -10.60
N PHE C 312 -28.88 7.44 -9.80
CA PHE C 312 -28.77 8.76 -9.17
C PHE C 312 -27.83 8.81 -7.93
N GLY C 313 -27.29 7.64 -7.57
CA GLY C 313 -26.48 7.49 -6.38
C GLY C 313 -27.30 6.82 -5.31
N GLY C 314 -27.42 7.48 -4.18
CA GLY C 314 -28.12 6.92 -3.06
C GLY C 314 -27.24 6.06 -2.22
N ASN C 315 -27.85 4.97 -1.73
CA ASN C 315 -27.35 4.13 -0.69
C ASN C 315 -26.40 3.07 -1.22
N ILE C 316 -25.30 3.55 -1.79
CA ILE C 316 -24.31 2.69 -2.44
C ILE C 316 -23.55 1.85 -1.44
N ASP C 317 -23.30 2.37 -0.24
CA ASP C 317 -22.56 1.58 0.76
C ASP C 317 -21.22 1.04 0.24
N ASN C 318 -20.50 1.93 -0.42
CA ASN C 318 -19.08 1.73 -0.75
C ASN C 318 -18.17 2.40 0.30
N TRP C 319 -17.37 1.61 1.05
CA TRP C 319 -16.56 2.17 2.10
C TRP C 319 -15.63 3.27 1.60
N ARG C 320 -15.35 3.29 0.29
CA ARG C 320 -14.40 4.27 -0.29
C ARG C 320 -14.94 5.70 -0.46
N ILE C 321 -16.23 5.90 -0.21
CA ILE C 321 -16.89 7.20 -0.44
C ILE C 321 -16.74 8.04 0.82
N GLY C 322 -15.50 8.50 1.01
CA GLY C 322 -15.08 9.28 2.17
C GLY C 322 -14.12 10.39 1.80
N LYS C 323 -13.36 10.80 2.80
CA LYS C 323 -12.44 11.92 2.66
C LYS C 323 -11.44 11.64 1.57
N GLY C 324 -11.31 12.59 0.68
CA GLY C 324 -10.41 12.48 -0.48
C GLY C 324 -11.03 11.89 -1.74
N ALA C 325 -12.30 11.43 -1.68
CA ALA C 325 -13.00 10.88 -2.82
C ALA C 325 -13.79 11.98 -3.49
N THR C 326 -13.93 11.87 -4.81
CA THR C 326 -14.80 12.75 -5.58
C THR C 326 -15.82 11.88 -6.27
N MSE C 327 -17.09 12.24 -6.11
CA MSE C 327 -18.18 11.50 -6.72
C MSE C 327 -18.74 12.31 -7.87
O MSE C 327 -18.77 13.56 -7.79
CB MSE C 327 -19.30 11.26 -5.72
CG MSE C 327 -18.94 10.23 -4.60
SE MSE C 327 -18.59 8.46 -5.31
CE MSE C 327 -20.23 8.05 -6.21
N TYR C 328 -19.23 11.63 -8.88
CA TYR C 328 -19.90 12.25 -10.01
C TYR C 328 -21.25 11.56 -10.20
N TYR C 329 -22.33 12.36 -10.23
CA TYR C 329 -23.69 11.85 -10.38
C TYR C 329 -24.38 12.47 -11.59
N PRO C 330 -25.18 11.67 -12.32
CA PRO C 330 -25.98 12.24 -13.39
C PRO C 330 -27.18 13.04 -12.82
N VAL C 331 -27.35 14.27 -13.30
CA VAL C 331 -28.47 15.14 -12.91
C VAL C 331 -29.69 14.77 -13.73
N SER C 332 -30.81 14.42 -13.09
CA SER C 332 -32.06 14.18 -13.81
C SER C 332 -33.17 15.14 -13.46
N VAL C 333 -32.96 16.01 -12.45
CA VAL C 333 -33.95 17.03 -12.06
C VAL C 333 -33.27 18.39 -11.94
N ALA C 334 -33.95 19.41 -12.42
CA ALA C 334 -33.48 20.80 -12.32
C ALA C 334 -33.03 21.07 -10.89
N GLY C 335 -31.83 21.64 -10.76
CA GLY C 335 -31.27 21.95 -9.45
C GLY C 335 -30.42 20.84 -8.87
N GLY C 336 -30.48 19.63 -9.44
CA GLY C 336 -29.63 18.53 -8.97
C GLY C 336 -30.28 17.82 -7.79
N LEU C 337 -30.37 18.57 -6.68
CA LEU C 337 -31.05 18.16 -5.44
C LEU C 337 -30.26 17.06 -4.69
N PHE C 338 -29.14 17.48 -4.08
CA PHE C 338 -28.21 16.58 -3.45
C PHE C 338 -28.56 16.40 -1.98
N SER C 339 -28.55 15.16 -1.51
CA SER C 339 -28.65 14.87 -0.10
C SER C 339 -27.59 13.86 0.31
N VAL C 340 -27.32 13.82 1.60
CA VAL C 340 -26.27 12.92 2.11
C VAL C 340 -26.63 12.45 3.51
N GLY C 341 -26.35 11.19 3.81
CA GLY C 341 -26.68 10.62 5.08
C GLY C 341 -26.12 9.22 5.20
N ASP C 342 -26.74 8.44 6.06
CA ASP C 342 -26.23 7.10 6.41
C ASP C 342 -24.71 7.08 6.64
N PRO C 343 -24.24 7.90 7.59
CA PRO C 343 -22.81 7.93 7.85
C PRO C 343 -22.34 6.61 8.46
N HIS C 344 -21.13 6.19 8.08
CA HIS C 344 -20.50 4.97 8.55
C HIS C 344 -19.10 5.27 9.03
N ALA C 345 -18.71 4.64 10.14
CA ALA C 345 -17.33 4.69 10.57
C ALA C 345 -16.43 3.67 9.92
N SER C 346 -16.98 2.50 9.66
CA SER C 346 -16.29 1.51 8.86
CA SER C 346 -16.27 1.35 9.08
C SER C 346 -17.26 0.50 8.29
N GLN C 347 -16.80 -0.22 7.27
CA GLN C 347 -17.61 -1.22 6.59
C GLN C 347 -16.70 -2.04 5.74
N GLY C 348 -17.04 -3.30 5.61
CA GLY C 348 -16.40 -4.20 4.64
C GLY C 348 -17.17 -4.25 3.31
N ASP C 349 -16.46 -4.66 2.27
CA ASP C 349 -17.09 -4.95 0.99
C ASP C 349 -17.99 -6.15 1.15
N SER C 350 -19.31 -5.87 1.10
CA SER C 350 -20.45 -6.77 1.17
C SER C 350 -21.51 -6.27 2.18
N GLU C 351 -21.05 -5.62 3.23
CA GLU C 351 -21.98 -5.17 4.29
C GLU C 351 -22.86 -6.33 4.78
N MSE C 352 -22.24 -7.51 4.90
CA MSE C 352 -22.89 -8.80 5.02
C MSE C 352 -24.15 -8.80 5.92
O MSE C 352 -25.21 -9.29 5.53
CB MSE C 352 -21.86 -9.79 5.58
CG MSE C 352 -22.28 -11.20 5.61
SE MSE C 352 -22.46 -12.02 3.91
CE MSE C 352 -20.63 -12.18 3.38
N CYS C 353 -23.99 -8.30 7.15
CA CYS C 353 -25.07 -8.49 8.14
C CYS C 353 -26.20 -7.47 8.04
N GLY C 354 -26.09 -6.51 7.13
CA GLY C 354 -27.17 -5.55 6.91
C GLY C 354 -26.82 -4.12 7.13
N THR C 355 -25.80 -3.90 7.93
CA THR C 355 -25.34 -2.57 8.27
C THR C 355 -23.82 -2.53 8.46
N ALA C 356 -23.31 -1.32 8.50
CA ALA C 356 -21.89 -1.04 8.73
C ALA C 356 -21.68 -0.75 10.23
N ILE C 357 -20.60 -0.07 10.61
CA ILE C 357 -20.59 0.65 11.91
C ILE C 357 -21.31 1.98 11.64
N GLU C 358 -22.59 2.00 11.96
CA GLU C 358 -23.46 3.17 11.69
C GLU C 358 -23.13 4.24 12.73
N CYS C 359 -22.66 5.40 12.31
CA CYS C 359 -22.00 6.34 13.19
C CYS C 359 -22.11 7.74 12.62
N SER C 360 -22.53 8.73 13.41
CA SER C 360 -22.71 10.09 12.92
C SER C 360 -21.37 10.77 12.50
N LEU C 361 -21.42 11.50 11.37
CA LEU C 361 -20.23 12.17 10.79
C LEU C 361 -20.68 13.53 10.23
N THR C 362 -19.73 14.46 10.19
CA THR C 362 -19.93 15.71 9.48
C THR C 362 -18.93 15.79 8.34
N GLY C 363 -19.44 16.16 7.16
CA GLY C 363 -18.61 16.26 5.95
C GLY C 363 -18.54 17.68 5.41
N THR C 364 -17.44 17.97 4.73
CA THR C 364 -17.30 19.20 3.96
C THR C 364 -17.08 18.83 2.50
N PHE C 365 -17.87 19.47 1.65
CA PHE C 365 -18.04 19.13 0.24
C PHE C 365 -17.86 20.36 -0.62
N GLN C 366 -17.36 20.16 -1.84
CA GLN C 366 -17.40 21.22 -2.86
C GLN C 366 -18.24 20.69 -4.00
N PHE C 367 -19.12 21.54 -4.55
CA PHE C 367 -19.99 21.14 -5.64
C PHE C 367 -19.57 21.82 -6.92
N ILE C 368 -19.35 21.04 -7.98
CA ILE C 368 -18.96 21.56 -9.30
C ILE C 368 -19.87 20.97 -10.38
N LEU C 369 -20.50 21.88 -11.13
CA LEU C 369 -21.43 21.49 -12.18
C LEU C 369 -20.70 21.32 -13.51
N HIS C 370 -20.92 20.18 -14.16
CA HIS C 370 -20.44 19.91 -15.50
C HIS C 370 -21.62 19.88 -16.45
N LYS C 371 -21.65 20.83 -17.37
CA LYS C 371 -22.75 20.91 -18.34
C LYS C 371 -22.72 19.77 -19.36
N LYS C 372 -23.90 19.27 -19.74
CA LYS C 372 -24.01 18.19 -20.74
C LYS C 372 -23.13 18.42 -21.96
N ALA C 373 -23.14 19.65 -22.44
CA ALA C 373 -22.40 20.04 -23.66
C ALA C 373 -20.90 19.80 -23.55
N ASP C 374 -20.40 19.87 -22.33
CA ASP C 374 -18.98 19.80 -22.05
C ASP C 374 -18.47 18.42 -21.63
N LEU C 375 -19.37 17.44 -21.55
CA LEU C 375 -18.98 16.07 -21.15
C LEU C 375 -18.13 15.29 -22.17
N PRO C 376 -18.42 15.44 -23.47
CA PRO C 376 -17.62 14.68 -24.41
C PRO C 376 -16.13 14.91 -24.30
N GLY C 377 -15.34 13.87 -24.50
CA GLY C 377 -13.89 13.99 -24.44
C GLY C 377 -13.29 13.99 -23.04
N THR C 378 -14.12 13.71 -22.03
CA THR C 378 -13.71 13.71 -20.64
C THR C 378 -14.10 12.38 -20.04
N PRO C 379 -13.62 12.10 -18.82
CA PRO C 379 -14.10 10.90 -18.15
C PRO C 379 -15.61 10.89 -17.86
N LEU C 380 -16.27 12.04 -17.96
CA LEU C 380 -17.71 12.12 -17.71
C LEU C 380 -18.58 11.95 -18.96
N ALA C 381 -17.99 11.61 -20.10
CA ALA C 381 -18.74 11.47 -21.35
C ALA C 381 -19.89 10.50 -21.13
N ASP C 382 -21.11 10.96 -21.43
CA ASP C 382 -22.33 10.14 -21.34
C ASP C 382 -22.43 9.41 -20.02
N LEU C 383 -22.00 10.06 -18.95
CA LEU C 383 -22.02 9.38 -17.64
C LEU C 383 -23.46 9.15 -17.18
N GLN C 384 -23.81 7.91 -16.86
CA GLN C 384 -25.21 7.58 -16.48
C GLN C 384 -25.37 6.93 -15.12
N TYR C 385 -24.31 6.93 -14.32
CA TYR C 385 -24.26 6.18 -13.07
C TYR C 385 -23.29 6.88 -12.15
N PRO C 386 -23.26 6.51 -10.86
CA PRO C 386 -22.32 7.12 -9.89
C PRO C 386 -20.88 6.65 -10.07
N LEU C 387 -20.03 7.63 -10.34
CA LEU C 387 -18.60 7.37 -10.61
C LEU C 387 -17.77 7.93 -9.48
N LEU C 388 -16.84 7.13 -8.93
CA LEU C 388 -15.94 7.56 -7.87
C LEU C 388 -14.54 7.75 -8.43
N GLU C 389 -13.93 8.90 -8.12
CA GLU C 389 -12.54 9.17 -8.44
C GLU C 389 -11.71 9.39 -7.15
N THR C 390 -10.56 8.73 -7.06
CA THR C 390 -9.58 9.07 -6.04
C THR C 390 -8.31 9.53 -6.73
N GLN C 391 -7.27 9.78 -5.96
CA GLN C 391 -6.02 10.26 -6.57
CA GLN C 391 -6.00 10.25 -6.55
C GLN C 391 -5.51 9.27 -7.61
N ASP C 392 -5.62 7.99 -7.30
CA ASP C 392 -4.99 6.99 -8.17
C ASP C 392 -5.93 5.96 -8.83
N GLU C 393 -7.23 6.05 -8.59
CA GLU C 393 -8.20 5.07 -9.09
C GLU C 393 -9.46 5.72 -9.61
N TRP C 394 -10.14 4.98 -10.50
CA TRP C 394 -11.56 5.20 -10.82
C TRP C 394 -12.31 4.01 -10.27
N VAL C 395 -13.47 4.22 -9.66
CA VAL C 395 -14.27 3.11 -9.16
C VAL C 395 -15.69 3.30 -9.69
N LEU C 396 -16.14 2.32 -10.48
CA LEU C 396 -17.46 2.37 -11.12
C LEU C 396 -18.46 1.50 -10.37
N HIS C 397 -19.71 1.96 -10.24
CA HIS C 397 -20.73 1.23 -9.47
C HIS C 397 -21.76 0.58 -10.34
N GLY C 398 -21.78 -0.76 -10.29
CA GLY C 398 -22.81 -1.58 -10.90
C GLY C 398 -23.84 -1.97 -9.87
N PHE C 399 -25.07 -2.13 -10.34
CA PHE C 399 -26.18 -2.59 -9.51
C PHE C 399 -26.96 -3.70 -10.24
N SER C 400 -27.75 -4.47 -9.50
CA SER C 400 -28.59 -5.49 -10.09
C SER C 400 -29.37 -4.89 -11.29
N TYR C 401 -29.88 -3.68 -11.10
CA TYR C 401 -30.55 -2.92 -12.16
C TYR C 401 -29.95 -1.51 -12.16
N ALA C 402 -29.42 -1.09 -13.29
CA ALA C 402 -28.71 0.19 -13.41
C ALA C 402 -29.58 1.34 -13.00
N ASN C 403 -30.80 1.35 -13.55
CA ASN C 403 -31.85 2.31 -13.17
C ASN C 403 -33.08 1.50 -12.82
N TYR C 404 -33.20 1.15 -11.54
CA TYR C 404 -34.16 0.18 -11.14
C TYR C 404 -35.57 0.77 -11.24
N LEU C 405 -35.70 2.07 -11.08
CA LEU C 405 -36.99 2.69 -11.13
C LEU C 405 -37.55 2.59 -12.56
N ALA C 406 -36.71 2.92 -13.54
CA ALA C 406 -37.13 2.93 -14.96
C ALA C 406 -37.29 1.50 -15.41
N GLU C 407 -36.34 0.65 -15.04
CA GLU C 407 -36.30 -0.71 -15.58
C GLU C 407 -37.38 -1.62 -15.01
N LEU C 408 -37.81 -1.41 -13.77
CA LEU C 408 -38.76 -2.33 -13.11
C LEU C 408 -40.19 -1.82 -13.11
N GLY C 409 -40.39 -0.60 -13.61
CA GLY C 409 -41.73 -0.04 -13.77
C GLY C 409 -42.33 0.47 -12.47
N PRO C 410 -43.65 0.68 -12.47
CA PRO C 410 -44.31 1.28 -11.33
C PRO C 410 -44.19 0.54 -10.02
N ASP C 411 -44.08 -0.79 -10.06
CA ASP C 411 -43.87 -1.58 -8.82
C ASP C 411 -42.39 -1.68 -8.34
N ALA C 412 -41.49 -0.90 -8.94
CA ALA C 412 -40.05 -1.04 -8.73
C ALA C 412 -39.63 -1.03 -7.26
N GLN C 413 -40.26 -0.16 -6.48
CA GLN C 413 -39.81 0.01 -5.11
C GLN C 413 -40.26 -1.12 -4.19
N ASN C 414 -41.15 -1.97 -4.68
CA ASN C 414 -41.48 -3.23 -4.03
C ASN C 414 -40.71 -4.40 -4.62
N SER C 415 -40.74 -4.53 -5.94
CA SER C 415 -40.15 -5.69 -6.60
C SER C 415 -38.62 -5.78 -6.52
N ILE C 416 -37.95 -4.64 -6.42
CA ILE C 416 -36.47 -4.66 -6.33
C ILE C 416 -36.00 -5.62 -5.22
N PHE C 417 -36.74 -5.68 -4.11
CA PHE C 417 -36.34 -6.52 -2.98
C PHE C 417 -36.46 -8.04 -3.23
N SER C 418 -37.24 -8.41 -4.25
CA SER C 418 -37.38 -9.81 -4.67
CA SER C 418 -37.35 -9.82 -4.65
C SER C 418 -36.51 -10.15 -5.87
N LYS C 419 -35.85 -9.15 -6.46
CA LYS C 419 -35.16 -9.29 -7.75
C LYS C 419 -33.63 -9.09 -7.62
N SER C 420 -33.14 -9.05 -6.39
CA SER C 420 -31.69 -8.79 -6.12
C SER C 420 -30.82 -9.87 -6.73
N SER C 421 -29.67 -9.49 -7.28
CA SER C 421 -28.79 -10.48 -7.89
C SER C 421 -27.38 -9.91 -8.04
N LEU C 422 -26.37 -10.60 -7.50
CA LEU C 422 -24.97 -10.22 -7.79
C LEU C 422 -24.59 -10.53 -9.26
N ASP C 423 -25.14 -11.60 -9.82
CA ASP C 423 -24.85 -11.89 -11.23
C ASP C 423 -25.25 -10.72 -12.13
N LEU C 424 -26.45 -10.20 -11.91
CA LEU C 424 -26.91 -9.06 -12.67
C LEU C 424 -26.08 -7.81 -12.39
N ALA C 425 -25.61 -7.65 -11.15
CA ALA C 425 -24.81 -6.48 -10.79
C ALA C 425 -23.46 -6.51 -11.51
N LEU C 426 -22.89 -7.69 -11.65
CA LEU C 426 -21.63 -7.84 -12.36
C LEU C 426 -21.82 -7.60 -13.85
N LYS C 427 -22.94 -8.05 -14.41
CA LYS C 427 -23.25 -7.75 -15.81
C LYS C 427 -23.27 -6.23 -15.97
N ASP C 428 -23.92 -5.56 -15.05
CA ASP C 428 -24.03 -4.09 -15.12
C ASP C 428 -22.67 -3.42 -14.98
N ALA C 429 -21.85 -3.90 -14.04
CA ALA C 429 -20.50 -3.34 -13.87
C ALA C 429 -19.66 -3.55 -15.11
N PHE C 430 -19.83 -4.70 -15.76
CA PHE C 430 -19.17 -4.97 -17.06
C PHE C 430 -19.55 -3.93 -18.11
N ARG C 431 -20.84 -3.66 -18.21
CA ARG C 431 -21.32 -2.69 -19.20
C ARG C 431 -20.74 -1.31 -18.92
N LYS C 432 -20.68 -0.95 -17.65
CA LYS C 432 -20.25 0.38 -17.25
C LYS C 432 -18.76 0.51 -17.50
N MSE C 433 -17.99 -0.50 -17.12
CA MSE C 433 -16.55 -0.41 -17.34
C MSE C 433 -16.22 -0.46 -18.85
O MSE C 433 -15.33 0.24 -19.31
CB MSE C 433 -15.79 -1.52 -16.58
CG MSE C 433 -14.29 -1.48 -16.82
SE MSE C 433 -13.34 0.18 -16.26
CE MSE C 433 -13.38 -0.07 -14.28
N ARG C 434 -17.00 -1.21 -19.61
CA ARG C 434 -16.83 -1.23 -21.06
C ARG C 434 -17.06 0.16 -21.63
N HIS C 435 -18.15 0.80 -21.19
CA HIS C 435 -18.49 2.18 -21.61
C HIS C 435 -17.39 3.15 -21.24
N PHE C 436 -16.94 3.10 -19.98
CA PHE C 436 -15.91 4.00 -19.52
C PHE C 436 -14.68 3.88 -20.41
N LEU C 437 -14.28 2.64 -20.70
CA LEU C 437 -13.03 2.42 -21.43
C LEU C 437 -13.18 2.79 -22.89
N MSE C 438 -14.32 2.44 -23.47
CA MSE C 438 -14.57 2.75 -24.89
C MSE C 438 -14.76 4.23 -25.12
O MSE C 438 -14.25 4.80 -26.11
CB MSE C 438 -15.78 1.98 -25.41
CG MSE C 438 -15.52 0.53 -25.59
SE MSE C 438 -17.10 -0.44 -26.17
CE MSE C 438 -17.25 0.22 -27.99
N GLN C 439 -15.51 4.89 -24.25
CA GLN C 439 -15.93 6.27 -24.44
C GLN C 439 -14.99 7.30 -23.83
N THR C 440 -14.15 6.91 -22.87
CA THR C 440 -13.27 7.89 -22.23
C THR C 440 -11.81 7.54 -22.33
N GLN C 441 -11.46 6.27 -22.62
CA GLN C 441 -10.04 5.88 -22.62
C GLN C 441 -9.58 5.39 -24.00
N ASN C 442 -10.33 5.73 -25.05
CA ASN C 442 -9.87 5.53 -26.41
C ASN C 442 -9.68 4.06 -26.79
N LEU C 443 -10.44 3.17 -26.17
CA LEU C 443 -10.35 1.73 -26.49
C LEU C 443 -11.54 1.23 -27.35
N THR C 444 -11.29 0.18 -28.13
CA THR C 444 -12.34 -0.57 -28.84
C THR C 444 -12.98 -1.58 -27.86
N GLU C 445 -14.07 -2.18 -28.27
CA GLU C 445 -14.69 -3.20 -27.44
C GLU C 445 -13.67 -4.33 -27.15
N ASP C 446 -12.96 -4.78 -28.17
CA ASP C 446 -12.05 -5.93 -27.97
C ASP C 446 -10.93 -5.59 -26.99
N GLU C 447 -10.45 -4.34 -27.07
CA GLU C 447 -9.40 -3.85 -26.15
C GLU C 447 -9.93 -3.80 -24.72
N ALA C 448 -11.12 -3.23 -24.58
CA ALA C 448 -11.76 -3.08 -23.26
C ALA C 448 -12.00 -4.43 -22.59
N VAL C 449 -12.50 -5.38 -23.36
CA VAL C 449 -12.82 -6.72 -22.88
C VAL C 449 -11.57 -7.40 -22.36
N SER C 450 -10.48 -7.32 -23.12
CA SER C 450 -9.20 -7.88 -22.68
C SER C 450 -8.69 -7.17 -21.40
N LEU C 451 -8.61 -5.84 -21.43
CA LEU C 451 -8.09 -5.10 -20.29
C LEU C 451 -8.87 -5.39 -19.03
N MSE C 452 -10.18 -5.46 -19.13
CA MSE C 452 -10.93 -5.63 -17.89
C MSE C 452 -10.79 -7.05 -17.33
O MSE C 452 -11.08 -7.26 -16.16
CB MSE C 452 -12.38 -5.19 -18.05
CG MSE C 452 -13.25 -6.12 -18.65
SE MSE C 452 -15.00 -5.16 -18.50
CE MSE C 452 -14.85 -4.04 -19.85
N SER C 453 -10.34 -7.99 -18.12
CA SER C 453 -10.07 -9.34 -17.64
C SER C 453 -8.72 -9.49 -16.91
N ILE C 454 -7.78 -8.59 -17.19
CA ILE C 454 -6.40 -8.70 -16.74
C ILE C 454 -5.94 -7.58 -15.83
N GLY C 455 -6.69 -6.50 -15.81
CA GLY C 455 -6.28 -5.25 -15.16
C GLY C 455 -7.38 -4.38 -14.56
N VAL C 456 -8.54 -4.98 -14.29
CA VAL C 456 -9.60 -4.35 -13.51
C VAL C 456 -10.03 -5.37 -12.49
N ASP C 457 -10.27 -4.93 -11.24
CA ASP C 457 -10.74 -5.82 -10.22
C ASP C 457 -12.17 -5.50 -9.87
N PHE C 458 -13.02 -6.53 -9.84
CA PHE C 458 -14.41 -6.38 -9.49
C PHE C 458 -14.69 -6.92 -8.11
N GLY C 459 -15.34 -6.10 -7.26
CA GLY C 459 -15.63 -6.50 -5.89
C GLY C 459 -17.11 -6.41 -5.56
N ILE C 460 -17.51 -6.97 -4.41
CA ILE C 460 -18.91 -6.90 -3.98
C ILE C 460 -19.07 -5.66 -3.06
N THR C 461 -19.95 -4.76 -3.43
CA THR C 461 -20.14 -3.52 -2.66
C THR C 461 -21.02 -3.80 -1.44
N GLN C 462 -22.20 -4.34 -1.72
CA GLN C 462 -23.19 -4.71 -0.69
C GLN C 462 -24.25 -5.66 -1.25
N VAL C 463 -24.82 -6.48 -0.36
CA VAL C 463 -25.85 -7.41 -0.75
C VAL C 463 -27.05 -7.30 0.22
N VAL C 464 -27.37 -6.07 0.63
CA VAL C 464 -28.37 -5.84 1.65
C VAL C 464 -29.34 -4.70 1.35
N ASP C 465 -29.21 -4.06 0.17
CA ASP C 465 -29.99 -2.86 -0.13
C ASP C 465 -31.01 -3.08 -1.29
N GLY C 466 -31.44 -4.32 -1.53
CA GLY C 466 -32.47 -4.61 -2.56
C GLY C 466 -31.84 -4.60 -3.95
N ASN C 467 -31.31 -3.46 -4.37
CA ASN C 467 -30.52 -3.35 -5.59
C ASN C 467 -29.08 -3.61 -5.15
N TRP C 468 -28.57 -4.82 -5.34
CA TRP C 468 -27.23 -5.19 -4.91
C TRP C 468 -26.17 -4.57 -5.78
N GLY C 469 -24.95 -4.50 -5.25
CA GLY C 469 -23.88 -3.70 -5.84
C GLY C 469 -22.57 -4.44 -6.04
N VAL C 470 -21.97 -4.22 -7.22
CA VAL C 470 -20.63 -4.64 -7.56
C VAL C 470 -19.89 -3.43 -8.03
N HIS C 471 -18.65 -3.27 -7.60
CA HIS C 471 -17.80 -2.14 -8.04
C HIS C 471 -16.62 -2.64 -8.85
N ALA C 472 -16.21 -1.82 -9.81
CA ALA C 472 -15.10 -2.12 -10.68
C ALA C 472 -14.03 -1.06 -10.44
N VAL C 473 -12.82 -1.51 -10.12
CA VAL C 473 -11.69 -0.61 -9.76
C VAL C 473 -10.63 -0.68 -10.85
N VAL C 474 -10.17 0.48 -11.33
CA VAL C 474 -9.06 0.49 -12.31
C VAL C 474 -8.10 1.59 -11.87
N LYS C 475 -6.80 1.32 -11.98
CA LYS C 475 -5.78 2.24 -11.55
C LYS C 475 -5.50 3.24 -12.66
N LYS C 476 -5.35 4.51 -12.29
CA LYS C 476 -5.12 5.57 -13.27
C LYS C 476 -3.80 5.40 -13.98
N GLY C 477 -2.82 4.89 -13.25
CA GLY C 477 -1.44 4.89 -13.73
C GLY C 477 -1.13 4.02 -14.90
N ILE C 478 -2.01 3.07 -15.19
CA ILE C 478 -1.77 2.22 -16.32
C ILE C 478 -1.94 2.89 -17.69
N PHE C 479 -2.66 4.03 -17.74
CA PHE C 479 -3.07 4.64 -18.99
C PHE C 479 -2.13 5.72 -19.49
N PRO C 480 -2.05 5.86 -20.82
CA PRO C 480 -1.22 6.90 -21.39
C PRO C 480 -1.89 8.27 -21.33
N GLY C 481 -3.20 8.26 -21.10
CA GLY C 481 -4.03 9.44 -21.17
C GLY C 481 -4.50 9.76 -22.58
N ARG C 482 -5.58 10.53 -22.66
CA ARG C 482 -5.98 11.24 -23.90
C ARG C 482 -4.82 12.15 -24.34
N ASP C 483 -4.46 12.07 -25.62
CA ASP C 483 -3.14 12.51 -26.07
C ASP C 483 -3.10 12.76 -27.58
N GLY D 65 20.26 -32.57 12.36
CA GLY D 65 21.75 -32.73 12.48
C GLY D 65 22.48 -31.41 12.63
N LEU D 66 23.78 -31.46 12.93
CA LEU D 66 24.60 -30.26 13.19
C LEU D 66 25.67 -30.01 12.13
N THR D 67 25.73 -30.89 11.12
CA THR D 67 26.62 -30.70 9.99
C THR D 67 25.78 -30.67 8.71
N SER D 68 26.32 -30.03 7.69
CA SER D 68 25.59 -29.84 6.43
C SER D 68 25.24 -31.12 5.69
N GLY D 69 24.22 -31.04 4.86
CA GLY D 69 23.80 -32.14 4.03
C GLY D 69 22.94 -31.67 2.89
N HIS D 70 22.18 -32.59 2.31
CA HIS D 70 21.31 -32.26 1.18
C HIS D 70 19.87 -32.27 1.63
N ALA D 71 19.11 -31.28 1.19
CA ALA D 71 17.66 -31.33 1.27
C ALA D 71 17.16 -32.03 -0.02
N THR D 72 15.98 -32.65 0.03
CA THR D 72 15.36 -33.23 -1.15
C THR D 72 14.62 -32.16 -1.93
N HIS D 73 14.97 -32.03 -3.20
CA HIS D 73 14.38 -31.01 -4.04
C HIS D 73 14.26 -31.58 -5.47
N TYR D 74 13.06 -31.98 -5.81
CA TYR D 74 12.82 -32.54 -7.14
C TYR D 74 12.66 -31.43 -8.19
N TYR D 75 13.01 -31.75 -9.44
CA TYR D 75 12.80 -30.86 -10.55
C TYR D 75 11.90 -31.62 -11.50
N ILE D 76 10.73 -31.06 -11.76
CA ILE D 76 9.81 -31.66 -12.71
C ILE D 76 9.69 -30.80 -13.96
N PRO D 77 10.32 -31.23 -15.06
CA PRO D 77 10.19 -30.48 -16.29
C PRO D 77 8.81 -30.72 -16.85
N ALA D 78 8.36 -29.84 -17.73
CA ALA D 78 7.10 -30.03 -18.47
C ALA D 78 7.39 -30.82 -19.73
N SER D 79 6.77 -31.99 -19.86
CA SER D 79 6.86 -32.77 -21.09
C SER D 79 5.62 -33.65 -21.21
N ASP D 80 5.56 -34.41 -22.29
CA ASP D 80 4.47 -35.35 -22.48
C ASP D 80 4.46 -36.43 -21.41
N LYS D 81 5.55 -36.56 -20.67
CA LYS D 81 5.67 -37.61 -19.64
C LYS D 81 5.31 -37.17 -18.24
N THR D 82 5.19 -35.84 -18.02
CA THR D 82 5.02 -35.27 -16.69
C THR D 82 3.73 -34.47 -16.51
N VAL D 83 2.86 -34.45 -17.53
CA VAL D 83 1.60 -33.73 -17.48
C VAL D 83 0.38 -34.59 -17.81
N SER D 84 -0.75 -34.16 -17.29
CA SER D 84 -2.06 -34.56 -17.77
C SER D 84 -2.82 -33.34 -18.24
N TRP D 85 -3.60 -33.50 -19.31
CA TRP D 85 -4.27 -32.37 -19.95
C TRP D 85 -5.77 -32.42 -19.68
N GLY D 86 -6.25 -31.46 -18.88
CA GLY D 86 -7.69 -31.22 -18.73
C GLY D 86 -8.40 -31.98 -17.63
N PHE D 87 -7.67 -32.65 -16.75
CA PHE D 87 -8.33 -33.42 -15.69
C PHE D 87 -7.45 -33.71 -14.51
N PHE D 88 -8.11 -33.85 -13.37
CA PHE D 88 -7.54 -34.43 -12.16
C PHE D 88 -8.02 -35.88 -12.13
N SER D 89 -7.20 -36.76 -11.54
CA SER D 89 -7.60 -38.13 -11.31
C SER D 89 -6.79 -38.74 -10.19
N LYS D 90 -7.52 -39.28 -9.24
CA LYS D 90 -6.97 -40.01 -8.12
C LYS D 90 -6.30 -41.32 -8.55
N SER D 91 -6.55 -41.77 -9.78
CA SER D 91 -5.94 -43.01 -10.29
CA SER D 91 -5.93 -43.03 -10.25
C SER D 91 -4.64 -42.80 -11.05
N LEU D 92 -4.26 -41.55 -11.27
CA LEU D 92 -3.01 -41.24 -12.00
C LEU D 92 -1.82 -41.57 -11.15
N LYS D 93 -0.86 -42.28 -11.75
CA LYS D 93 0.38 -42.56 -11.06
C LYS D 93 1.15 -41.26 -10.82
N PRO D 94 1.64 -41.04 -9.61
CA PRO D 94 2.44 -39.84 -9.43
C PRO D 94 3.74 -39.82 -10.20
N VAL D 95 4.15 -38.63 -10.62
CA VAL D 95 5.43 -38.38 -11.26
C VAL D 95 6.57 -38.51 -10.26
N VAL D 96 6.31 -38.10 -9.03
CA VAL D 96 7.28 -38.22 -7.96
CA VAL D 96 7.29 -38.10 -7.95
C VAL D 96 6.57 -38.33 -6.62
N GLU D 97 7.22 -38.99 -5.67
CA GLU D 97 6.73 -39.07 -4.29
C GLU D 97 7.77 -38.40 -3.42
N LEU D 98 7.34 -37.40 -2.66
CA LEU D 98 8.23 -36.75 -1.73
C LEU D 98 7.68 -36.81 -0.31
N GLU D 99 8.43 -36.25 0.63
CA GLU D 99 8.12 -36.30 2.05
C GLU D 99 7.81 -34.89 2.51
N SER D 100 7.03 -34.78 3.56
CA SER D 100 6.79 -33.50 4.19
C SER D 100 8.09 -32.73 4.47
N GLY D 101 8.14 -31.49 4.01
CA GLY D 101 9.31 -30.64 4.10
C GLY D 101 10.12 -30.54 2.85
N ASP D 102 9.92 -31.47 1.92
CA ASP D 102 10.64 -31.46 0.65
C ASP D 102 10.17 -30.35 -0.30
N PHE D 103 11.08 -29.99 -1.22
CA PHE D 103 10.83 -29.02 -2.24
C PHE D 103 10.63 -29.68 -3.61
N ALA D 104 9.97 -28.96 -4.50
CA ALA D 104 10.02 -29.23 -5.94
C ALA D 104 9.98 -27.97 -6.76
N THR D 105 10.79 -27.96 -7.81
CA THR D 105 10.65 -26.97 -8.85
C THR D 105 9.87 -27.62 -9.98
N ILE D 106 8.77 -26.99 -10.40
CA ILE D 106 7.81 -27.60 -11.30
C ILE D 106 7.53 -26.64 -12.44
N GLU D 107 7.87 -27.05 -13.66
CA GLU D 107 7.56 -26.31 -14.85
C GLU D 107 6.12 -26.51 -15.21
N THR D 108 5.46 -25.42 -15.63
CA THR D 108 4.07 -25.49 -16.07
C THR D 108 3.99 -24.81 -17.42
N LEU D 109 3.03 -25.26 -18.21
CA LEU D 109 2.85 -24.76 -19.58
C LEU D 109 1.47 -24.18 -19.71
N THR D 110 1.35 -23.07 -20.45
CA THR D 110 0.00 -22.64 -20.81
C THR D 110 -0.57 -23.42 -21.97
N HIS D 111 -1.83 -23.79 -21.81
CA HIS D 111 -2.59 -24.52 -22.81
C HIS D 111 -2.96 -23.62 -23.97
N HIS D 112 -2.63 -22.33 -23.86
CA HIS D 112 -2.81 -21.43 -25.00
C HIS D 112 -1.54 -21.20 -25.86
N SER D 113 -0.51 -22.02 -25.69
CA SER D 113 0.74 -21.79 -26.43
C SER D 113 0.58 -21.87 -27.93
N ASN D 114 -0.36 -22.69 -28.38
CA ASN D 114 -0.62 -22.82 -29.84
C ASN D 114 -1.46 -21.70 -30.44
N ASP D 115 -1.83 -20.69 -29.65
CA ASP D 115 -2.42 -19.47 -30.23
C ASP D 115 -1.37 -18.69 -31.02
N ASP D 116 -0.08 -18.84 -30.66
CA ASP D 116 1.05 -18.40 -31.49
C ASP D 116 2.29 -19.26 -31.24
N ALA D 117 2.35 -20.35 -31.98
CA ALA D 117 3.41 -21.33 -31.85
C ALA D 117 4.78 -20.74 -32.07
N SER D 118 4.90 -19.77 -32.98
CA SER D 118 6.19 -19.13 -33.19
C SER D 118 6.75 -18.46 -31.93
N LEU D 119 5.85 -18.04 -31.04
CA LEU D 119 6.26 -17.30 -29.83
C LEU D 119 6.30 -18.17 -28.57
N MSE D 120 5.47 -19.21 -28.53
CA MSE D 120 5.23 -19.99 -27.30
C MSE D 120 5.49 -21.49 -27.40
O MSE D 120 5.38 -22.19 -26.41
CB MSE D 120 3.83 -19.74 -26.76
CG MSE D 120 3.66 -18.30 -26.35
SE MSE D 120 1.81 -17.92 -25.75
CE MSE D 120 1.01 -17.85 -27.46
N VAL D 121 5.89 -21.99 -28.58
CA VAL D 121 6.12 -23.44 -28.74
C VAL D 121 7.45 -23.72 -29.48
N LYS D 122 7.58 -23.18 -30.69
CA LYS D 122 8.71 -23.53 -31.54
CA LYS D 122 8.72 -23.53 -31.55
C LYS D 122 10.06 -23.27 -30.86
N GLY D 123 10.92 -24.29 -30.83
CA GLY D 123 12.24 -24.18 -30.22
C GLY D 123 12.28 -24.52 -28.74
N ASP D 124 11.13 -24.72 -28.14
CA ASP D 124 11.01 -25.03 -26.72
C ASP D 124 10.71 -26.51 -26.66
N PRO D 125 11.73 -27.33 -26.30
CA PRO D 125 11.52 -28.79 -26.36
C PRO D 125 10.38 -29.30 -25.49
N GLY D 126 10.20 -28.69 -24.31
CA GLY D 126 9.13 -29.09 -23.42
C GLY D 126 7.78 -28.84 -24.07
N ALA D 127 7.60 -27.63 -24.56
CA ALA D 127 6.35 -27.24 -25.17
C ALA D 127 6.10 -28.08 -26.45
N GLU D 128 7.12 -28.26 -27.26
CA GLU D 128 7.03 -29.12 -28.45
C GLU D 128 6.60 -30.53 -28.09
N SER D 129 7.12 -31.05 -26.98
CA SER D 129 6.79 -32.39 -26.54
CA SER D 129 6.78 -32.42 -26.60
C SER D 129 5.29 -32.51 -26.23
N VAL D 130 4.74 -31.48 -25.60
CA VAL D 130 3.33 -31.52 -25.17
C VAL D 130 2.35 -31.20 -26.30
N PHE D 131 2.71 -30.25 -27.14
CA PHE D 131 1.81 -29.79 -28.20
C PHE D 131 1.91 -30.58 -29.51
N TYR D 132 2.88 -31.49 -29.64
CA TYR D 132 3.07 -32.22 -30.90
C TYR D 132 1.75 -32.81 -31.42
N TRP D 133 1.40 -32.46 -32.65
CA TRP D 133 0.18 -32.96 -33.30
C TRP D 133 0.38 -32.96 -34.81
N ASP D 134 0.43 -34.14 -35.40
CA ASP D 134 0.49 -34.30 -36.86
C ASP D 134 -0.70 -35.10 -37.34
N SER D 135 -0.72 -35.45 -38.62
CA SER D 135 -1.89 -36.11 -39.15
C SER D 135 -2.09 -37.49 -38.57
N LYS D 136 -1.05 -38.05 -37.96
CA LYS D 136 -1.09 -39.41 -37.41
C LYS D 136 -1.17 -39.53 -35.89
N ARG D 137 -0.46 -38.66 -35.17
CA ARG D 137 -0.34 -38.81 -33.72
C ARG D 137 -0.43 -37.48 -32.99
N LYS D 138 -0.89 -37.54 -31.75
CA LYS D 138 -0.70 -36.49 -30.77
C LYS D 138 0.13 -37.07 -29.66
N ASN D 139 1.14 -36.34 -29.19
CA ASN D 139 1.87 -36.81 -28.01
C ASN D 139 0.99 -36.90 -26.77
N VAL D 140 0.13 -35.90 -26.59
CA VAL D 140 -0.84 -35.85 -25.49
C VAL D 140 -2.23 -35.82 -26.10
N ASP D 141 -2.85 -37.00 -26.18
CA ASP D 141 -4.10 -37.18 -26.91
C ASP D 141 -5.31 -36.79 -26.06
N ARG D 142 -5.46 -37.40 -24.87
CA ARG D 142 -6.55 -36.98 -24.00
C ARG D 142 -6.36 -35.53 -23.54
N ARG D 143 -7.41 -34.75 -23.79
CA ARG D 143 -7.53 -33.38 -23.32
C ARG D 143 -8.94 -33.19 -22.75
N GLY D 144 -9.07 -33.32 -21.43
CA GLY D 144 -10.36 -33.33 -20.79
C GLY D 144 -10.72 -34.68 -20.23
N MSE D 145 -11.80 -34.71 -19.45
CA MSE D 145 -12.25 -35.93 -18.77
C MSE D 145 -13.24 -36.80 -19.57
O MSE D 145 -13.73 -37.86 -19.07
CB MSE D 145 -12.85 -35.61 -17.39
CG MSE D 145 -14.04 -34.60 -17.36
SE MSE D 145 -15.68 -35.17 -18.17
CE MSE D 145 -16.08 -36.66 -16.94
N GLY D 146 -13.53 -36.39 -20.81
CA GLY D 146 -14.56 -37.03 -21.61
C GLY D 146 -14.09 -38.27 -22.34
N PRO D 147 -14.97 -38.82 -23.17
CA PRO D 147 -14.65 -40.04 -23.91
C PRO D 147 -13.48 -39.86 -24.88
N MSE D 148 -12.67 -40.90 -25.02
CA MSE D 148 -11.58 -40.87 -25.95
C MSE D 148 -12.07 -40.71 -27.39
O MSE D 148 -11.34 -40.18 -28.23
CB MSE D 148 -10.73 -42.13 -25.83
CG MSE D 148 -10.01 -42.24 -24.48
SE MSE D 148 -8.71 -40.85 -24.15
CE MSE D 148 -7.58 -41.13 -25.71
N ASP D 149 -13.29 -41.17 -27.66
CA ASP D 149 -13.86 -41.06 -29.01
C ASP D 149 -14.75 -39.84 -29.21
N HIS D 150 -14.64 -38.84 -28.34
CA HIS D 150 -15.47 -37.64 -28.47
C HIS D 150 -15.23 -36.98 -29.83
N LYS D 151 -16.28 -36.43 -30.42
CA LYS D 151 -16.19 -35.86 -31.75
C LYS D 151 -15.25 -34.68 -31.85
N LEU D 152 -15.08 -33.93 -30.78
CA LEU D 152 -14.12 -32.81 -30.79
C LEU D 152 -12.65 -33.26 -30.76
N GLY D 153 -12.40 -34.49 -30.30
CA GLY D 153 -11.05 -34.95 -29.99
C GLY D 153 -11.08 -35.66 -28.64
N ALA D 154 -10.11 -36.54 -28.40
CA ALA D 154 -10.08 -37.33 -27.16
C ALA D 154 -10.18 -36.43 -25.91
N GLY D 155 -11.05 -36.82 -24.97
CA GLY D 155 -11.32 -36.03 -23.77
C GLY D 155 -12.40 -34.98 -23.93
N GLY D 156 -12.74 -34.65 -25.17
CA GLY D 156 -13.80 -33.71 -25.52
C GLY D 156 -13.53 -32.27 -25.14
N GLY D 157 -12.30 -31.95 -24.71
CA GLY D 157 -12.04 -30.62 -24.18
C GLY D 157 -12.84 -30.33 -22.91
N MSE D 158 -13.31 -31.38 -22.22
CA MSE D 158 -14.03 -31.25 -20.96
C MSE D 158 -13.00 -31.10 -19.84
O MSE D 158 -12.72 -32.03 -19.10
CB MSE D 158 -14.94 -32.46 -20.77
CG MSE D 158 -16.02 -32.43 -21.85
SE MSE D 158 -16.91 -34.11 -22.07
CE MSE D 158 -18.31 -33.54 -23.27
N GLY D 159 -12.42 -29.89 -19.76
CA GLY D 159 -11.20 -29.65 -19.01
C GLY D 159 -10.12 -29.33 -20.02
N VAL D 160 -9.36 -28.25 -19.77
CA VAL D 160 -8.47 -27.63 -20.78
C VAL D 160 -7.04 -27.35 -20.33
N HIS D 161 -6.73 -27.52 -19.04
CA HIS D 161 -5.47 -27.03 -18.49
C HIS D 161 -4.42 -28.13 -18.48
N ILE D 162 -3.17 -27.76 -18.76
CA ILE D 162 -2.06 -28.68 -18.68
C ILE D 162 -1.57 -28.69 -17.24
N LEU D 163 -1.65 -29.83 -16.59
CA LEU D 163 -1.36 -29.96 -15.17
C LEU D 163 -0.14 -30.86 -14.98
N THR D 164 0.95 -30.24 -14.53
CA THR D 164 2.15 -30.98 -14.19
C THR D 164 1.97 -31.68 -12.86
N GLY D 165 2.27 -32.98 -12.84
CA GLY D 165 2.09 -33.82 -11.64
C GLY D 165 1.48 -35.13 -12.08
N PRO D 166 0.85 -35.88 -11.17
CA PRO D 166 0.71 -35.57 -9.75
C PRO D 166 1.99 -35.73 -8.95
N VAL D 167 2.04 -35.03 -7.82
CA VAL D 167 3.06 -35.20 -6.81
C VAL D 167 2.42 -35.87 -5.61
N ALA D 168 2.93 -37.04 -5.23
CA ALA D 168 2.50 -37.70 -4.02
C ALA D 168 3.31 -37.27 -2.82
N ILE D 169 2.63 -37.22 -1.68
CA ILE D 169 3.27 -36.86 -0.41
C ILE D 169 3.13 -38.06 0.50
N LYS D 170 4.28 -38.59 0.92
CA LYS D 170 4.32 -39.83 1.70
C LYS D 170 3.57 -39.65 3.02
N GLY D 171 2.68 -40.57 3.33
CA GLY D 171 1.95 -40.56 4.60
C GLY D 171 0.71 -39.66 4.64
N ALA D 172 0.43 -38.97 3.54
CA ALA D 172 -0.77 -38.12 3.46
C ALA D 172 -2.00 -39.02 3.41
N GLU D 173 -2.94 -38.78 4.31
CA GLU D 173 -4.17 -39.55 4.42
C GLU D 173 -5.37 -38.66 4.27
N PRO D 174 -6.51 -39.23 3.83
CA PRO D 174 -7.74 -38.47 3.83
C PRO D 174 -7.98 -37.88 5.21
N GLY D 175 -8.31 -36.59 5.26
CA GLY D 175 -8.53 -35.88 6.49
C GLY D 175 -7.34 -34.99 6.91
N ASP D 176 -6.16 -35.23 6.33
CA ASP D 176 -5.03 -34.34 6.54
C ASP D 176 -5.22 -33.05 5.73
N VAL D 177 -4.31 -32.11 5.94
CA VAL D 177 -4.25 -30.90 5.11
C VAL D 177 -2.82 -30.77 4.58
N LEU D 178 -2.72 -30.45 3.29
CA LEU D 178 -1.42 -30.17 2.68
C LEU D 178 -1.17 -28.65 2.56
N GLU D 179 -0.04 -28.20 3.11
CA GLU D 179 0.45 -26.86 2.93
C GLU D 179 1.43 -26.85 1.76
N VAL D 180 1.22 -25.91 0.85
CA VAL D 180 2.09 -25.76 -0.30
C VAL D 180 2.57 -24.29 -0.33
N ARG D 181 3.84 -24.11 -0.05
CA ARG D 181 4.43 -22.79 -0.01
C ARG D 181 4.97 -22.47 -1.38
N ILE D 182 4.48 -21.38 -1.97
CA ILE D 182 4.96 -20.96 -3.29
C ILE D 182 6.11 -20.00 -3.03
N VAL D 183 7.35 -20.45 -3.20
CA VAL D 183 8.48 -19.63 -2.75
C VAL D 183 9.12 -18.82 -3.86
N ASP D 184 8.96 -19.25 -5.11
CA ASP D 184 9.44 -18.46 -6.24
C ASP D 184 8.71 -18.85 -7.52
N VAL D 185 8.67 -17.89 -8.44
CA VAL D 185 8.00 -18.05 -9.71
C VAL D 185 8.85 -17.34 -10.74
N ALA D 186 9.04 -17.95 -11.91
CA ALA D 186 9.72 -17.30 -12.99
C ALA D 186 8.94 -17.50 -14.29
N LEU D 187 8.95 -16.49 -15.17
CA LEU D 187 8.38 -16.64 -16.51
C LEU D 187 9.21 -17.61 -17.32
N ARG D 188 8.55 -18.46 -18.10
CA ARG D 188 9.27 -19.38 -18.98
C ARG D 188 9.69 -18.63 -20.20
N PRO D 189 11.00 -18.45 -20.41
CA PRO D 189 11.40 -17.59 -21.51
C PRO D 189 11.01 -18.17 -22.86
N SER D 190 10.63 -17.32 -23.81
CA SER D 190 10.45 -17.73 -25.19
C SER D 190 11.73 -18.34 -25.75
N ALA D 191 11.59 -19.44 -26.48
CA ALA D 191 12.72 -20.04 -27.23
C ALA D 191 13.03 -19.35 -28.57
N ASN D 192 12.18 -18.43 -29.01
CA ASN D 192 12.41 -17.73 -30.27
C ASN D 192 13.61 -16.78 -30.12
N PRO D 193 14.71 -17.05 -30.85
CA PRO D 193 15.91 -16.23 -30.68
C PRO D 193 15.74 -14.74 -30.91
N GLU D 194 14.77 -14.36 -31.73
CA GLU D 194 14.49 -12.94 -32.05
CA GLU D 194 14.52 -12.94 -32.03
C GLU D 194 13.91 -12.21 -30.84
N PHE D 195 13.41 -12.97 -29.87
CA PHE D 195 12.76 -12.37 -28.70
C PHE D 195 13.44 -12.75 -27.40
N LYS D 196 14.77 -12.80 -27.42
CA LYS D 196 15.51 -13.17 -26.23
C LYS D 196 15.19 -12.20 -25.11
N GLY D 197 14.91 -12.73 -23.93
CA GLY D 197 14.55 -11.93 -22.77
C GLY D 197 13.07 -11.75 -22.57
N LYS D 198 12.28 -12.19 -23.53
CA LYS D 198 10.84 -12.03 -23.49
C LYS D 198 10.13 -13.36 -23.33
N THR D 199 8.90 -13.30 -22.80
CA THR D 199 7.94 -14.37 -22.74
C THR D 199 6.62 -13.80 -23.30
N PHE D 200 5.87 -14.65 -23.98
CA PHE D 200 4.57 -14.27 -24.51
C PHE D 200 3.44 -15.04 -23.88
N GLY D 201 2.29 -14.39 -23.79
CA GLY D 201 1.10 -14.99 -23.24
C GLY D 201 -0.11 -14.62 -24.09
N SER D 202 -1.21 -15.34 -23.86
CA SER D 202 -2.42 -15.18 -24.65
C SER D 202 -3.61 -14.93 -23.76
N ASN D 203 -4.37 -13.89 -24.07
CA ASN D 203 -5.64 -13.63 -23.41
C ASN D 203 -6.73 -13.84 -24.46
N VAL D 204 -7.59 -14.84 -24.25
CA VAL D 204 -8.67 -15.14 -25.17
C VAL D 204 -10.01 -14.71 -24.58
N ALA D 205 -10.70 -13.84 -25.30
CA ALA D 205 -12.07 -13.49 -24.98
C ALA D 205 -12.90 -14.59 -25.67
N ALA D 206 -13.43 -15.50 -24.85
CA ALA D 206 -13.90 -16.81 -25.30
C ALA D 206 -15.40 -17.00 -25.15
N ASN D 207 -15.90 -18.06 -25.80
CA ASN D 207 -17.31 -18.38 -25.78
C ASN D 207 -17.85 -18.67 -24.36
N TRP D 208 -16.98 -19.08 -23.45
CA TRP D 208 -17.32 -19.31 -22.01
C TRP D 208 -17.20 -18.07 -21.11
N GLY D 209 -16.77 -16.98 -21.70
CA GLY D 209 -16.65 -15.74 -20.99
C GLY D 209 -17.97 -15.11 -20.57
N PHE D 210 -17.90 -14.29 -19.51
CA PHE D 210 -19.07 -13.63 -18.95
C PHE D 210 -19.56 -12.52 -19.88
N HIS D 211 -18.68 -12.05 -20.76
CA HIS D 211 -18.97 -10.95 -21.69
C HIS D 211 -19.66 -11.47 -22.96
N TYR D 212 -19.59 -12.78 -23.21
CA TYR D 212 -19.77 -13.28 -24.60
C TYR D 212 -21.13 -13.01 -25.25
N ASN D 213 -22.19 -13.03 -24.45
CA ASN D 213 -23.55 -12.75 -24.91
C ASN D 213 -23.91 -11.27 -24.83
N GLU D 214 -22.92 -10.41 -24.57
CA GLU D 214 -23.19 -9.01 -24.29
C GLU D 214 -22.54 -8.06 -25.29
N LEU D 215 -21.87 -8.57 -26.31
CA LEU D 215 -21.07 -7.71 -27.19
C LEU D 215 -21.95 -6.78 -28.03
N ILE D 216 -21.44 -5.57 -28.25
CA ILE D 216 -22.18 -4.55 -28.97
C ILE D 216 -21.63 -4.23 -30.35
N GLU D 217 -20.34 -4.40 -30.59
CA GLU D 217 -19.80 -4.20 -31.93
C GLU D 217 -20.05 -5.42 -32.81
N GLU D 218 -20.30 -5.21 -34.12
CA GLU D 218 -20.37 -6.35 -35.02
CA GLU D 218 -20.37 -6.34 -35.05
C GLU D 218 -18.96 -6.86 -35.37
N PRO D 219 -18.82 -8.17 -35.57
CA PRO D 219 -19.77 -9.26 -35.36
C PRO D 219 -19.95 -9.56 -33.86
N LYS D 220 -21.20 -9.62 -33.43
CA LYS D 220 -21.48 -9.68 -31.99
C LYS D 220 -21.11 -11.00 -31.37
N LYS D 221 -21.06 -12.04 -32.18
CA LYS D 221 -20.58 -13.32 -31.68
C LYS D 221 -19.19 -13.54 -32.25
N ARG D 222 -18.20 -13.38 -31.37
CA ARG D 222 -16.82 -13.55 -31.76
C ARG D 222 -15.98 -13.89 -30.56
N GLU D 223 -14.86 -14.55 -30.86
CA GLU D 223 -13.81 -14.77 -29.87
C GLU D 223 -12.55 -14.11 -30.37
N VAL D 224 -11.78 -13.56 -29.42
CA VAL D 224 -10.66 -12.70 -29.75
C VAL D 224 -9.44 -13.07 -28.92
N VAL D 225 -8.37 -13.37 -29.64
CA VAL D 225 -7.09 -13.71 -29.03
C VAL D 225 -6.22 -12.47 -29.00
N THR D 226 -5.75 -12.13 -27.79
CA THR D 226 -4.84 -11.01 -27.61
C THR D 226 -3.53 -11.53 -27.04
N ILE D 227 -2.44 -11.34 -27.80
CA ILE D 227 -1.14 -11.77 -27.37
C ILE D 227 -0.44 -10.64 -26.67
N TYR D 228 0.14 -10.95 -25.51
CA TYR D 228 0.89 -10.01 -24.68
C TYR D 228 2.35 -10.40 -24.58
N GLU D 229 3.18 -9.38 -24.45
CA GLU D 229 4.63 -9.49 -24.30
C GLU D 229 5.03 -9.15 -22.87
N LEU D 230 5.82 -10.02 -22.29
CA LEU D 230 6.32 -9.88 -20.93
C LEU D 230 7.83 -9.92 -20.94
N ASP D 231 8.42 -9.25 -19.96
CA ASP D 231 9.86 -9.28 -19.73
C ASP D 231 10.19 -10.50 -18.87
N ALA D 232 10.80 -11.52 -19.47
CA ALA D 232 11.12 -12.75 -18.75
C ALA D 232 12.13 -12.53 -17.62
N THR D 233 12.91 -11.43 -17.69
CA THR D 233 13.89 -11.13 -16.61
C THR D 233 13.27 -10.48 -15.38
N GLY D 234 12.02 -10.00 -15.48
CA GLY D 234 11.37 -9.32 -14.36
C GLY D 234 11.81 -7.89 -14.10
N GLU D 235 12.72 -7.36 -14.91
CA GLU D 235 13.15 -5.97 -14.76
C GLU D 235 11.96 -5.01 -14.96
N ARG D 236 11.24 -5.20 -16.07
CA ARG D 236 10.00 -4.46 -16.34
C ARG D 236 8.87 -5.22 -15.69
N ASN D 237 8.06 -4.57 -14.86
CA ASN D 237 7.02 -5.27 -14.12
C ASN D 237 5.59 -5.10 -14.66
N TRP D 238 5.48 -4.92 -15.97
CA TRP D 238 4.23 -4.76 -16.61
C TRP D 238 4.29 -5.40 -18.00
N ALA D 239 3.09 -5.74 -18.49
CA ALA D 239 2.88 -6.40 -19.78
C ALA D 239 2.41 -5.42 -20.83
N ARG D 240 2.74 -5.74 -22.09
CA ARG D 240 2.40 -4.90 -23.23
C ARG D 240 1.63 -5.77 -24.24
N ALA D 241 0.46 -5.32 -24.72
CA ALA D 241 -0.20 -6.03 -25.83
C ALA D 241 0.65 -5.97 -27.10
N PHE D 242 0.69 -7.11 -27.78
CA PHE D 242 1.41 -7.26 -29.04
C PHE D 242 0.45 -7.09 -30.24
N TYR D 243 -0.56 -7.98 -30.32
CA TYR D 243 -1.57 -7.95 -31.39
C TYR D 243 -2.77 -8.73 -30.93
N ASN D 244 -3.90 -8.52 -31.57
CA ASN D 244 -5.05 -9.38 -31.39
C ASN D 244 -5.51 -9.93 -32.74
N TYR D 245 -6.37 -10.95 -32.66
CA TYR D 245 -7.03 -11.46 -33.85
C TYR D 245 -8.32 -12.13 -33.44
N ARG D 246 -9.27 -12.06 -34.36
CA ARG D 246 -10.52 -12.79 -34.24
C ARG D 246 -10.29 -14.26 -34.61
N TRP D 247 -10.77 -15.15 -33.74
CA TRP D 247 -10.76 -16.57 -34.05
C TRP D 247 -11.59 -16.85 -35.32
N THR D 248 -10.97 -17.55 -36.27
CA THR D 248 -11.69 -18.07 -37.41
C THR D 248 -11.62 -19.61 -37.33
N PRO D 249 -12.55 -20.34 -38.00
CA PRO D 249 -12.57 -21.81 -37.88
C PRO D 249 -11.22 -22.43 -38.20
N GLN D 250 -10.72 -23.26 -37.27
CA GLN D 250 -9.40 -23.87 -37.38
C GLN D 250 -9.58 -25.35 -37.52
N LYS D 251 -9.00 -25.92 -38.58
CA LYS D 251 -8.99 -27.34 -38.84
C LYS D 251 -7.75 -27.94 -38.22
N ASP D 252 -7.93 -28.85 -37.27
CA ASP D 252 -6.79 -29.46 -36.59
C ASP D 252 -6.16 -30.52 -37.51
N PRO D 253 -4.98 -31.05 -37.16
CA PRO D 253 -4.32 -32.02 -38.01
C PRO D 253 -5.03 -33.33 -38.24
N PHE D 254 -6.04 -33.63 -37.42
CA PHE D 254 -6.89 -34.80 -37.65
C PHE D 254 -8.13 -34.44 -38.49
N GLY D 255 -8.27 -33.17 -38.87
CA GLY D 255 -9.33 -32.77 -39.82
C GLY D 255 -10.62 -32.24 -39.18
N VAL D 256 -10.64 -32.17 -37.87
CA VAL D 256 -11.80 -31.63 -37.17
C VAL D 256 -11.71 -30.10 -37.19
N VAL D 257 -12.81 -29.48 -37.59
CA VAL D 257 -12.92 -28.01 -37.65
C VAL D 257 -13.49 -27.48 -36.36
N HIS D 258 -12.86 -26.42 -35.85
CA HIS D 258 -13.23 -25.79 -34.59
C HIS D 258 -13.61 -24.34 -34.88
N PRO D 259 -14.91 -24.06 -35.04
CA PRO D 259 -15.38 -22.69 -35.34
C PRO D 259 -15.35 -21.79 -34.11
N ILE D 260 -15.29 -22.39 -32.94
CA ILE D 260 -15.10 -21.67 -31.70
C ILE D 260 -13.96 -22.41 -30.97
N VAL D 261 -13.50 -21.88 -29.85
CA VAL D 261 -12.42 -22.49 -29.11
C VAL D 261 -13.01 -23.59 -28.23
N ASP D 262 -13.22 -24.75 -28.83
CA ASP D 262 -13.98 -25.80 -28.18
C ASP D 262 -13.13 -27.01 -27.78
N TYR D 263 -11.84 -26.93 -28.05
CA TYR D 263 -10.90 -28.02 -27.81
C TYR D 263 -9.52 -27.38 -27.64
N PRO D 264 -8.79 -27.73 -26.56
CA PRO D 264 -7.54 -27.02 -26.27
C PRO D 264 -6.35 -27.45 -27.13
N GLY D 265 -5.48 -26.50 -27.39
CA GLY D 265 -4.20 -26.78 -28.02
C GLY D 265 -4.21 -27.02 -29.51
N VAL D 266 -5.26 -26.56 -30.20
CA VAL D 266 -5.32 -26.62 -31.67
C VAL D 266 -4.31 -25.64 -32.25
N PRO D 267 -3.41 -26.11 -33.13
CA PRO D 267 -2.49 -25.16 -33.75
C PRO D 267 -3.23 -24.17 -34.64
N VAL D 268 -3.08 -22.87 -34.39
CA VAL D 268 -3.73 -21.86 -35.21
C VAL D 268 -2.94 -21.64 -36.47
N ASP D 269 -3.64 -21.65 -37.62
CA ASP D 269 -3.04 -21.36 -38.92
C ASP D 269 -3.07 -19.86 -39.13
N HIS D 270 -1.90 -19.23 -39.02
CA HIS D 270 -1.84 -17.78 -39.03
C HIS D 270 -2.16 -17.13 -40.39
N SER D 271 -2.21 -17.94 -41.45
CA SER D 271 -2.67 -17.45 -42.76
C SER D 271 -4.18 -17.29 -42.81
N THR D 272 -4.90 -17.78 -41.80
CA THR D 272 -6.36 -17.77 -41.80
C THR D 272 -6.95 -16.78 -40.80
N ILE D 273 -6.10 -15.99 -40.15
CA ILE D 273 -6.51 -15.01 -39.16
C ILE D 273 -5.98 -13.65 -39.59
N SER D 274 -6.61 -12.59 -39.08
CA SER D 274 -6.20 -11.20 -39.38
C SER D 274 -5.67 -10.53 -38.13
N LYS D 275 -4.36 -10.36 -38.08
CA LYS D 275 -3.71 -9.80 -36.91
C LYS D 275 -3.78 -8.31 -36.89
N ASN D 276 -4.23 -7.78 -35.75
CA ASN D 276 -4.31 -6.34 -35.53
C ASN D 276 -3.22 -5.95 -34.52
N TYR D 277 -2.22 -5.25 -35.01
CA TYR D 277 -1.11 -4.82 -34.18
C TYR D 277 -1.38 -3.48 -33.50
N ASN D 278 -0.54 -3.15 -32.52
CA ASN D 278 -0.59 -1.84 -31.84
C ASN D 278 -1.91 -1.62 -31.09
N VAL D 279 -2.48 -2.70 -30.59
CA VAL D 279 -3.62 -2.59 -29.71
C VAL D 279 -3.24 -2.31 -28.25
N LEU D 280 -4.20 -1.77 -27.51
CA LEU D 280 -3.94 -1.30 -26.16
C LEU D 280 -2.64 -0.49 -26.07
N LYS D 281 -2.47 0.42 -26.98
CA LYS D 281 -1.21 1.15 -27.09
C LYS D 281 -0.88 1.93 -25.83
N ASN D 282 0.32 1.68 -25.32
CA ASN D 282 0.86 2.39 -24.18
C ASN D 282 0.10 2.17 -22.88
N ILE D 283 -0.69 1.10 -22.82
CA ILE D 283 -1.23 0.68 -21.55
C ILE D 283 -0.26 -0.30 -20.88
N ARG D 284 0.10 -0.03 -19.62
CA ARG D 284 1.05 -0.83 -18.89
C ARG D 284 0.29 -1.68 -17.89
N VAL D 285 0.12 -2.96 -18.22
CA VAL D 285 -0.71 -3.86 -17.43
C VAL D 285 0.16 -4.50 -16.33
N PRO D 286 -0.18 -4.26 -15.06
CA PRO D 286 0.73 -4.82 -14.07
C PRO D 286 0.76 -6.36 -14.12
N VAL D 287 1.92 -6.91 -13.87
CA VAL D 287 2.13 -8.34 -13.84
C VAL D 287 1.84 -8.84 -12.44
N ARG D 288 1.12 -9.95 -12.38
CA ARG D 288 0.69 -10.59 -11.14
C ARG D 288 0.81 -12.13 -11.37
N PRO D 289 2.06 -12.67 -11.43
CA PRO D 289 2.13 -14.06 -11.87
C PRO D 289 1.54 -15.02 -10.83
N HIS D 290 0.77 -15.99 -11.30
CA HIS D 290 0.09 -16.94 -10.44
C HIS D 290 -0.25 -18.22 -11.19
N PHE D 291 -0.57 -19.26 -10.41
CA PHE D 291 -1.04 -20.51 -10.92
C PHE D 291 -2.52 -20.59 -10.81
N GLY D 292 -3.18 -20.63 -11.98
CA GLY D 292 -4.63 -20.65 -12.07
C GLY D 292 -5.22 -21.91 -11.48
N THR D 293 -4.56 -23.01 -11.73
CA THR D 293 -5.04 -24.33 -11.34
C THR D 293 -4.00 -25.00 -10.44
N MSE D 294 -4.41 -25.40 -9.23
CA MSE D 294 -3.46 -25.94 -8.27
C MSE D 294 -4.28 -26.63 -7.20
O MSE D 294 -5.24 -26.06 -6.69
CB MSE D 294 -2.62 -24.83 -7.65
CG MSE D 294 -1.47 -25.32 -6.87
SE MSE D 294 -0.31 -23.73 -6.40
CE MSE D 294 0.11 -24.18 -4.51
N GLY D 295 -3.94 -27.87 -6.90
CA GLY D 295 -4.69 -28.58 -5.89
C GLY D 295 -4.50 -30.07 -5.90
N LEU D 296 -5.42 -30.77 -5.22
CA LEU D 296 -5.30 -32.22 -4.99
C LEU D 296 -6.39 -33.01 -5.70
N ALA D 297 -6.09 -34.23 -6.12
CA ALA D 297 -7.10 -35.05 -6.75
C ALA D 297 -8.18 -35.39 -5.74
N PRO D 298 -9.45 -35.16 -6.08
CA PRO D 298 -10.54 -35.49 -5.19
C PRO D 298 -10.93 -36.98 -5.20
N LYS D 299 -11.52 -37.41 -4.09
CA LYS D 299 -11.97 -38.80 -3.98
C LYS D 299 -13.30 -39.05 -4.70
N GLU D 300 -14.07 -37.99 -4.95
CA GLU D 300 -15.47 -38.16 -5.32
C GLU D 300 -15.71 -38.74 -6.71
N ALA D 301 -14.73 -38.64 -7.62
CA ALA D 301 -14.87 -39.17 -8.98
C ALA D 301 -13.49 -39.52 -9.53
N ASP D 302 -13.42 -40.45 -10.49
CA ASP D 302 -12.13 -40.87 -10.98
C ASP D 302 -11.49 -39.91 -11.96
N LEU D 303 -12.28 -39.42 -12.91
CA LEU D 303 -11.81 -38.40 -13.87
C LEU D 303 -12.60 -37.15 -13.58
N VAL D 304 -11.89 -36.06 -13.28
CA VAL D 304 -12.51 -34.77 -12.92
C VAL D 304 -12.04 -33.63 -13.83
N ASN D 305 -13.00 -33.02 -14.51
CA ASN D 305 -12.81 -31.83 -15.36
C ASN D 305 -11.96 -30.80 -14.64
N SER D 306 -10.87 -30.32 -15.24
CA SER D 306 -10.03 -29.34 -14.58
C SER D 306 -10.65 -27.95 -14.44
N VAL D 307 -11.73 -27.65 -15.16
CA VAL D 307 -12.25 -26.29 -15.17
C VAL D 307 -12.90 -25.83 -13.86
N PRO D 308 -13.81 -26.60 -13.27
CA PRO D 308 -14.39 -26.08 -12.03
C PRO D 308 -13.55 -26.23 -10.78
N PRO D 309 -13.27 -25.12 -10.07
CA PRO D 309 -12.61 -25.30 -8.77
C PRO D 309 -13.57 -25.88 -7.75
N SER D 310 -13.05 -26.36 -6.63
CA SER D 310 -13.89 -26.93 -5.59
C SER D 310 -13.08 -27.04 -4.31
N HIS D 311 -13.63 -27.79 -3.37
CA HIS D 311 -12.99 -28.10 -2.12
C HIS D 311 -11.52 -28.52 -2.22
N PHE D 312 -11.18 -29.26 -3.29
CA PHE D 312 -9.83 -29.85 -3.43
C PHE D 312 -8.82 -28.87 -4.00
N GLY D 313 -9.28 -27.66 -4.33
CA GLY D 313 -8.54 -26.65 -5.01
C GLY D 313 -8.91 -26.60 -6.48
N GLY D 314 -7.91 -26.77 -7.33
CA GLY D 314 -8.13 -26.74 -8.77
C GLY D 314 -8.06 -25.32 -9.31
N ASN D 315 -8.99 -25.05 -10.22
CA ASN D 315 -8.90 -23.89 -11.10
C ASN D 315 -9.55 -22.68 -10.43
N ILE D 316 -8.97 -22.26 -9.33
CA ILE D 316 -9.49 -21.13 -8.57
C ILE D 316 -9.36 -19.80 -9.28
N ASP D 317 -8.28 -19.60 -10.07
CA ASP D 317 -8.07 -18.33 -10.76
C ASP D 317 -8.16 -17.13 -9.85
N ASN D 318 -7.46 -17.23 -8.71
CA ASN D 318 -7.18 -16.07 -7.87
C ASN D 318 -5.78 -15.57 -8.14
N TRP D 319 -5.71 -14.31 -8.61
CA TRP D 319 -4.40 -13.72 -8.99
C TRP D 319 -3.35 -13.70 -7.89
N ARG D 320 -3.81 -13.83 -6.65
CA ARG D 320 -2.96 -13.79 -5.48
C ARG D 320 -2.15 -15.09 -5.24
N ILE D 321 -2.46 -16.15 -5.99
CA ILE D 321 -1.86 -17.48 -5.75
C ILE D 321 -0.52 -17.55 -6.52
N GLY D 322 0.47 -16.83 -6.00
CA GLY D 322 1.77 -16.74 -6.66
C GLY D 322 2.85 -16.68 -5.62
N LYS D 323 3.98 -16.10 -6.01
CA LYS D 323 5.16 -16.03 -5.15
C LYS D 323 4.82 -15.38 -3.81
N GLY D 324 5.24 -16.02 -2.73
CA GLY D 324 5.00 -15.52 -1.36
C GLY D 324 3.70 -15.98 -0.75
N ALA D 325 2.86 -16.66 -1.54
CA ALA D 325 1.62 -17.19 -1.06
C ALA D 325 1.84 -18.59 -0.53
N THR D 326 1.04 -18.99 0.47
CA THR D 326 1.01 -20.37 0.96
C THR D 326 -0.42 -20.85 0.86
N MSE D 327 -0.61 -22.00 0.23
CA MSE D 327 -1.94 -22.58 0.05
C MSE D 327 -2.05 -23.77 0.99
O MSE D 327 -1.06 -24.49 1.25
CB MSE D 327 -2.22 -23.03 -1.39
CG MSE D 327 -2.34 -21.94 -2.40
SE MSE D 327 -3.81 -20.78 -2.04
CE MSE D 327 -5.17 -21.97 -1.97
N TYR D 328 -3.28 -23.98 1.47
CA TYR D 328 -3.63 -25.16 2.26
C TYR D 328 -4.83 -25.84 1.61
N TYR D 329 -4.70 -27.15 1.39
CA TYR D 329 -5.75 -27.94 0.71
C TYR D 329 -6.16 -29.12 1.58
N PRO D 330 -7.46 -29.44 1.63
CA PRO D 330 -7.83 -30.66 2.33
C PRO D 330 -7.46 -31.90 1.50
N VAL D 331 -6.85 -32.89 2.15
CA VAL D 331 -6.47 -34.14 1.50
C VAL D 331 -7.65 -35.11 1.53
N SER D 332 -8.04 -35.63 0.36
CA SER D 332 -9.13 -36.61 0.34
C SER D 332 -8.75 -37.96 -0.18
N VAL D 333 -7.52 -38.06 -0.71
CA VAL D 333 -7.04 -39.32 -1.26
C VAL D 333 -5.65 -39.60 -0.73
N ALA D 334 -5.38 -40.87 -0.44
CA ALA D 334 -4.06 -41.26 0.04
C ALA D 334 -2.94 -40.71 -0.88
N GLY D 335 -1.92 -40.13 -0.29
CA GLY D 335 -0.83 -39.55 -1.07
C GLY D 335 -1.05 -38.10 -1.48
N GLY D 336 -2.25 -37.58 -1.25
CA GLY D 336 -2.52 -36.16 -1.59
C GLY D 336 -2.78 -35.94 -3.08
N LEU D 337 -1.74 -36.18 -3.90
CA LEU D 337 -1.79 -36.14 -5.38
C LEU D 337 -2.00 -34.71 -5.87
N PHE D 338 -0.94 -33.91 -5.75
CA PHE D 338 -0.93 -32.49 -6.07
C PHE D 338 -0.53 -32.28 -7.53
N SER D 339 -1.25 -31.39 -8.22
CA SER D 339 -0.84 -30.98 -9.55
C SER D 339 -0.99 -29.50 -9.67
N VAL D 340 -0.30 -28.92 -10.64
CA VAL D 340 -0.31 -27.45 -10.80
C VAL D 340 -0.16 -27.14 -12.33
N GLY D 341 -0.89 -26.12 -12.76
CA GLY D 341 -0.87 -25.70 -14.16
C GLY D 341 -1.68 -24.41 -14.34
N ASP D 342 -2.17 -24.22 -15.54
CA ASP D 342 -2.85 -22.98 -15.91
C ASP D 342 -2.07 -21.75 -15.42
N PRO D 343 -0.79 -21.66 -15.79
CA PRO D 343 -0.04 -20.49 -15.38
C PRO D 343 -0.57 -19.20 -16.02
N HIS D 344 -0.58 -18.13 -15.21
CA HIS D 344 -1.02 -16.76 -15.60
C HIS D 344 0.05 -15.72 -15.31
N ALA D 345 0.25 -14.78 -16.23
CA ALA D 345 1.15 -13.64 -15.99
C ALA D 345 0.44 -12.53 -15.24
N SER D 346 -0.87 -12.39 -15.49
CA SER D 346 -1.69 -11.43 -14.77
CA SER D 346 -1.70 -11.28 -14.98
C SER D 346 -3.15 -11.74 -14.97
N GLN D 347 -3.97 -11.20 -14.06
CA GLN D 347 -5.43 -11.40 -14.15
C GLN D 347 -6.05 -10.43 -13.19
N GLY D 348 -7.25 -9.99 -13.52
CA GLY D 348 -8.06 -9.18 -12.60
C GLY D 348 -9.08 -10.06 -11.87
N ASP D 349 -9.62 -9.52 -10.80
CA ASP D 349 -10.67 -10.22 -10.09
C ASP D 349 -11.93 -10.21 -10.93
N SER D 350 -12.31 -11.39 -11.39
CA SER D 350 -13.48 -11.75 -12.22
C SER D 350 -13.08 -12.59 -13.43
N GLU D 351 -11.88 -12.37 -13.95
CA GLU D 351 -11.43 -13.09 -15.13
C GLU D 351 -12.48 -12.97 -16.27
N MSE D 352 -13.04 -11.76 -16.40
CA MSE D 352 -14.28 -11.48 -17.12
C MSE D 352 -14.47 -12.22 -18.47
O MSE D 352 -15.48 -12.85 -18.70
CB MSE D 352 -14.40 -9.95 -17.34
CG MSE D 352 -15.68 -9.55 -17.94
SE MSE D 352 -17.16 -9.64 -16.70
CE MSE D 352 -16.84 -8.15 -15.73
N CYS D 353 -13.47 -12.12 -19.34
CA CYS D 353 -13.62 -12.61 -20.72
C CYS D 353 -13.42 -14.13 -20.88
N GLY D 354 -13.04 -14.81 -19.80
CA GLY D 354 -12.86 -16.25 -19.82
C GLY D 354 -11.47 -16.77 -19.55
N THR D 355 -10.48 -15.92 -19.72
CA THR D 355 -9.09 -16.27 -19.47
C THR D 355 -8.33 -15.04 -18.95
N ALA D 356 -7.15 -15.30 -18.39
CA ALA D 356 -6.22 -14.31 -17.88
C ALA D 356 -5.20 -14.00 -19.00
N ILE D 357 -4.03 -13.49 -18.66
CA ILE D 357 -2.89 -13.58 -19.59
C ILE D 357 -2.28 -14.95 -19.32
N GLU D 358 -2.66 -15.86 -20.18
CA GLU D 358 -2.27 -17.28 -20.11
C GLU D 358 -0.83 -17.39 -20.61
N CYS D 359 0.08 -17.79 -19.71
CA CYS D 359 1.49 -17.60 -19.92
C CYS D 359 2.28 -18.61 -19.09
N SER D 360 3.22 -19.35 -19.71
CA SER D 360 3.99 -20.35 -19.01
C SER D 360 4.89 -19.80 -17.89
N LEU D 361 4.92 -20.54 -16.79
CA LEU D 361 5.67 -20.21 -15.59
C LEU D 361 6.32 -21.45 -15.02
N THR D 362 7.42 -21.26 -14.29
CA THR D 362 8.02 -22.33 -13.49
C THR D 362 7.96 -21.86 -12.04
N GLY D 363 7.51 -22.74 -11.15
CA GLY D 363 7.42 -22.43 -9.73
C GLY D 363 8.33 -23.31 -8.89
N THR D 364 8.77 -22.80 -7.73
CA THR D 364 9.35 -23.63 -6.69
C THR D 364 8.46 -23.63 -5.46
N PHE D 365 8.22 -24.83 -4.96
CA PHE D 365 7.24 -25.09 -3.90
C PHE D 365 7.88 -25.90 -2.80
N GLN D 366 7.42 -25.68 -1.56
CA GLN D 366 7.67 -26.61 -0.48
C GLN D 366 6.35 -27.20 -0.01
N PHE D 367 6.37 -28.50 0.28
CA PHE D 367 5.21 -29.29 0.68
C PHE D 367 5.35 -29.66 2.13
N ILE D 368 4.36 -29.30 2.92
CA ILE D 368 4.33 -29.63 4.35
C ILE D 368 2.99 -30.31 4.67
N LEU D 369 3.07 -31.51 5.26
CA LEU D 369 1.90 -32.28 5.64
C LEU D 369 1.45 -31.99 7.08
N HIS D 370 0.18 -31.63 7.23
CA HIS D 370 -0.43 -31.42 8.51
C HIS D 370 -1.41 -32.56 8.80
N LYS D 371 -1.09 -33.38 9.81
CA LYS D 371 -1.97 -34.49 10.11
C LYS D 371 -3.28 -34.05 10.72
N LYS D 372 -4.36 -34.78 10.41
CA LYS D 372 -5.68 -34.50 10.95
C LYS D 372 -5.66 -34.27 12.47
N ALA D 373 -4.95 -35.13 13.17
CA ALA D 373 -4.90 -35.03 14.64
C ALA D 373 -4.33 -33.72 15.17
N ASP D 374 -3.55 -33.05 14.36
CA ASP D 374 -2.84 -31.85 14.75
C ASP D 374 -3.53 -30.57 14.31
N LEU D 375 -4.66 -30.65 13.61
CA LEU D 375 -5.33 -29.44 13.11
C LEU D 375 -6.06 -28.62 14.19
N PRO D 376 -6.64 -29.28 15.19
CA PRO D 376 -7.34 -28.46 16.17
C PRO D 376 -6.47 -27.38 16.83
N GLY D 377 -7.04 -26.21 17.04
CA GLY D 377 -6.34 -25.11 17.71
C GLY D 377 -5.41 -24.31 16.82
N THR D 378 -5.52 -24.53 15.52
CA THR D 378 -4.68 -23.86 14.55
C THR D 378 -5.62 -23.26 13.51
N PRO D 379 -5.10 -22.42 12.60
CA PRO D 379 -5.91 -21.91 11.50
C PRO D 379 -6.48 -22.98 10.57
N LEU D 380 -5.96 -24.20 10.68
CA LEU D 380 -6.33 -25.29 9.80
C LEU D 380 -7.38 -26.21 10.41
N ALA D 381 -7.93 -25.80 11.56
CA ALA D 381 -8.94 -26.62 12.24
C ALA D 381 -10.14 -26.92 11.30
N ASP D 382 -10.41 -28.23 11.11
CA ASP D 382 -11.53 -28.65 10.29
C ASP D 382 -11.54 -27.95 8.95
N LEU D 383 -10.36 -27.73 8.36
CA LEU D 383 -10.29 -27.05 7.08
C LEU D 383 -10.89 -27.92 5.98
N GLN D 384 -11.87 -27.40 5.25
CA GLN D 384 -12.48 -28.19 4.21
C GLN D 384 -12.43 -27.55 2.83
N TYR D 385 -11.63 -26.50 2.64
CA TYR D 385 -11.62 -25.76 1.37
C TYR D 385 -10.22 -25.18 1.19
N PRO D 386 -9.94 -24.62 0.02
CA PRO D 386 -8.61 -24.00 -0.20
C PRO D 386 -8.46 -22.67 0.52
N LEU D 387 -7.44 -22.66 1.37
CA LEU D 387 -7.10 -21.47 2.15
C LEU D 387 -5.78 -20.86 1.73
N LEU D 388 -5.77 -19.55 1.47
CA LEU D 388 -4.56 -18.80 1.12
CA LEU D 388 -4.54 -18.81 1.12
C LEU D 388 -4.08 -17.94 2.28
N GLU D 389 -2.78 -18.00 2.51
CA GLU D 389 -2.12 -17.19 3.54
C GLU D 389 -1.02 -16.38 2.87
N THR D 390 -0.97 -15.08 3.17
CA THR D 390 0.18 -14.28 2.81
C THR D 390 0.77 -13.73 4.11
N GLN D 391 1.77 -12.85 4.01
CA GLN D 391 2.41 -12.32 5.22
C GLN D 391 1.39 -11.61 6.12
N ASP D 392 0.46 -10.89 5.50
CA ASP D 392 -0.43 -10.03 6.24
C ASP D 392 -1.91 -10.33 6.11
N GLU D 393 -2.28 -11.37 5.36
CA GLU D 393 -3.71 -11.67 5.10
C GLU D 393 -4.01 -13.17 5.10
N TRP D 394 -5.28 -13.48 5.40
CA TRP D 394 -5.87 -14.76 5.08
C TRP D 394 -6.90 -14.50 3.98
N VAL D 395 -6.96 -15.37 2.99
CA VAL D 395 -7.94 -15.26 1.88
C VAL D 395 -8.62 -16.61 1.70
N LEU D 396 -9.95 -16.61 1.86
CA LEU D 396 -10.75 -17.84 1.86
C LEU D 396 -11.50 -17.86 0.56
N HIS D 397 -11.62 -19.05 -0.04
CA HIS D 397 -12.27 -19.21 -1.32
C HIS D 397 -13.64 -19.86 -1.20
N GLY D 398 -14.65 -19.09 -1.56
CA GLY D 398 -15.99 -19.58 -1.69
C GLY D 398 -16.30 -19.87 -3.14
N PHE D 399 -17.19 -20.85 -3.35
CA PHE D 399 -17.64 -21.22 -4.69
C PHE D 399 -19.15 -21.36 -4.71
N SER D 400 -19.73 -21.36 -5.92
CA SER D 400 -21.17 -21.60 -6.03
C SER D 400 -21.58 -22.81 -5.23
N TYR D 401 -20.76 -23.87 -5.26
CA TYR D 401 -20.95 -25.07 -4.49
C TYR D 401 -19.61 -25.41 -3.86
N ALA D 402 -19.59 -25.56 -2.54
CA ALA D 402 -18.36 -25.86 -1.77
C ALA D 402 -17.70 -27.12 -2.30
N ASN D 403 -18.50 -28.16 -2.48
CA ASN D 403 -18.04 -29.44 -3.05
C ASN D 403 -19.04 -29.81 -4.16
N TYR D 404 -18.79 -29.36 -5.38
CA TYR D 404 -19.82 -29.48 -6.41
C TYR D 404 -20.02 -30.93 -6.80
N LEU D 405 -18.97 -31.75 -6.71
CA LEU D 405 -19.08 -33.18 -7.08
C LEU D 405 -20.05 -33.84 -6.12
N ALA D 406 -19.89 -33.60 -4.82
CA ALA D 406 -20.76 -34.19 -3.82
C ALA D 406 -22.15 -33.57 -3.88
N GLU D 407 -22.23 -32.24 -3.97
CA GLU D 407 -23.53 -31.53 -3.88
C GLU D 407 -24.46 -31.66 -5.10
N LEU D 408 -23.88 -31.79 -6.30
CA LEU D 408 -24.70 -31.79 -7.53
C LEU D 408 -24.96 -33.21 -8.02
N GLY D 409 -24.41 -34.21 -7.34
CA GLY D 409 -24.74 -35.60 -7.64
C GLY D 409 -24.03 -36.16 -8.88
N PRO D 410 -24.45 -37.33 -9.33
CA PRO D 410 -23.81 -37.99 -10.47
C PRO D 410 -23.62 -37.12 -11.74
N ASP D 411 -24.54 -36.21 -12.01
CA ASP D 411 -24.44 -35.32 -13.20
C ASP D 411 -23.56 -34.07 -13.01
N ALA D 412 -22.92 -33.95 -11.85
CA ALA D 412 -22.21 -32.71 -11.46
C ALA D 412 -21.31 -32.08 -12.52
N GLN D 413 -20.51 -32.90 -13.17
CA GLN D 413 -19.54 -32.33 -14.10
C GLN D 413 -20.16 -31.83 -15.39
N ASN D 414 -21.43 -32.13 -15.59
CA ASN D 414 -22.20 -31.48 -16.66
C ASN D 414 -23.05 -30.32 -16.13
N SER D 415 -23.79 -30.58 -15.06
CA SER D 415 -24.73 -29.60 -14.54
C SER D 415 -24.11 -28.33 -13.98
N ILE D 416 -22.87 -28.42 -13.51
CA ILE D 416 -22.22 -27.26 -12.88
C ILE D 416 -22.23 -26.05 -13.81
N PHE D 417 -22.09 -26.31 -15.11
CA PHE D 417 -21.98 -25.20 -16.05
C PHE D 417 -23.29 -24.47 -16.27
N SER D 418 -24.39 -25.05 -15.81
CA SER D 418 -25.71 -24.47 -15.92
CA SER D 418 -25.71 -24.44 -15.94
C SER D 418 -26.23 -23.96 -14.59
N LYS D 419 -25.43 -24.13 -13.54
CA LYS D 419 -25.89 -23.86 -12.16
C LYS D 419 -25.06 -22.79 -11.45
N SER D 420 -24.26 -22.06 -12.23
CA SER D 420 -23.34 -21.05 -11.68
C SER D 420 -24.07 -19.92 -11.03
N SER D 421 -23.52 -19.40 -9.94
CA SER D 421 -24.15 -18.28 -9.22
C SER D 421 -23.18 -17.58 -8.31
N LEU D 422 -23.07 -16.24 -8.47
CA LEU D 422 -22.31 -15.44 -7.49
C LEU D 422 -23.00 -15.32 -6.11
N ASP D 423 -24.33 -15.26 -6.11
CA ASP D 423 -25.09 -15.22 -4.86
C ASP D 423 -24.75 -16.45 -4.00
N LEU D 424 -24.77 -17.61 -4.62
CA LEU D 424 -24.43 -18.85 -3.92
C LEU D 424 -22.98 -18.85 -3.47
N ALA D 425 -22.10 -18.30 -4.31
CA ALA D 425 -20.68 -18.25 -3.97
C ALA D 425 -20.45 -17.34 -2.77
N LEU D 426 -21.17 -16.23 -2.69
CA LEU D 426 -21.06 -15.38 -1.50
C LEU D 426 -21.61 -16.04 -0.22
N LYS D 427 -22.72 -16.78 -0.33
CA LYS D 427 -23.23 -17.55 0.79
C LYS D 427 -22.17 -18.55 1.27
N ASP D 428 -21.49 -19.19 0.32
CA ASP D 428 -20.46 -20.15 0.66
C ASP D 428 -19.29 -19.43 1.34
N ALA D 429 -18.91 -18.27 0.81
CA ALA D 429 -17.82 -17.52 1.41
C ALA D 429 -18.19 -17.06 2.83
N PHE D 430 -19.46 -16.69 3.01
CA PHE D 430 -19.97 -16.33 4.36
C PHE D 430 -19.76 -17.50 5.31
N ARG D 431 -20.18 -18.69 4.87
CA ARG D 431 -20.10 -19.85 5.74
C ARG D 431 -18.66 -20.15 6.13
N LYS D 432 -17.76 -20.01 5.16
CA LYS D 432 -16.36 -20.35 5.37
C LYS D 432 -15.67 -19.34 6.31
N MSE D 433 -15.94 -18.06 6.11
CA MSE D 433 -15.37 -17.06 6.97
C MSE D 433 -15.94 -17.15 8.38
O MSE D 433 -15.24 -16.97 9.39
CB MSE D 433 -15.57 -15.67 6.36
CG MSE D 433 -14.95 -14.52 7.19
SE MSE D 433 -13.04 -14.64 7.72
CE MSE D 433 -12.39 -14.12 5.98
N ARG D 434 -17.24 -17.46 8.47
CA ARG D 434 -17.84 -17.69 9.78
C ARG D 434 -17.11 -18.85 10.50
N HIS D 435 -16.88 -19.93 9.76
CA HIS D 435 -16.18 -21.10 10.32
C HIS D 435 -14.78 -20.69 10.74
N PHE D 436 -14.06 -20.00 9.86
CA PHE D 436 -12.70 -19.64 10.16
C PHE D 436 -12.63 -18.80 11.45
N LEU D 437 -13.52 -17.82 11.54
CA LEU D 437 -13.55 -16.91 12.71
C LEU D 437 -13.97 -17.59 13.98
N MSE D 438 -14.97 -18.47 13.91
CA MSE D 438 -15.45 -19.14 15.09
C MSE D 438 -14.52 -20.25 15.55
O MSE D 438 -14.32 -20.47 16.75
CB MSE D 438 -16.81 -19.75 14.79
CG MSE D 438 -17.89 -18.73 14.76
SE MSE D 438 -19.64 -19.58 14.39
CE MSE D 438 -20.05 -20.55 16.06
N GLN D 439 -13.95 -20.97 14.59
CA GLN D 439 -13.17 -22.15 14.93
C GLN D 439 -11.70 -21.88 15.09
N THR D 440 -11.18 -20.80 14.52
CA THR D 440 -9.74 -20.49 14.61
C THR D 440 -9.39 -19.16 15.25
N GLN D 441 -10.33 -18.22 15.36
CA GLN D 441 -10.06 -16.89 15.92
C GLN D 441 -10.86 -16.58 17.20
N ASN D 442 -11.42 -17.62 17.79
CA ASN D 442 -11.97 -17.54 19.14
C ASN D 442 -13.16 -16.63 19.21
N LEU D 443 -13.92 -16.54 18.10
CA LEU D 443 -15.16 -15.70 18.08
C LEU D 443 -16.45 -16.50 18.16
N THR D 444 -17.46 -15.90 18.75
CA THR D 444 -18.80 -16.43 18.71
C THR D 444 -19.44 -16.10 17.36
N GLU D 445 -20.57 -16.73 17.06
CA GLU D 445 -21.29 -16.42 15.84
C GLU D 445 -21.60 -14.91 15.72
N ASP D 446 -22.19 -14.33 16.76
CA ASP D 446 -22.57 -12.90 16.70
C ASP D 446 -21.32 -12.02 16.52
N GLU D 447 -20.17 -12.40 17.11
CA GLU D 447 -18.92 -11.65 16.91
C GLU D 447 -18.45 -11.75 15.48
N ALA D 448 -18.45 -12.95 14.93
CA ALA D 448 -18.02 -13.23 13.56
C ALA D 448 -18.91 -12.47 12.53
N VAL D 449 -20.23 -12.51 12.74
CA VAL D 449 -21.17 -11.83 11.82
C VAL D 449 -20.93 -10.31 11.80
N SER D 450 -20.73 -9.72 12.97
CA SER D 450 -20.42 -8.28 13.03
C SER D 450 -19.08 -8.02 12.34
N LEU D 451 -18.04 -8.75 12.70
CA LEU D 451 -16.71 -8.47 12.18
C LEU D 451 -16.67 -8.59 10.69
N MSE D 452 -17.31 -9.60 10.16
CA MSE D 452 -17.20 -9.77 8.71
C MSE D 452 -17.97 -8.69 7.94
O MSE D 452 -17.65 -8.46 6.79
CB MSE D 452 -17.50 -11.19 8.28
CG MSE D 452 -18.87 -11.54 8.18
SE MSE D 452 -18.92 -13.47 7.59
CE MSE D 452 -19.06 -14.21 9.16
N SER D 453 -18.88 -7.96 8.59
CA SER D 453 -19.62 -6.86 7.94
CA SER D 453 -19.62 -6.87 7.92
C SER D 453 -18.83 -5.57 7.92
N ILE D 454 -17.86 -5.45 8.82
CA ILE D 454 -17.15 -4.20 9.03
C ILE D 454 -15.65 -4.28 8.77
N GLY D 455 -15.10 -5.49 8.67
CA GLY D 455 -13.67 -5.68 8.59
C GLY D 455 -13.17 -6.87 7.78
N VAL D 456 -14.02 -7.37 6.88
CA VAL D 456 -13.66 -8.36 5.89
C VAL D 456 -14.19 -7.83 4.55
N ASP D 457 -13.36 -7.98 3.53
CA ASP D 457 -13.76 -7.58 2.19
C ASP D 457 -14.00 -8.83 1.32
N PHE D 458 -15.13 -8.85 0.64
CA PHE D 458 -15.46 -9.97 -0.26
C PHE D 458 -15.35 -9.48 -1.71
N GLY D 459 -14.68 -10.27 -2.56
CA GLY D 459 -14.45 -9.91 -3.93
C GLY D 459 -14.79 -11.06 -4.85
N ILE D 460 -14.86 -10.75 -6.14
CA ILE D 460 -15.25 -11.74 -7.14
C ILE D 460 -13.97 -12.34 -7.71
N THR D 461 -13.81 -13.65 -7.55
CA THR D 461 -12.58 -14.31 -7.98
C THR D 461 -12.64 -14.58 -9.50
N GLN D 462 -13.69 -15.29 -9.92
CA GLN D 462 -13.91 -15.56 -11.37
C GLN D 462 -15.35 -15.95 -11.58
N VAL D 463 -15.83 -15.64 -12.77
CA VAL D 463 -17.15 -16.04 -13.18
C VAL D 463 -17.14 -16.81 -14.51
N VAL D 464 -16.16 -17.67 -14.73
CA VAL D 464 -15.97 -18.30 -16.04
C VAL D 464 -15.64 -19.78 -15.96
N ASP D 465 -15.64 -20.35 -14.75
CA ASP D 465 -15.20 -21.74 -14.53
C ASP D 465 -16.31 -22.68 -14.06
N GLY D 466 -17.56 -22.35 -14.35
CA GLY D 466 -18.70 -23.19 -14.00
C GLY D 466 -19.08 -23.05 -12.51
N ASN D 467 -18.18 -23.47 -11.64
CA ASN D 467 -18.28 -23.20 -10.22
C ASN D 467 -17.62 -21.84 -10.00
N TRP D 468 -18.46 -20.82 -9.90
CA TRP D 468 -17.97 -19.44 -9.75
C TRP D 468 -17.41 -19.21 -8.35
N GLY D 469 -16.61 -18.15 -8.26
CA GLY D 469 -15.79 -17.94 -7.07
C GLY D 469 -15.90 -16.55 -6.46
N VAL D 470 -16.00 -16.51 -5.15
CA VAL D 470 -15.91 -15.30 -4.32
C VAL D 470 -14.87 -15.53 -3.24
N HIS D 471 -13.97 -14.56 -3.03
CA HIS D 471 -12.94 -14.68 -1.97
C HIS D 471 -13.21 -13.67 -0.85
N ALA D 472 -12.82 -14.04 0.36
CA ALA D 472 -13.03 -13.24 1.52
C ALA D 472 -11.63 -12.96 2.06
N VAL D 473 -11.27 -11.70 2.21
CA VAL D 473 -9.95 -11.27 2.68
C VAL D 473 -10.04 -10.62 4.07
N VAL D 474 -9.21 -11.09 5.01
CA VAL D 474 -9.13 -10.48 6.33
C VAL D 474 -7.65 -10.24 6.64
N LYS D 475 -7.36 -9.11 7.24
CA LYS D 475 -5.99 -8.77 7.59
C LYS D 475 -5.61 -9.40 8.93
N LYS D 476 -4.40 -9.94 8.97
CA LYS D 476 -3.94 -10.58 10.17
C LYS D 476 -3.82 -9.62 11.35
N GLY D 477 -3.44 -8.38 11.08
CA GLY D 477 -2.99 -7.49 12.13
C GLY D 477 -4.06 -6.98 13.06
N ILE D 478 -5.30 -7.20 12.68
CA ILE D 478 -6.41 -6.76 13.52
C ILE D 478 -6.57 -7.65 14.74
N PHE D 479 -6.02 -8.85 14.69
CA PHE D 479 -6.34 -9.87 15.69
C PHE D 479 -5.34 -9.88 16.84
N PRO D 480 -5.81 -10.22 18.03
CA PRO D 480 -4.91 -10.32 19.19
C PRO D 480 -4.09 -11.63 19.25
N GLY D 481 -4.50 -12.61 18.47
CA GLY D 481 -3.94 -13.94 18.57
C GLY D 481 -4.63 -14.79 19.63
N ARG D 482 -4.59 -16.10 19.39
CA ARG D 482 -5.27 -17.13 20.20
C ARG D 482 -4.74 -17.23 21.63
MG MG E . 10.31 24.23 -4.06
MG MG F . 11.07 24.08 -0.83
CL CL G . -32.39 25.67 9.23
C1 EDO H . 3.39 24.81 22.48
O1 EDO H . 3.20 25.42 23.79
C2 EDO H . 4.29 25.65 21.60
O2 EDO H . 3.77 26.94 21.30
C1 EDO I . -2.38 6.73 19.35
O1 EDO I . -3.70 6.20 19.03
C2 EDO I . -1.49 6.72 18.11
O2 EDO I . -1.91 7.63 17.10
C1 EDO J . -8.67 23.35 -3.84
O1 EDO J . -9.92 23.56 -3.15
C2 EDO J . -8.51 24.36 -4.95
O2 EDO J . -9.69 24.43 -5.76
C1 EDO K . 16.44 26.23 -1.83
O1 EDO K . 15.24 26.27 -1.02
C2 EDO K . 16.21 27.18 -3.00
O2 EDO K . 15.35 26.58 -3.99
C1 EDO L . 0.92 41.12 1.06
O1 EDO L . 1.93 41.60 0.15
C2 EDO L . 1.55 40.57 2.33
O2 EDO L . 2.40 39.45 2.01
C1 EDO M . 21.09 19.63 21.36
O1 EDO M . 20.69 18.90 22.52
C2 EDO M . 20.04 20.66 21.01
O2 EDO M . 20.51 21.98 21.27
C1 EDO N . -6.25 12.77 8.15
O1 EDO N . -7.65 13.08 8.00
C2 EDO N . -5.55 13.93 8.85
O2 EDO N . -5.68 15.10 8.03
C1 EDO O . 13.20 24.36 -2.75
O1 EDO O . 12.70 24.59 -1.42
C2 EDO O . 12.45 25.25 -3.77
O2 EDO O . 12.97 26.55 -3.83
C1 EDO P . 10.22 6.55 6.22
O1 EDO P . 11.29 7.09 7.00
C2 EDO P . 9.79 7.60 5.22
O2 EDO P . 10.93 8.24 4.70
C1 EDO Q . 7.27 25.24 -25.53
O1 EDO Q . 8.47 24.49 -25.67
C2 EDO Q . 7.55 26.64 -24.99
O2 EDO Q . 8.92 26.83 -24.64
MG MG R . 21.45 -7.28 14.40
MG MG S . 23.18 -5.92 11.83
C1 EDO T . 23.20 -4.78 14.49
O1 EDO T . 23.78 -5.07 13.21
C2 EDO T . 23.14 -6.06 15.31
O2 EDO T . 24.37 -6.28 15.92
C1 EDO U . 31.39 -6.05 -11.35
O1 EDO U . 32.47 -6.42 -12.24
C2 EDO U . 31.57 -6.67 -9.98
O2 EDO U . 32.84 -6.37 -9.42
C1 EDO V . 12.59 -21.32 4.93
O1 EDO V . 12.59 -22.26 3.86
C2 EDO V . 13.01 -22.07 6.17
O2 EDO V . 12.21 -23.24 6.30
C1 EDO W . 45.96 -9.65 6.97
O1 EDO W . 45.28 -9.28 5.77
C2 EDO W . 45.19 -9.09 8.15
O2 EDO W . 43.97 -9.82 8.37
C1 EDO X . 26.82 -4.12 16.91
O1 EDO X . 25.57 -4.78 17.22
C2 EDO X . 26.66 -3.18 15.73
O2 EDO X . 26.39 -3.98 14.58
C1 EDO Y . 27.74 -24.74 29.70
O1 EDO Y . 27.81 -23.84 30.82
C2 EDO Y . 26.57 -24.35 28.83
O2 EDO Y . 26.90 -23.14 28.14
C1 EDO Z . 33.75 -22.67 10.02
O1 EDO Z . 32.86 -23.02 11.10
C2 EDO Z . 33.03 -21.99 8.85
O2 EDO Z . 32.65 -20.64 9.21
C1 EDO AA . 10.80 -15.32 31.04
O1 EDO AA . 10.93 -14.41 32.15
C2 EDO AA . 12.01 -16.24 31.00
O2 EDO AA . 13.16 -15.56 31.52
MG MG BA . -25.72 2.31 6.95
MG MG CA . -26.37 2.19 3.60
C1 EDO DA . -25.25 12.85 -18.52
O1 EDO DA . -25.91 13.38 -19.69
C2 EDO DA . -26.30 12.29 -17.56
O2 EDO DA . -27.11 13.34 -16.99
C1 EDO EA . -6.51 8.25 -17.93
O1 EDO EA . -5.36 9.08 -17.71
C2 EDO EA . -6.72 7.38 -16.67
O2 EDO EA . -7.24 8.08 -15.52
C1 EDO FA . -15.21 18.36 8.17
O1 EDO FA . -14.99 19.68 7.66
C2 EDO FA . -16.19 18.48 9.29
O2 EDO FA . -15.64 19.28 10.36
C1 EDO GA . -31.49 -1.17 5.65
O1 EDO GA . -30.57 -0.80 6.69
C2 EDO GA . -30.75 -1.47 4.35
O2 EDO GA . -30.06 -0.28 3.99
C1 EDO HA . -39.08 12.44 24.31
O1 EDO HA . -39.59 11.20 24.81
C2 EDO HA . -37.66 12.24 23.83
O2 EDO HA . -37.61 11.37 22.70
C1 EDO IA . -34.41 -3.05 4.84
O1 EDO IA . -34.78 -2.81 3.48
C2 EDO IA . -34.69 -1.81 5.65
O2 EDO IA . -36.09 -1.70 5.88
C1 EDO JA . -25.74 -22.55 8.27
O1 EDO JA . -25.05 -23.81 8.39
C2 EDO JA . -25.32 -21.83 6.99
O2 EDO JA . -26.26 -22.06 5.93
C1 EDO KA . -10.28 12.98 -6.32
O1 EDO KA . -10.83 13.36 -5.05
C2 EDO KA . -8.88 13.55 -6.51
O2 EDO KA . -8.24 13.74 -5.25
C1 EDO LA . -24.84 26.84 -15.68
O1 EDO LA . -26.01 26.32 -16.30
C2 EDO LA . -25.18 27.53 -14.38
O2 EDO LA . -25.20 26.55 -13.35
C1 EDO MA . -35.62 18.00 4.80
O1 EDO MA . -35.33 17.51 3.50
C2 EDO MA . -35.86 19.48 4.93
O2 EDO MA . -35.23 20.15 3.85
C1 EDO NA . -27.25 0.36 5.59
O1 EDO NA . -27.35 1.02 4.30
C2 EDO NA . -27.81 1.25 6.71
O2 EDO NA . -29.18 1.01 6.81
C1 EDO OA . -12.81 -4.89 -4.74
O1 EDO OA . -12.77 -4.47 -3.38
C2 EDO OA . -11.60 -4.43 -5.48
O2 EDO OA . -12.04 -4.36 -6.83
C1 EDO PA . -14.00 15.18 -14.41
O1 EDO PA . -13.72 16.46 -13.84
C2 EDO PA . -12.85 14.22 -14.15
O2 EDO PA . -11.69 14.58 -14.89
MG MG QA . -6.10 -19.73 -17.29
MG MG RA . -7.86 -21.03 -14.58
CL CL SA . -2.11 -6.98 8.78
C1 EDO TA . 13.22 -1.09 -16.01
O1 EDO TA . 12.19 -1.94 -16.54
C2 EDO TA . 12.96 -0.78 -14.52
O2 EDO TA . 13.30 -1.86 -13.64
C1 EDO UA . -9.11 -19.82 -16.74
O1 EDO UA . -9.05 -20.99 -15.93
C2 EDO UA . -8.69 -19.99 -18.19
O2 EDO UA . -8.06 -21.23 -18.55
C1 EDO VA . -9.54 -31.83 7.16
O1 EDO VA . -9.80 -32.98 8.02
C2 EDO VA . -9.96 -32.10 5.70
O2 EDO VA . -9.18 -33.16 5.11
C1 EDO WA . -4.59 -14.35 14.16
O1 EDO WA . -3.31 -13.81 14.62
C2 EDO WA . -4.94 -13.90 12.73
O2 EDO WA . -3.98 -14.33 11.75
C1 EDO XA . 11.35 -20.64 -9.82
O1 EDO XA . 12.15 -21.17 -8.72
C2 EDO XA . 11.91 -21.16 -11.11
O2 EDO XA . 13.18 -20.59 -11.34
C1 EDO YA . 4.15 -30.66 -34.62
O1 EDO YA . 2.91 -30.34 -33.97
C2 EDO YA . 3.93 -31.74 -35.68
O2 EDO YA . 2.88 -31.36 -36.58
C1 EDO ZA . -11.75 -22.41 -19.79
O1 EDO ZA . -10.56 -21.63 -19.99
C2 EDO ZA . -12.39 -22.04 -18.45
O2 EDO ZA . -11.46 -22.30 -17.40
C1 EDO AB . -2.82 -39.22 -23.73
O1 EDO AB . -4.11 -39.82 -23.91
C2 EDO AB . -1.72 -39.86 -24.55
O2 EDO AB . -1.63 -39.31 -25.86
C1 EDO BB . 2.16 -38.05 -16.30
O1 EDO BB . 1.60 -38.11 -17.63
C2 EDO BB . 1.05 -37.93 -15.26
O2 EDO BB . 0.29 -36.74 -15.45
C1 EDO CB . -10.50 -8.02 -2.56
O1 EDO CB . -10.99 -8.67 -3.70
C2 EDO CB . -11.67 -7.93 -1.61
O2 EDO CB . -11.67 -9.12 -0.81
#